data_4QT8
#
_entry.id   4QT8
#
_cell.length_a   106.585
_cell.length_b   63.775
_cell.length_c   146.049
_cell.angle_alpha   90.00
_cell.angle_beta   90.08
_cell.angle_gamma   90.00
#
_symmetry.space_group_name_H-M   'P 1 21 1'
#
loop_
_entity.id
_entity.type
_entity.pdbx_description
1 polymer 'Macrophage-stimulating protein receptor'
2 polymer 'Hepatocyte growth factor-like protein'
3 branched beta-D-mannopyranose-(1-4)-2-acetamido-2-deoxy-beta-D-glucopyranose-(1-4)-2-acetamido-2-deoxy-beta-D-glucopyranose
4 branched 2-acetamido-2-deoxy-beta-D-glucopyranose-(1-4)-2-acetamido-2-deoxy-beta-D-glucopyranose
#
loop_
_entity_poly.entity_id
_entity_poly.type
_entity_poly.pdbx_seq_one_letter_code
_entity_poly.pdbx_strand_id
1 'polypeptide(L)'
;RSEDWQCPRTPYAASRDFDVKYVVPSFSAGGLVQAMVTYEGDRNESAVFVAIRNRLHVLGPDLKSVQSLATGPAGDPGCQ
TCAACGPGPHGPPGDTDTKVLVLDPALPALVSCGSSLQGRCFLHDLEPQGTAVHLAAPACLFSAHHNRPDDCPDCVASPL
GTRVTVVEQGQASYFYVASSLDAAVAGSFSPRSVSIRRLKADASGFAPGFVALSVLPKHLVSYSIEYVHSFHTGAFVYFL
TVQPASVTDDPSALHTRLARLSATEPELGDYRELVLDCRFAPKLVPRGSPEGGQPYPVLQVAHSAPVGAQLATELSIAEG
QEVLFGVFVTGKDGGPGVGPNSVVCAFPIDLLDTLIDEGVERCCESPVHPGLRRGLDFFQSPSFCPNPPGLEALSPNTSC
RHFPLLVSSSFSRVDLFNGLLGPVQVTALYVTRLDNVTVAHMGTMDGRILQVELVRSLNYLLYVSNFSLGDSGQPVQRDV
SRLGDHLLFASGDQVFQVPIQGPGCRHFLTCGRCLRAWHFMGCGWCGNMCGQQKECPGSWQQDHCPPKLTEFHPHSGPLR
GSTRLTLCGSNFYLHPSGLVPEGTHQVTVGQSPCRPLPKDSSKLRPVPRKDFVEEFECELEPLGTQAVGPTNVSLTVTNM
PPGKHFRVDGTSVLRGFSFMETGHHHHHH
;
B,A
2 'polypeptide(L)'
;FEKCGKRVDRLDQRRSKLRVVGGHPGNSPWTVSLRNRQGQHFCGGSLVKEQWILTARQCFSSCHMPLTGYEVWLGTLFQN
PQHGEPSLQRVPVAKMVCGPSGSQLVLLKLERSVTLNQRVALICLPPEWYVVPPGTKCEIAGWGETKGTGNDTVLNVALL
NVISNQECNIKHRGRVRESEMCTEGLLAPVGACEGDYGGPLACFTHNSWVLEGIIIPNRVCARSRWPAVFTRVSVFVDWI
HKVMRLGHHHHHH
;
C,D
#
loop_
_chem_comp.id
_chem_comp.type
_chem_comp.name
_chem_comp.formula
BMA D-saccharide, beta linking beta-D-mannopyranose 'C6 H12 O6'
NAG D-saccharide, beta linking 2-acetamido-2-deoxy-beta-D-glucopyranose 'C8 H15 N O6'
#
# COMPACT_ATOMS: atom_id res chain seq x y z
N GLN A 6 8.99 -66.49 10.84
CA GLN A 6 7.49 -66.50 10.79
C GLN A 6 6.95 -65.69 9.59
N CYS A 7 5.84 -64.96 9.77
CA CYS A 7 4.96 -64.52 8.66
C CYS A 7 5.26 -63.12 8.10
N PRO A 8 5.50 -62.98 6.76
CA PRO A 8 5.73 -61.70 6.12
C PRO A 8 4.45 -61.03 5.62
N ARG A 9 4.59 -59.86 5.01
CA ARG A 9 3.45 -59.10 4.49
C ARG A 9 3.69 -58.53 3.09
N THR A 10 2.69 -58.69 2.21
CA THR A 10 2.72 -58.19 0.81
C THR A 10 1.89 -56.91 0.64
N PRO A 11 2.51 -55.81 0.16
CA PRO A 11 1.79 -54.55 0.09
C PRO A 11 0.76 -54.53 -1.05
N TYR A 12 -0.47 -54.13 -0.73
CA TYR A 12 -1.60 -54.14 -1.66
C TYR A 12 -1.29 -53.59 -3.07
N ALA A 13 -0.17 -52.89 -3.25
CA ALA A 13 0.39 -52.67 -4.59
C ALA A 13 0.85 -54.03 -5.12
N ALA A 14 2.03 -54.11 -5.76
CA ALA A 14 2.58 -55.39 -6.15
C ALA A 14 1.50 -56.28 -6.75
N SER A 15 0.66 -55.64 -7.56
CA SER A 15 -0.57 -56.23 -8.11
C SER A 15 -1.08 -55.22 -9.12
N ARG A 16 -1.15 -53.97 -8.68
CA ARG A 16 -1.27 -52.82 -9.58
C ARG A 16 0.08 -52.64 -10.29
N ASP A 17 0.02 -52.48 -11.60
CA ASP A 17 1.12 -51.94 -12.38
C ASP A 17 0.54 -50.91 -13.34
N PHE A 18 0.61 -49.64 -12.95
CA PHE A 18 -0.03 -48.55 -13.70
C PHE A 18 0.85 -48.02 -14.83
N ASP A 19 2.05 -48.58 -14.96
CA ASP A 19 2.94 -48.24 -16.08
C ASP A 19 2.46 -48.82 -17.42
N VAL A 20 1.41 -49.64 -17.42
CA VAL A 20 0.93 -50.18 -18.68
C VAL A 20 0.11 -49.14 -19.46
N LYS A 21 0.49 -48.99 -20.73
CA LYS A 21 0.00 -47.93 -21.62
C LYS A 21 -1.18 -48.41 -22.46
N TYR A 22 -2.19 -47.54 -22.61
CA TYR A 22 -3.34 -47.79 -23.48
C TYR A 22 -3.47 -46.70 -24.54
N VAL A 23 -3.83 -47.08 -25.76
CA VAL A 23 -3.76 -46.18 -26.90
C VAL A 23 -5.02 -45.31 -27.00
N VAL A 24 -6.19 -45.90 -26.79
CA VAL A 24 -7.49 -45.18 -26.71
C VAL A 24 -7.68 -44.03 -27.73
N PRO A 25 -8.65 -44.16 -28.65
CA PRO A 25 -8.86 -43.18 -29.73
C PRO A 25 -8.74 -41.71 -29.31
N SER A 26 -8.31 -40.85 -30.23
CA SER A 26 -8.15 -39.43 -29.92
C SER A 26 -8.39 -38.56 -31.15
N PHE A 27 -8.09 -37.27 -31.05
CA PHE A 27 -8.32 -36.33 -32.14
C PHE A 27 -7.29 -35.22 -32.03
N SER A 28 -6.46 -35.04 -33.05
CA SER A 28 -5.49 -33.95 -33.03
C SER A 28 -6.24 -32.67 -33.25
N ALA A 29 -5.88 -31.64 -32.51
CA ALA A 29 -6.60 -30.37 -32.58
C ALA A 29 -6.12 -29.56 -33.79
N GLY A 30 -4.88 -29.11 -33.67
CA GLY A 30 -4.36 -28.01 -34.48
C GLY A 30 -3.51 -27.14 -33.55
N GLY A 31 -3.93 -27.06 -32.30
CA GLY A 31 -3.18 -26.41 -31.26
C GLY A 31 -3.79 -26.74 -29.92
N LEU A 32 -3.39 -26.03 -28.89
CA LEU A 32 -3.88 -26.25 -27.53
C LEU A 32 -5.41 -26.06 -27.41
N VAL A 33 -6.08 -27.00 -26.72
CA VAL A 33 -7.53 -27.00 -26.61
C VAL A 33 -7.98 -25.95 -25.60
N GLN A 34 -8.96 -25.13 -25.98
CA GLN A 34 -9.43 -24.02 -25.14
C GLN A 34 -10.75 -24.29 -24.44
N ALA A 35 -11.52 -25.26 -24.95
CA ALA A 35 -12.78 -25.69 -24.32
C ALA A 35 -13.42 -26.82 -25.10
N MET A 36 -14.36 -27.53 -24.50
CA MET A 36 -15.22 -28.42 -25.30
C MET A 36 -16.54 -28.68 -24.63
N VAL A 37 -17.50 -29.06 -25.47
CA VAL A 37 -18.86 -29.37 -25.06
C VAL A 37 -19.49 -30.29 -26.11
N THR A 38 -20.40 -31.15 -25.66
CA THR A 38 -20.82 -32.30 -26.43
C THR A 38 -22.35 -32.45 -26.47
N TYR A 39 -22.90 -32.81 -27.63
CA TYR A 39 -24.36 -32.92 -27.80
C TYR A 39 -24.84 -34.37 -27.75
N GLU A 40 -26.05 -34.58 -27.24
CA GLU A 40 -26.64 -35.91 -27.22
C GLU A 40 -28.12 -35.80 -27.55
N GLY A 41 -28.39 -35.40 -28.79
CA GLY A 41 -29.76 -35.21 -29.28
C GLY A 41 -30.64 -36.46 -29.22
N ASP A 42 -31.85 -36.30 -29.76
CA ASP A 42 -32.93 -37.28 -29.62
C ASP A 42 -32.69 -38.49 -30.51
N ARG A 43 -32.71 -38.29 -31.83
CA ARG A 43 -32.54 -39.39 -32.80
C ARG A 43 -31.19 -40.08 -32.66
N ASN A 44 -30.89 -40.55 -31.45
CA ASN A 44 -29.56 -41.01 -31.07
C ASN A 44 -28.41 -40.26 -31.75
N GLU A 45 -28.65 -38.98 -32.09
CA GLU A 45 -27.66 -38.14 -32.77
C GLU A 45 -26.77 -37.54 -31.70
N SER A 46 -25.63 -37.01 -32.12
CA SER A 46 -24.60 -36.60 -31.16
C SER A 46 -23.44 -35.92 -31.85
N ALA A 47 -22.76 -35.05 -31.11
CA ALA A 47 -21.54 -34.43 -31.61
C ALA A 47 -20.57 -34.19 -30.46
N VAL A 48 -19.42 -33.63 -30.81
CA VAL A 48 -18.41 -33.21 -29.84
C VAL A 48 -17.83 -31.97 -30.46
N PHE A 49 -17.89 -30.86 -29.73
CA PHE A 49 -17.43 -29.60 -30.25
C PHE A 49 -16.22 -29.17 -29.45
N VAL A 50 -15.12 -28.93 -30.16
CA VAL A 50 -13.80 -28.79 -29.57
C VAL A 50 -13.18 -27.51 -30.10
N ALA A 51 -12.86 -26.55 -29.23
CA ALA A 51 -12.40 -25.25 -29.70
C ALA A 51 -10.89 -25.07 -29.53
N ILE A 52 -10.31 -24.18 -30.33
CA ILE A 52 -8.89 -23.79 -30.22
C ILE A 52 -8.79 -22.26 -30.38
N ARG A 53 -7.58 -21.74 -30.59
CA ARG A 53 -7.38 -20.32 -30.85
C ARG A 53 -7.80 -19.99 -32.28
N ASN A 54 -8.99 -19.42 -32.42
CA ASN A 54 -9.50 -18.97 -33.71
C ASN A 54 -10.05 -20.06 -34.65
N ARG A 55 -10.19 -21.29 -34.17
CA ARG A 55 -10.91 -22.31 -34.93
C ARG A 55 -11.93 -22.98 -34.00
N LEU A 56 -12.96 -23.57 -34.60
CA LEU A 56 -13.99 -24.33 -33.90
C LEU A 56 -14.16 -25.66 -34.61
N HIS A 57 -14.11 -26.75 -33.84
CA HIS A 57 -14.08 -28.09 -34.42
C HIS A 57 -15.32 -28.91 -34.07
N VAL A 58 -16.17 -29.16 -35.04
CA VAL A 58 -17.28 -30.09 -34.84
C VAL A 58 -16.79 -31.49 -35.12
N LEU A 59 -17.04 -32.40 -34.18
CA LEU A 59 -16.63 -33.80 -34.34
C LEU A 59 -17.82 -34.75 -34.40
N GLY A 60 -17.61 -35.88 -35.07
CA GLY A 60 -18.60 -36.95 -35.06
C GLY A 60 -18.56 -37.70 -33.74
N PRO A 61 -19.37 -38.77 -33.62
CA PRO A 61 -19.26 -39.65 -32.44
C PRO A 61 -18.03 -40.58 -32.44
N ASP A 62 -17.03 -40.30 -33.28
CA ASP A 62 -15.74 -41.00 -33.26
C ASP A 62 -14.57 -40.04 -33.31
N LEU A 63 -14.76 -38.83 -32.78
CA LEU A 63 -13.71 -37.81 -32.79
C LEU A 63 -13.09 -37.56 -34.19
N LYS A 64 -13.90 -37.70 -35.23
CA LYS A 64 -13.46 -37.43 -36.59
C LYS A 64 -14.04 -36.08 -37.02
N SER A 65 -13.17 -35.12 -37.32
CA SER A 65 -13.61 -33.74 -37.62
C SER A 65 -14.38 -33.67 -38.94
N VAL A 66 -15.72 -33.64 -38.86
CA VAL A 66 -16.57 -33.45 -40.05
C VAL A 66 -16.61 -31.99 -40.57
N GLN A 67 -16.74 -31.04 -39.65
CA GLN A 67 -16.77 -29.62 -40.01
C GLN A 67 -15.87 -28.88 -39.05
N SER A 68 -15.02 -28.02 -39.60
CA SER A 68 -14.24 -27.10 -38.80
C SER A 68 -14.66 -25.74 -39.27
N LEU A 69 -14.37 -24.70 -38.49
CA LEU A 69 -14.87 -23.40 -38.82
C LEU A 69 -14.03 -22.37 -38.11
N ALA A 70 -13.78 -21.26 -38.80
CA ALA A 70 -12.86 -20.24 -38.32
C ALA A 70 -13.57 -19.23 -37.46
N THR A 71 -13.13 -19.13 -36.21
CA THR A 71 -13.72 -18.23 -35.21
C THR A 71 -12.91 -16.96 -35.02
N GLY A 72 -11.87 -16.81 -35.85
CA GLY A 72 -10.96 -15.66 -35.82
C GLY A 72 -9.84 -15.84 -36.85
N PRO A 73 -8.87 -14.91 -36.87
CA PRO A 73 -8.81 -13.68 -36.08
C PRO A 73 -9.78 -12.59 -36.52
N ALA A 74 -10.16 -11.71 -35.60
CA ALA A 74 -11.01 -10.56 -35.92
C ALA A 74 -10.24 -9.54 -36.76
N GLY A 75 -10.96 -8.87 -37.66
CA GLY A 75 -10.35 -7.96 -38.64
C GLY A 75 -9.54 -8.72 -39.68
N ASP A 76 -10.16 -9.75 -40.27
CA ASP A 76 -9.48 -10.67 -41.16
C ASP A 76 -10.57 -11.54 -41.78
N PRO A 77 -11.22 -11.07 -42.86
CA PRO A 77 -12.53 -11.55 -43.35
C PRO A 77 -12.58 -13.02 -43.81
N GLY A 78 -12.17 -13.92 -42.91
CA GLY A 78 -12.24 -15.38 -43.10
C GLY A 78 -13.08 -16.04 -42.00
N CYS A 79 -12.93 -15.62 -40.75
CA CYS A 79 -13.69 -16.18 -39.62
C CYS A 79 -15.16 -15.91 -39.79
N GLN A 80 -15.93 -16.99 -39.97
CA GLN A 80 -17.33 -16.85 -40.35
C GLN A 80 -18.10 -16.08 -39.29
N THR A 81 -17.98 -16.51 -38.04
CA THR A 81 -18.65 -15.81 -36.94
C THR A 81 -18.53 -14.30 -37.11
N CYS A 82 -17.30 -13.82 -37.28
CA CYS A 82 -17.05 -12.38 -37.34
C CYS A 82 -17.73 -11.75 -38.55
N ALA A 83 -17.72 -12.47 -39.67
CA ALA A 83 -18.35 -12.02 -40.90
C ALA A 83 -19.88 -12.03 -40.80
N ALA A 84 -20.45 -12.96 -40.04
CA ALA A 84 -21.90 -13.03 -39.86
C ALA A 84 -22.42 -11.88 -39.00
N CYS A 85 -21.53 -11.23 -38.26
CA CYS A 85 -21.91 -9.97 -37.61
C CYS A 85 -22.34 -8.92 -38.64
N GLY A 86 -21.82 -9.04 -39.86
CA GLY A 86 -22.36 -8.33 -41.02
C GLY A 86 -21.39 -7.35 -41.69
N PRO A 87 -21.93 -6.23 -42.19
CA PRO A 87 -21.07 -5.15 -42.70
C PRO A 87 -20.27 -4.48 -41.56
N GLY A 88 -18.94 -4.42 -41.73
CA GLY A 88 -18.04 -3.90 -40.69
C GLY A 88 -18.22 -2.43 -40.34
N PRO A 89 -17.34 -1.87 -39.48
CA PRO A 89 -16.19 -2.55 -38.89
C PRO A 89 -16.62 -3.45 -37.73
N HIS A 90 -15.90 -4.54 -37.54
CA HIS A 90 -16.08 -5.41 -36.38
C HIS A 90 -14.70 -5.61 -35.78
N GLY A 91 -14.43 -4.89 -34.68
CA GLY A 91 -13.11 -4.88 -34.04
C GLY A 91 -13.16 -4.56 -32.55
N PRO A 92 -11.98 -4.34 -31.93
CA PRO A 92 -10.66 -4.24 -32.54
C PRO A 92 -10.14 -5.59 -33.04
N PRO A 93 -9.10 -5.57 -33.88
CA PRO A 93 -8.51 -6.81 -34.40
C PRO A 93 -7.65 -7.52 -33.37
N GLY A 94 -7.45 -8.81 -33.58
CA GLY A 94 -6.71 -9.67 -32.65
C GLY A 94 -7.17 -11.12 -32.73
N ASP A 95 -6.70 -11.94 -31.80
CA ASP A 95 -7.07 -13.36 -31.78
C ASP A 95 -8.33 -13.57 -30.95
N THR A 96 -9.18 -14.49 -31.43
CA THR A 96 -10.43 -14.86 -30.75
C THR A 96 -10.21 -16.12 -29.90
N ASP A 97 -10.04 -15.95 -28.58
CA ASP A 97 -9.85 -17.08 -27.68
C ASP A 97 -11.15 -17.51 -26.97
N THR A 98 -11.52 -18.78 -27.14
CA THR A 98 -12.87 -19.28 -26.86
C THR A 98 -13.17 -19.55 -25.38
N LYS A 99 -13.81 -18.60 -24.71
CA LYS A 99 -14.10 -18.70 -23.26
C LYS A 99 -15.42 -19.38 -22.89
N VAL A 100 -16.31 -19.60 -23.86
CA VAL A 100 -17.58 -20.27 -23.60
C VAL A 100 -17.94 -21.14 -24.78
N LEU A 101 -18.41 -22.35 -24.49
CA LEU A 101 -18.88 -23.26 -25.51
C LEU A 101 -20.04 -24.03 -24.89
N VAL A 102 -21.25 -23.51 -25.07
CA VAL A 102 -22.42 -23.94 -24.30
C VAL A 102 -23.59 -24.13 -25.22
N LEU A 103 -24.36 -25.19 -25.04
CA LEU A 103 -25.46 -25.43 -25.95
C LEU A 103 -26.78 -25.35 -25.24
N ASP A 104 -27.79 -24.89 -25.98
CA ASP A 104 -29.12 -24.62 -25.49
C ASP A 104 -30.03 -25.75 -26.01
N PRO A 105 -30.39 -26.71 -25.14
CA PRO A 105 -30.98 -27.92 -25.70
C PRO A 105 -32.35 -27.68 -26.37
N ALA A 106 -33.00 -26.58 -26.02
CA ALA A 106 -34.39 -26.34 -26.43
C ALA A 106 -34.61 -26.02 -27.94
N LEU A 107 -33.62 -25.39 -28.57
CA LEU A 107 -33.76 -24.97 -29.97
C LEU A 107 -33.76 -26.16 -30.94
N PRO A 108 -32.67 -26.94 -31.01
CA PRO A 108 -31.38 -26.84 -30.34
C PRO A 108 -30.45 -25.86 -31.04
N ALA A 109 -29.32 -25.57 -30.41
CA ALA A 109 -28.39 -24.55 -30.88
C ALA A 109 -27.14 -24.60 -30.02
N LEU A 110 -25.98 -24.29 -30.60
CA LEU A 110 -24.74 -24.16 -29.83
C LEU A 110 -24.29 -22.68 -29.75
N VAL A 111 -23.75 -22.30 -28.60
CA VAL A 111 -23.23 -20.95 -28.36
C VAL A 111 -21.70 -20.99 -28.38
N SER A 112 -21.08 -19.85 -28.66
CA SER A 112 -19.63 -19.72 -28.55
C SER A 112 -19.26 -18.25 -28.36
N CYS A 113 -18.59 -17.96 -27.25
CA CYS A 113 -18.27 -16.58 -26.89
C CYS A 113 -16.78 -16.49 -26.56
N GLY A 114 -16.06 -15.59 -27.25
CA GLY A 114 -14.62 -15.44 -27.09
C GLY A 114 -14.18 -14.02 -26.77
N SER A 115 -12.88 -13.86 -26.54
CA SER A 115 -12.33 -12.61 -26.02
C SER A 115 -12.31 -11.45 -27.02
N SER A 116 -12.52 -11.74 -28.31
CA SER A 116 -12.55 -10.70 -29.33
C SER A 116 -13.94 -10.05 -29.25
N LEU A 117 -14.12 -8.95 -29.96
CA LEU A 117 -15.46 -8.42 -30.21
C LEU A 117 -16.27 -8.27 -28.90
N GLN A 118 -15.79 -7.41 -28.01
CA GLN A 118 -16.49 -7.02 -26.77
C GLN A 118 -17.19 -8.17 -26.04
N GLY A 119 -16.71 -9.39 -26.22
CA GLY A 119 -17.27 -10.57 -25.58
C GLY A 119 -18.62 -11.02 -26.14
N ARG A 120 -18.88 -10.75 -27.41
CA ARG A 120 -20.17 -11.12 -27.95
C ARG A 120 -20.21 -12.64 -28.14
N CYS A 121 -21.42 -13.20 -28.07
CA CYS A 121 -21.61 -14.63 -28.20
C CYS A 121 -21.99 -14.89 -29.65
N PHE A 122 -22.30 -16.14 -29.98
CA PHE A 122 -22.59 -16.50 -31.34
C PHE A 122 -23.43 -17.78 -31.30
N LEU A 123 -24.42 -17.85 -32.18
CA LEU A 123 -25.36 -18.95 -32.16
C LEU A 123 -25.16 -19.82 -33.38
N HIS A 124 -25.37 -21.13 -33.22
CA HIS A 124 -25.10 -22.10 -34.26
C HIS A 124 -26.20 -23.15 -34.28
N ASP A 125 -27.34 -22.81 -34.88
CA ASP A 125 -28.43 -23.79 -35.03
C ASP A 125 -27.85 -25.16 -35.45
N LEU A 126 -28.13 -26.20 -34.68
CA LEU A 126 -27.58 -27.53 -34.96
C LEU A 126 -28.32 -28.19 -36.12
N GLU A 127 -27.58 -28.66 -37.13
CA GLU A 127 -28.13 -29.34 -38.31
C GLU A 127 -27.80 -30.85 -38.29
N PRO A 128 -28.79 -31.71 -37.96
CA PRO A 128 -28.59 -33.15 -37.84
C PRO A 128 -28.07 -33.97 -39.05
N GLN A 129 -27.64 -35.20 -38.73
CA GLN A 129 -27.16 -36.20 -39.68
C GLN A 129 -27.29 -37.58 -39.00
N GLY A 130 -27.28 -38.67 -39.78
CA GLY A 130 -27.30 -40.02 -39.24
C GLY A 130 -26.17 -40.24 -38.24
N THR A 131 -26.50 -40.14 -36.95
CA THR A 131 -25.50 -40.17 -35.86
C THR A 131 -24.34 -39.21 -36.14
N ALA A 132 -24.69 -37.95 -36.44
CA ALA A 132 -23.72 -36.88 -36.72
C ALA A 132 -24.44 -35.52 -36.75
N VAL A 133 -23.69 -34.43 -36.63
CA VAL A 133 -24.30 -33.10 -36.54
C VAL A 133 -23.44 -32.03 -37.21
N HIS A 134 -24.05 -31.26 -38.10
CA HIS A 134 -23.43 -30.09 -38.70
C HIS A 134 -23.86 -28.83 -37.97
N LEU A 135 -23.03 -27.81 -38.00
CA LEU A 135 -23.39 -26.51 -37.44
C LEU A 135 -23.69 -25.50 -38.56
N ALA A 136 -24.98 -25.28 -38.84
CA ALA A 136 -25.39 -24.27 -39.81
C ALA A 136 -24.83 -22.87 -39.49
N ALA A 137 -24.62 -22.06 -40.52
CA ALA A 137 -23.75 -20.88 -40.40
C ALA A 137 -24.20 -19.98 -39.26
N PRO A 138 -23.25 -19.23 -38.66
CA PRO A 138 -23.52 -18.55 -37.40
C PRO A 138 -24.35 -17.29 -37.55
N ALA A 139 -24.83 -16.77 -36.41
CA ALA A 139 -25.67 -15.57 -36.37
C ALA A 139 -25.35 -14.66 -35.18
N CYS A 140 -24.48 -13.69 -35.40
CA CYS A 140 -23.99 -12.72 -34.39
C CYS A 140 -25.06 -12.26 -33.38
N LEU A 141 -24.77 -12.43 -32.08
CA LEU A 141 -25.69 -12.09 -30.99
C LEU A 141 -25.35 -10.74 -30.39
N PHE A 142 -25.56 -9.71 -31.18
CA PHE A 142 -25.18 -8.37 -30.80
C PHE A 142 -26.06 -7.44 -31.64
N SER A 143 -27.08 -6.84 -31.02
CA SER A 143 -27.91 -5.85 -31.70
C SER A 143 -27.17 -4.52 -31.78
N ALA A 144 -27.15 -3.94 -32.99
CA ALA A 144 -26.49 -2.68 -33.24
C ALA A 144 -27.05 -1.56 -32.35
N HIS A 145 -28.35 -1.32 -32.45
CA HIS A 145 -28.95 -0.12 -31.89
C HIS A 145 -29.29 -0.19 -30.40
N HIS A 146 -29.20 -1.37 -29.79
CA HIS A 146 -29.43 -1.55 -28.34
C HIS A 146 -28.18 -1.44 -27.47
N ASN A 147 -27.00 -1.62 -28.06
CA ASN A 147 -25.71 -1.64 -27.32
C ASN A 147 -24.98 -0.30 -27.25
N ARG A 148 -24.21 -0.10 -26.18
CA ARG A 148 -23.42 1.12 -25.96
C ARG A 148 -22.31 0.87 -24.91
N PRO A 149 -21.30 1.74 -24.87
CA PRO A 149 -20.15 1.49 -23.96
C PRO A 149 -20.44 1.59 -22.44
N ASP A 150 -21.51 2.28 -22.05
CA ASP A 150 -21.95 2.30 -20.65
C ASP A 150 -23.05 1.26 -20.40
N ASP A 151 -23.51 0.59 -21.47
CA ASP A 151 -24.52 -0.47 -21.37
C ASP A 151 -24.53 -1.35 -22.61
N CYS A 152 -23.81 -2.46 -22.54
CA CYS A 152 -23.81 -3.49 -23.55
C CYS A 152 -24.42 -4.71 -22.90
N PRO A 153 -25.74 -4.91 -23.07
CA PRO A 153 -26.40 -6.15 -22.62
C PRO A 153 -25.89 -7.45 -23.27
N ASP A 154 -25.31 -7.37 -24.46
CA ASP A 154 -24.92 -8.56 -25.21
C ASP A 154 -23.49 -9.02 -24.93
N CYS A 155 -22.82 -8.37 -23.99
CA CYS A 155 -21.42 -8.69 -23.66
C CYS A 155 -21.33 -9.86 -22.68
N VAL A 156 -21.43 -11.09 -23.18
CA VAL A 156 -21.49 -12.26 -22.29
C VAL A 156 -20.09 -12.66 -21.81
N ALA A 157 -19.17 -12.75 -22.76
CA ALA A 157 -17.82 -13.30 -22.51
C ALA A 157 -16.85 -12.26 -21.98
N SER A 158 -16.08 -12.63 -20.96
CA SER A 158 -14.94 -11.83 -20.49
C SER A 158 -13.66 -12.47 -21.01
N PRO A 159 -12.58 -11.67 -21.21
CA PRO A 159 -11.31 -12.27 -21.63
C PRO A 159 -10.60 -12.90 -20.45
N LEU A 160 -11.05 -12.55 -19.25
CA LEU A 160 -10.53 -13.06 -17.96
C LEU A 160 -11.24 -14.35 -17.47
N GLY A 161 -11.80 -15.14 -18.38
CA GLY A 161 -12.49 -16.37 -17.98
C GLY A 161 -13.92 -16.17 -17.47
N THR A 162 -14.85 -16.93 -18.04
CA THR A 162 -16.28 -16.78 -17.76
C THR A 162 -16.96 -18.14 -17.83
N ARG A 163 -18.13 -18.26 -17.20
CA ARG A 163 -18.96 -19.46 -17.28
C ARG A 163 -20.42 -19.08 -17.47
N VAL A 164 -21.18 -19.99 -18.08
CA VAL A 164 -22.57 -19.74 -18.43
C VAL A 164 -23.36 -21.05 -18.34
N THR A 165 -24.51 -20.96 -17.66
CA THR A 165 -25.45 -22.08 -17.57
C THR A 165 -26.76 -21.60 -18.17
N VAL A 166 -27.30 -22.43 -19.07
CA VAL A 166 -28.40 -22.06 -19.96
C VAL A 166 -29.62 -22.77 -19.41
N VAL A 167 -30.72 -22.03 -19.27
CA VAL A 167 -31.92 -22.53 -18.60
C VAL A 167 -33.24 -22.16 -19.32
N GLU A 168 -34.10 -23.15 -19.47
CA GLU A 168 -35.40 -22.95 -20.08
C GLU A 168 -36.39 -22.48 -19.02
N GLN A 169 -36.93 -21.29 -19.20
CA GLN A 169 -38.07 -20.91 -18.39
C GLN A 169 -39.22 -20.48 -19.27
N GLY A 170 -40.27 -21.29 -19.27
CA GLY A 170 -41.45 -20.97 -20.02
C GLY A 170 -41.33 -21.44 -21.45
N GLN A 171 -40.98 -20.50 -22.32
CA GLN A 171 -40.84 -20.81 -23.73
C GLN A 171 -39.65 -20.09 -24.35
N ALA A 172 -38.79 -19.50 -23.50
CA ALA A 172 -37.56 -18.83 -23.95
C ALA A 172 -36.39 -19.20 -23.03
N SER A 173 -35.17 -19.01 -23.54
CA SER A 173 -33.94 -19.51 -22.93
C SER A 173 -33.22 -18.44 -22.13
N TYR A 174 -32.93 -18.74 -20.86
CA TYR A 174 -32.29 -17.82 -19.92
C TYR A 174 -30.85 -18.21 -19.62
N PHE A 175 -30.01 -17.17 -19.56
CA PHE A 175 -28.57 -17.30 -19.54
C PHE A 175 -28.10 -16.79 -18.21
N TYR A 176 -27.98 -17.69 -17.25
CA TYR A 176 -27.31 -17.34 -16.00
C TYR A 176 -25.81 -17.27 -16.32
N VAL A 177 -25.14 -16.25 -15.77
CA VAL A 177 -23.85 -15.79 -16.30
C VAL A 177 -22.93 -15.17 -15.25
N ALA A 178 -21.71 -15.67 -15.18
CA ALA A 178 -20.73 -15.13 -14.27
C ALA A 178 -19.39 -14.94 -14.97
N SER A 179 -18.77 -13.80 -14.69
CA SER A 179 -17.53 -13.40 -15.31
C SER A 179 -16.61 -12.72 -14.31
N SER A 180 -15.31 -12.91 -14.49
CA SER A 180 -14.32 -12.21 -13.71
C SER A 180 -14.10 -10.88 -14.41
N LEU A 181 -13.77 -9.84 -13.63
CA LEU A 181 -13.62 -8.47 -14.13
C LEU A 181 -12.48 -7.73 -13.41
N ASP A 182 -11.97 -6.68 -14.04
CA ASP A 182 -10.85 -5.87 -13.55
C ASP A 182 -11.08 -4.40 -13.96
N ALA A 183 -10.02 -3.63 -14.19
CA ALA A 183 -10.18 -2.26 -14.71
C ALA A 183 -10.37 -2.28 -16.23
N ALA A 184 -9.54 -3.07 -16.90
CA ALA A 184 -9.52 -3.13 -18.36
C ALA A 184 -10.74 -3.84 -18.97
N VAL A 185 -11.68 -4.28 -18.13
CA VAL A 185 -12.88 -4.94 -18.61
C VAL A 185 -14.11 -4.12 -18.22
N ALA A 186 -14.28 -3.89 -16.92
CA ALA A 186 -15.37 -3.09 -16.38
C ALA A 186 -15.35 -1.63 -16.86
N GLY A 187 -14.13 -1.10 -17.07
CA GLY A 187 -13.95 0.24 -17.63
C GLY A 187 -15.02 0.65 -18.62
N SER A 188 -15.23 -0.16 -19.66
CA SER A 188 -16.32 0.06 -20.64
C SER A 188 -16.64 -1.15 -21.54
N PHE A 189 -17.90 -1.31 -21.91
CA PHE A 189 -18.39 -2.47 -22.67
C PHE A 189 -18.20 -3.70 -21.81
N SER A 190 -18.71 -3.58 -20.59
CA SER A 190 -18.47 -4.56 -19.53
C SER A 190 -19.36 -5.75 -19.68
N PRO A 191 -18.86 -6.94 -19.35
CA PRO A 191 -19.73 -8.10 -19.28
C PRO A 191 -20.53 -8.16 -17.98
N ARG A 192 -20.01 -7.53 -16.93
CA ARG A 192 -20.70 -7.46 -15.64
C ARG A 192 -20.65 -8.84 -14.94
N SER A 193 -20.15 -8.88 -13.70
CA SER A 193 -19.94 -10.15 -12.98
C SER A 193 -21.14 -11.09 -13.12
N VAL A 194 -22.23 -10.86 -12.39
CA VAL A 194 -23.37 -11.77 -12.44
C VAL A 194 -24.52 -11.15 -13.20
N SER A 195 -25.24 -11.96 -13.99
CA SER A 195 -26.44 -11.50 -14.69
C SER A 195 -27.27 -12.65 -15.25
N ILE A 196 -28.56 -12.36 -15.47
CA ILE A 196 -29.52 -13.31 -16.03
C ILE A 196 -30.18 -12.63 -17.22
N ARG A 197 -30.18 -13.30 -18.36
CA ARG A 197 -30.50 -12.64 -19.61
C ARG A 197 -31.37 -13.51 -20.52
N ARG A 198 -32.53 -13.01 -20.90
CA ARG A 198 -33.34 -13.73 -21.88
C ARG A 198 -32.69 -13.58 -23.26
N LEU A 199 -32.69 -14.67 -24.04
CA LEU A 199 -32.23 -14.62 -25.44
C LEU A 199 -33.44 -14.30 -26.33
N LYS A 200 -33.40 -13.17 -27.04
CA LYS A 200 -34.53 -12.71 -27.88
C LYS A 200 -34.88 -13.72 -28.94
N ALA A 201 -36.17 -13.98 -29.10
CA ALA A 201 -36.65 -15.00 -30.03
C ALA A 201 -36.19 -14.78 -31.48
N ASP A 202 -35.86 -13.55 -31.82
CA ASP A 202 -35.39 -13.23 -33.16
C ASP A 202 -33.87 -13.31 -33.30
N ALA A 203 -33.21 -14.07 -32.41
CA ALA A 203 -31.74 -14.29 -32.52
C ALA A 203 -30.88 -13.03 -32.53
N SER A 204 -31.47 -11.84 -32.38
CA SER A 204 -30.69 -10.61 -32.52
C SER A 204 -29.80 -10.36 -31.31
N GLY A 205 -30.06 -11.07 -30.20
CA GLY A 205 -29.15 -11.05 -29.04
C GLY A 205 -29.82 -11.26 -27.70
N PHE A 206 -29.79 -10.24 -26.85
CA PHE A 206 -30.25 -10.34 -25.48
C PHE A 206 -31.10 -9.13 -25.08
N ALA A 207 -32.28 -9.37 -24.56
CA ALA A 207 -33.17 -8.29 -24.10
C ALA A 207 -32.46 -7.34 -23.13
N PRO A 208 -32.57 -6.01 -23.36
CA PRO A 208 -31.84 -5.09 -22.47
C PRO A 208 -32.50 -4.93 -21.09
N GLY A 209 -31.95 -4.03 -20.28
CA GLY A 209 -32.45 -3.81 -18.93
C GLY A 209 -31.69 -4.56 -17.84
N PHE A 210 -31.93 -5.88 -17.78
CA PHE A 210 -31.64 -6.74 -16.61
C PHE A 210 -30.76 -6.20 -15.49
N VAL A 211 -31.19 -6.36 -14.24
CA VAL A 211 -30.29 -6.11 -13.12
C VAL A 211 -29.15 -7.12 -13.20
N ALA A 212 -27.95 -6.62 -12.97
CA ALA A 212 -26.73 -7.42 -12.96
C ALA A 212 -25.79 -6.87 -11.89
N LEU A 213 -24.86 -7.72 -11.43
CA LEU A 213 -23.94 -7.34 -10.37
C LEU A 213 -22.52 -7.22 -10.92
N SER A 214 -21.76 -6.31 -10.32
CA SER A 214 -20.40 -6.01 -10.78
C SER A 214 -19.59 -5.54 -9.59
N VAL A 215 -18.45 -6.20 -9.35
CA VAL A 215 -17.60 -5.80 -8.23
C VAL A 215 -17.38 -4.30 -8.36
N LEU A 216 -17.69 -3.56 -7.31
CA LEU A 216 -17.75 -2.11 -7.37
C LEU A 216 -16.41 -1.45 -7.78
N PRO A 217 -16.48 -0.22 -8.34
CA PRO A 217 -15.28 0.47 -8.85
C PRO A 217 -14.03 0.37 -7.95
N LYS A 218 -14.17 0.67 -6.66
CA LYS A 218 -13.01 0.59 -5.75
C LYS A 218 -12.30 -0.76 -5.81
N HIS A 219 -13.04 -1.87 -5.82
CA HIS A 219 -12.46 -3.23 -5.77
C HIS A 219 -12.30 -3.94 -7.12
N LEU A 220 -12.23 -3.20 -8.23
CA LEU A 220 -12.00 -3.83 -9.53
C LEU A 220 -10.58 -4.42 -9.62
N VAL A 221 -9.64 -3.83 -8.89
CA VAL A 221 -8.23 -4.15 -9.10
C VAL A 221 -7.77 -5.39 -8.33
N SER A 222 -7.84 -5.36 -7.01
CA SER A 222 -7.42 -6.50 -6.17
C SER A 222 -8.38 -7.70 -6.29
N TYR A 223 -9.63 -7.48 -5.89
CA TYR A 223 -10.62 -8.54 -5.59
C TYR A 223 -11.14 -9.35 -6.81
N SER A 224 -10.24 -9.95 -7.57
CA SER A 224 -10.64 -10.69 -8.76
C SER A 224 -11.21 -12.08 -8.41
N ILE A 225 -12.34 -12.42 -9.02
CA ILE A 225 -13.04 -13.65 -8.73
C ILE A 225 -12.89 -14.60 -9.92
N GLU A 226 -12.44 -15.83 -9.67
CA GLU A 226 -12.42 -16.81 -10.73
C GLU A 226 -13.76 -17.54 -10.67
N TYR A 227 -14.24 -18.04 -11.81
CA TYR A 227 -15.46 -18.86 -11.79
C TYR A 227 -15.15 -20.25 -12.36
N VAL A 228 -14.77 -21.13 -11.46
CA VAL A 228 -14.34 -22.52 -11.75
C VAL A 228 -15.38 -23.46 -12.36
N HIS A 229 -16.65 -23.27 -12.03
CA HIS A 229 -17.69 -24.21 -12.46
C HIS A 229 -19.07 -23.64 -12.15
N SER A 230 -20.06 -24.10 -12.92
CA SER A 230 -21.44 -23.67 -12.75
C SER A 230 -22.35 -24.75 -13.28
N PHE A 231 -23.53 -24.90 -12.67
CA PHE A 231 -24.46 -25.94 -13.09
C PHE A 231 -25.91 -25.65 -12.73
N HIS A 232 -26.79 -26.48 -13.29
CA HIS A 232 -28.21 -26.43 -13.00
C HIS A 232 -28.59 -27.77 -12.41
N THR A 233 -29.21 -27.72 -11.24
CA THR A 233 -29.90 -28.89 -10.71
C THR A 233 -30.97 -28.49 -9.73
N GLY A 234 -31.99 -29.34 -9.63
CA GLY A 234 -33.16 -29.04 -8.83
C GLY A 234 -33.84 -27.81 -9.39
N ALA A 235 -34.08 -26.81 -8.54
CA ALA A 235 -34.69 -25.57 -8.98
C ALA A 235 -33.75 -24.42 -8.73
N PHE A 236 -32.47 -24.61 -9.08
CA PHE A 236 -31.43 -23.61 -8.78
C PHE A 236 -30.25 -23.68 -9.73
N VAL A 237 -29.84 -22.52 -10.24
CA VAL A 237 -28.53 -22.41 -10.88
C VAL A 237 -27.56 -22.14 -9.75
N TYR A 238 -26.45 -22.87 -9.71
CA TYR A 238 -25.38 -22.67 -8.70
C TYR A 238 -24.07 -22.25 -9.37
N PHE A 239 -23.31 -21.39 -8.71
CA PHE A 239 -22.08 -20.81 -9.26
C PHE A 239 -20.88 -21.00 -8.33
N LEU A 240 -19.87 -21.74 -8.80
CA LEU A 240 -18.74 -22.12 -7.94
C LEU A 240 -17.51 -21.21 -8.12
N THR A 241 -16.98 -20.69 -7.01
CA THR A 241 -16.02 -19.57 -7.02
C THR A 241 -14.68 -19.79 -6.32
N VAL A 242 -13.77 -18.84 -6.48
CA VAL A 242 -12.50 -18.82 -5.78
C VAL A 242 -12.10 -17.35 -5.59
N GLN A 243 -12.25 -16.82 -4.38
CA GLN A 243 -11.98 -15.41 -4.15
C GLN A 243 -11.46 -15.14 -2.73
N PRO A 244 -10.78 -13.98 -2.54
CA PRO A 244 -10.35 -13.48 -1.24
C PRO A 244 -11.43 -13.52 -0.16
N ALA A 245 -11.01 -13.83 1.07
CA ALA A 245 -11.93 -14.01 2.21
C ALA A 245 -12.45 -12.71 2.81
N SER A 246 -12.01 -11.56 2.29
CA SER A 246 -12.43 -10.29 2.83
C SER A 246 -11.95 -9.20 1.92
N VAL A 247 -12.59 -8.05 2.07
CA VAL A 247 -12.31 -6.89 1.24
C VAL A 247 -11.06 -6.17 1.72
N THR A 248 -10.90 -6.11 3.04
CA THR A 248 -9.72 -5.45 3.64
C THR A 248 -8.56 -6.39 4.01
N ASP A 249 -8.76 -7.71 3.97
CA ASP A 249 -7.68 -8.67 4.25
C ASP A 249 -6.79 -8.82 3.01
N ASP A 250 -5.66 -9.50 3.15
CA ASP A 250 -4.70 -9.66 2.04
C ASP A 250 -5.36 -10.24 0.79
N PRO A 251 -5.24 -9.55 -0.36
CA PRO A 251 -5.66 -10.12 -1.65
C PRO A 251 -5.06 -11.51 -1.98
N SER A 252 -3.98 -11.88 -1.29
CA SER A 252 -3.46 -13.25 -1.29
C SER A 252 -3.99 -13.99 -0.06
N ALA A 253 -5.28 -14.33 -0.11
CA ALA A 253 -5.96 -15.05 0.95
C ALA A 253 -7.25 -15.66 0.36
N LEU A 254 -7.06 -16.51 -0.65
CA LEU A 254 -8.16 -17.03 -1.44
C LEU A 254 -8.99 -18.05 -0.64
N HIS A 255 -10.21 -18.29 -1.12
CA HIS A 255 -11.12 -19.24 -0.47
C HIS A 255 -12.37 -19.43 -1.35
N THR A 256 -12.70 -20.70 -1.60
CA THR A 256 -13.82 -21.10 -2.45
C THR A 256 -15.17 -20.81 -1.81
N ARG A 257 -16.14 -20.32 -2.60
CA ARG A 257 -17.54 -20.20 -2.16
C ARG A 257 -18.48 -20.80 -3.19
N LEU A 258 -19.73 -21.00 -2.77
CA LEU A 258 -20.82 -21.41 -3.65
C LEU A 258 -21.88 -20.32 -3.71
N ALA A 259 -22.09 -19.75 -4.90
CA ALA A 259 -23.11 -18.72 -5.11
C ALA A 259 -24.33 -19.32 -5.80
N ARG A 260 -25.52 -19.04 -5.27
CA ARG A 260 -26.75 -19.64 -5.79
C ARG A 260 -27.73 -18.63 -6.36
N LEU A 261 -28.58 -19.10 -7.25
CA LEU A 261 -29.66 -18.30 -7.80
C LEU A 261 -30.77 -19.27 -8.15
N SER A 262 -32.01 -18.77 -8.20
CA SER A 262 -33.13 -19.61 -8.58
C SER A 262 -32.99 -19.97 -10.06
N ALA A 263 -33.49 -21.16 -10.41
CA ALA A 263 -33.46 -21.63 -11.79
C ALA A 263 -34.78 -21.37 -12.48
N THR A 264 -35.74 -20.81 -11.74
CA THR A 264 -37.09 -20.50 -12.26
C THR A 264 -37.45 -19.02 -12.12
N GLU A 265 -36.54 -18.23 -11.53
CA GLU A 265 -36.85 -16.86 -11.10
C GLU A 265 -35.70 -15.92 -11.42
N PRO A 266 -35.67 -15.41 -12.67
CA PRO A 266 -34.67 -14.48 -13.17
C PRO A 266 -34.42 -13.24 -12.31
N GLU A 267 -33.90 -13.41 -11.09
CA GLU A 267 -33.45 -12.24 -10.34
C GLU A 267 -32.38 -12.48 -9.29
N LEU A 268 -31.57 -11.45 -9.11
CA LEU A 268 -30.41 -11.52 -8.26
C LEU A 268 -30.82 -11.15 -6.84
N GLY A 269 -32.08 -10.74 -6.67
CA GLY A 269 -32.64 -10.48 -5.35
C GLY A 269 -32.43 -11.59 -4.34
N ASP A 270 -32.23 -12.81 -4.83
CA ASP A 270 -31.90 -13.96 -4.01
C ASP A 270 -30.46 -14.48 -4.22
N TYR A 271 -29.51 -13.57 -4.45
CA TYR A 271 -28.14 -13.99 -4.69
C TYR A 271 -27.51 -14.44 -3.38
N ARG A 272 -27.71 -15.71 -3.06
CA ARG A 272 -27.11 -16.34 -1.87
C ARG A 272 -25.68 -16.81 -2.14
N GLU A 273 -24.79 -16.63 -1.17
CA GLU A 273 -23.38 -17.08 -1.28
C GLU A 273 -22.95 -17.87 -0.04
N LEU A 274 -22.44 -19.09 -0.23
CA LEU A 274 -22.02 -19.92 0.88
C LEU A 274 -20.53 -20.18 0.79
N VAL A 275 -19.86 -20.24 1.93
CA VAL A 275 -18.43 -20.53 1.95
C VAL A 275 -18.19 -22.02 2.17
N LEU A 276 -17.71 -22.68 1.12
CA LEU A 276 -17.27 -24.06 1.23
C LEU A 276 -15.90 -24.04 1.90
N ASP A 277 -15.54 -25.18 2.50
CA ASP A 277 -14.31 -25.25 3.27
C ASP A 277 -13.96 -26.69 3.57
N CYS A 278 -13.05 -27.22 2.74
CA CYS A 278 -12.60 -28.60 2.81
C CYS A 278 -11.23 -28.53 3.43
N ARG A 279 -10.86 -29.62 4.14
CA ARG A 279 -9.56 -29.70 4.81
C ARG A 279 -9.07 -31.13 4.88
N PHE A 280 -7.78 -31.29 5.21
CA PHE A 280 -7.12 -32.59 5.35
C PHE A 280 -6.99 -32.95 6.83
N ALA A 281 -7.30 -34.20 7.19
CA ALA A 281 -7.30 -34.66 8.60
C ALA A 281 -6.45 -35.92 8.78
N PRO A 282 -5.13 -35.75 9.05
CA PRO A 282 -4.18 -36.85 8.97
C PRO A 282 -3.82 -37.54 10.30
N LYS A 283 -4.80 -37.70 11.19
CA LYS A 283 -4.55 -38.23 12.55
C LYS A 283 -3.68 -37.28 13.37
N LEU A 284 -2.41 -37.12 12.97
CA LEU A 284 -1.45 -36.29 13.70
C LEU A 284 -1.90 -34.83 13.79
N VAL A 285 -2.32 -34.27 12.66
CA VAL A 285 -2.65 -32.84 12.52
C VAL A 285 -1.35 -32.03 12.43
N PRO A 286 -1.04 -31.47 11.24
CA PRO A 286 0.23 -30.78 11.01
C PRO A 286 0.33 -29.46 11.75
N ARG A 287 1.46 -28.78 11.62
CA ARG A 287 1.80 -27.66 12.49
C ARG A 287 0.77 -26.50 12.50
N GLY A 288 0.87 -25.60 11.53
CA GLY A 288 0.04 -24.39 11.50
C GLY A 288 -1.35 -24.67 10.95
N SER A 289 -2.18 -25.36 11.74
CA SER A 289 -3.56 -25.68 11.35
C SER A 289 -4.45 -25.79 12.59
N PRO A 290 -5.70 -25.31 12.51
CA PRO A 290 -6.53 -25.08 13.71
C PRO A 290 -7.44 -26.26 14.12
N GLU A 291 -6.85 -27.42 14.42
CA GLU A 291 -7.61 -28.66 14.71
C GLU A 291 -8.51 -28.97 13.51
N GLY A 292 -9.44 -29.91 13.67
CA GLY A 292 -10.37 -30.26 12.57
C GLY A 292 -9.67 -30.83 11.34
N GLY A 293 -8.82 -30.00 10.75
CA GLY A 293 -7.88 -30.44 9.72
C GLY A 293 -6.95 -29.33 9.32
N GLN A 294 -6.22 -29.52 8.22
CA GLN A 294 -5.47 -28.45 7.55
C GLN A 294 -6.25 -27.99 6.32
N PRO A 295 -6.44 -26.67 6.17
CA PRO A 295 -7.30 -26.14 5.12
C PRO A 295 -6.68 -26.16 3.71
N TYR A 296 -7.46 -26.70 2.76
CA TYR A 296 -7.24 -26.58 1.32
C TYR A 296 -8.35 -25.65 0.81
N PRO A 297 -8.09 -24.33 0.77
CA PRO A 297 -9.17 -23.38 0.53
C PRO A 297 -9.39 -22.98 -0.94
N VAL A 298 -8.63 -23.57 -1.88
CA VAL A 298 -8.70 -23.20 -3.28
C VAL A 298 -9.14 -24.38 -4.14
N LEU A 299 -10.33 -24.26 -4.71
CA LEU A 299 -10.91 -25.27 -5.59
C LEU A 299 -10.27 -25.18 -6.96
N GLN A 300 -9.90 -26.32 -7.53
CA GLN A 300 -9.28 -26.38 -8.88
C GLN A 300 -10.18 -26.99 -9.95
N VAL A 301 -11.33 -27.53 -9.51
CA VAL A 301 -12.36 -28.08 -10.39
C VAL A 301 -13.45 -28.60 -9.45
N ALA A 302 -14.65 -28.87 -9.99
CA ALA A 302 -15.69 -29.55 -9.22
C ALA A 302 -16.71 -30.19 -10.16
N HIS A 303 -17.47 -31.14 -9.64
CA HIS A 303 -18.53 -31.77 -10.44
C HIS A 303 -19.67 -32.31 -9.58
N SER A 304 -20.91 -32.02 -9.96
CA SER A 304 -22.09 -32.49 -9.23
C SER A 304 -22.67 -33.71 -9.91
N ALA A 305 -23.18 -34.65 -9.11
CA ALA A 305 -23.61 -35.96 -9.63
C ALA A 305 -24.36 -36.78 -8.60
N PRO A 306 -25.21 -37.73 -9.05
CA PRO A 306 -25.93 -38.55 -8.10
C PRO A 306 -25.05 -39.70 -7.65
N VAL A 307 -25.32 -40.19 -6.45
CA VAL A 307 -24.48 -41.09 -5.68
C VAL A 307 -24.99 -42.51 -5.72
N GLY A 308 -24.15 -43.48 -5.38
CA GLY A 308 -24.58 -44.88 -5.27
C GLY A 308 -25.09 -45.22 -3.87
N ALA A 309 -25.41 -46.50 -3.64
CA ALA A 309 -25.84 -46.95 -2.30
C ALA A 309 -24.73 -46.77 -1.31
N GLN A 310 -23.65 -47.51 -1.55
CA GLN A 310 -22.49 -47.60 -0.66
C GLN A 310 -21.86 -46.25 -0.30
N LEU A 311 -22.13 -45.22 -1.11
CA LEU A 311 -21.64 -43.87 -0.83
C LEU A 311 -22.69 -43.03 -0.11
N ALA A 312 -23.96 -43.22 -0.44
CA ALA A 312 -25.04 -42.48 0.24
C ALA A 312 -25.01 -42.76 1.75
N THR A 313 -24.83 -44.03 2.12
CA THR A 313 -24.70 -44.45 3.52
C THR A 313 -23.64 -43.62 4.24
N GLU A 314 -22.39 -43.74 3.79
CA GLU A 314 -21.38 -42.76 4.11
C GLU A 314 -22.03 -41.48 3.67
N LEU A 315 -21.54 -40.33 4.14
CA LEU A 315 -22.22 -39.04 3.87
C LEU A 315 -23.62 -38.88 4.47
N SER A 316 -24.24 -39.98 4.94
CA SER A 316 -25.59 -39.93 5.54
C SER A 316 -26.60 -39.25 4.61
N ILE A 317 -26.95 -39.92 3.51
CA ILE A 317 -27.94 -39.39 2.57
C ILE A 317 -28.59 -40.58 1.89
N ALA A 318 -29.46 -40.34 0.92
CA ALA A 318 -30.13 -41.44 0.24
C ALA A 318 -29.55 -41.62 -1.15
N GLU A 319 -29.53 -42.87 -1.62
CA GLU A 319 -29.19 -43.18 -3.01
C GLU A 319 -29.85 -42.18 -3.95
N GLY A 320 -29.26 -41.90 -5.10
CA GLY A 320 -29.87 -41.00 -6.09
C GLY A 320 -29.64 -39.48 -5.91
N GLN A 321 -29.44 -39.03 -4.67
CA GLN A 321 -29.37 -37.60 -4.40
C GLN A 321 -28.14 -36.96 -5.03
N GLU A 322 -28.32 -35.75 -5.55
CA GLU A 322 -27.22 -35.01 -6.13
C GLU A 322 -26.24 -34.64 -5.05
N VAL A 323 -24.97 -34.67 -5.43
CA VAL A 323 -23.85 -34.35 -4.57
C VAL A 323 -22.82 -33.62 -5.42
N LEU A 324 -22.54 -32.36 -5.06
CA LEU A 324 -21.38 -31.64 -5.61
C LEU A 324 -20.17 -32.31 -5.04
N PHE A 325 -19.13 -32.40 -5.85
CA PHE A 325 -17.81 -32.85 -5.43
C PHE A 325 -16.82 -31.80 -5.82
N GLY A 326 -15.81 -31.57 -4.98
CA GLY A 326 -14.86 -30.48 -5.19
C GLY A 326 -13.42 -30.91 -4.97
N VAL A 327 -12.55 -30.54 -5.90
CA VAL A 327 -11.15 -31.01 -5.93
C VAL A 327 -10.27 -29.86 -5.50
N PHE A 328 -9.98 -29.81 -4.20
CA PHE A 328 -9.35 -28.66 -3.57
C PHE A 328 -7.85 -28.85 -3.45
N VAL A 329 -7.13 -27.75 -3.61
CA VAL A 329 -5.69 -27.73 -3.43
C VAL A 329 -5.37 -26.71 -2.39
N THR A 330 -4.13 -26.78 -1.93
CA THR A 330 -3.66 -25.95 -0.85
C THR A 330 -3.55 -24.49 -1.29
N GLY A 331 -3.62 -23.57 -0.33
CA GLY A 331 -3.26 -22.17 -0.59
C GLY A 331 -1.95 -22.07 -1.36
N LYS A 332 -1.84 -21.03 -2.19
CA LYS A 332 -0.65 -20.84 -3.03
C LYS A 332 -0.07 -22.21 -3.41
N ASP A 333 1.11 -22.55 -2.89
CA ASP A 333 1.76 -23.85 -3.16
C ASP A 333 2.46 -24.40 -1.90
N GLY A 334 1.66 -24.64 -0.85
CA GLY A 334 2.12 -25.22 0.43
C GLY A 334 3.60 -25.57 0.58
N GLY A 335 3.94 -26.81 0.23
CA GLY A 335 5.33 -27.27 0.21
C GLY A 335 5.64 -28.08 -1.04
N GLY A 339 2.66 -33.72 3.13
CA GLY A 339 1.24 -33.50 2.81
C GLY A 339 0.87 -33.82 1.36
N PRO A 340 -0.44 -34.00 1.07
CA PRO A 340 -0.93 -34.31 -0.27
C PRO A 340 -1.36 -33.06 -1.01
N ASN A 341 -1.28 -33.10 -2.35
CA ASN A 341 -1.56 -31.92 -3.16
C ASN A 341 -3.03 -31.67 -3.33
N SER A 342 -3.78 -32.75 -3.58
CA SER A 342 -5.19 -32.64 -3.87
C SER A 342 -6.02 -33.37 -2.87
N VAL A 343 -7.11 -32.73 -2.48
CA VAL A 343 -8.11 -33.35 -1.64
C VAL A 343 -9.46 -33.20 -2.31
N VAL A 344 -10.12 -34.34 -2.54
CA VAL A 344 -11.50 -34.35 -3.02
C VAL A 344 -12.44 -34.58 -1.84
N CYS A 345 -13.52 -33.82 -1.80
CA CYS A 345 -14.50 -34.02 -0.73
C CYS A 345 -15.90 -33.58 -1.11
N ALA A 346 -16.83 -34.50 -0.84
CA ALA A 346 -18.22 -34.38 -1.20
C ALA A 346 -18.98 -33.32 -0.39
N PHE A 347 -19.71 -32.44 -1.10
CA PHE A 347 -20.81 -31.69 -0.54
C PHE A 347 -22.12 -32.13 -1.22
N PRO A 348 -23.09 -32.68 -0.44
CA PRO A 348 -24.40 -32.98 -1.01
C PRO A 348 -25.22 -31.71 -1.13
N ILE A 349 -26.18 -31.71 -2.06
CA ILE A 349 -26.80 -30.46 -2.51
C ILE A 349 -27.84 -29.99 -1.50
N ASP A 350 -28.92 -30.76 -1.36
CA ASP A 350 -29.94 -30.54 -0.31
C ASP A 350 -29.40 -29.88 0.96
N LEU A 351 -28.27 -30.40 1.47
CA LEU A 351 -27.62 -29.86 2.67
C LEU A 351 -26.90 -28.52 2.45
N LEU A 352 -26.35 -28.28 1.26
CA LEU A 352 -25.88 -26.93 0.91
C LEU A 352 -27.04 -25.94 0.96
N ASP A 353 -28.21 -26.37 0.50
CA ASP A 353 -29.39 -25.53 0.52
C ASP A 353 -29.78 -25.28 1.98
N THR A 354 -29.95 -26.38 2.72
CA THR A 354 -30.58 -26.31 4.02
C THR A 354 -29.77 -25.42 4.95
N LEU A 355 -28.45 -25.42 4.77
CA LEU A 355 -27.60 -24.43 5.43
C LEU A 355 -28.03 -23.02 5.00
N ILE A 356 -28.01 -22.74 3.70
CA ILE A 356 -28.31 -21.41 3.15
C ILE A 356 -29.74 -20.92 3.53
N ASP A 357 -30.71 -21.84 3.63
CA ASP A 357 -32.03 -21.48 4.13
C ASP A 357 -31.93 -20.99 5.56
N GLU A 358 -31.32 -21.79 6.44
CA GLU A 358 -31.07 -21.37 7.82
C GLU A 358 -29.99 -20.30 7.86
N GLY A 359 -29.32 -20.08 6.74
CA GLY A 359 -28.44 -18.93 6.58
C GLY A 359 -29.26 -17.66 6.46
N VAL A 360 -30.30 -17.75 5.62
CA VAL A 360 -31.25 -16.66 5.35
C VAL A 360 -32.00 -16.26 6.62
N GLU A 361 -32.69 -17.24 7.20
CA GLU A 361 -33.52 -17.06 8.39
C GLU A 361 -32.81 -16.25 9.49
N ARG A 362 -31.60 -16.67 9.86
CA ARG A 362 -30.89 -16.03 10.95
C ARG A 362 -30.59 -14.57 10.63
N CYS A 363 -30.43 -14.26 9.34
CA CYS A 363 -30.28 -12.88 8.90
C CYS A 363 -31.57 -12.08 8.86
N CYS A 364 -32.71 -12.70 8.50
CA CYS A 364 -33.98 -11.97 8.45
C CYS A 364 -35.09 -12.56 9.36
N GLU A 365 -35.24 -12.04 10.60
CA GLU A 365 -36.38 -12.41 11.49
C GLU A 365 -36.56 -11.39 12.66
N SER A 366 -37.43 -11.70 13.63
CA SER A 366 -37.75 -10.76 14.71
C SER A 366 -36.53 -10.36 15.57
N PRO A 367 -35.94 -11.32 16.30
CA PRO A 367 -34.63 -11.07 16.92
C PRO A 367 -33.50 -11.33 15.94
N VAL A 368 -32.64 -10.32 15.72
CA VAL A 368 -31.53 -10.46 14.78
C VAL A 368 -30.17 -10.24 15.45
N HIS A 369 -29.42 -11.33 15.61
CA HIS A 369 -28.06 -11.29 16.14
C HIS A 369 -27.39 -9.98 15.74
N PRO A 370 -27.34 -9.02 16.68
CA PRO A 370 -26.85 -7.69 16.35
C PRO A 370 -25.35 -7.74 16.17
N GLY A 371 -24.89 -7.43 14.96
CA GLY A 371 -23.48 -7.60 14.58
C GLY A 371 -23.26 -8.73 13.60
N LEU A 372 -24.26 -9.00 12.78
CA LEU A 372 -24.14 -9.92 11.64
C LEU A 372 -23.66 -9.14 10.40
N ARG A 373 -23.47 -9.86 9.28
CA ARG A 373 -23.00 -9.25 8.04
C ARG A 373 -23.71 -9.84 6.82
N ARG A 374 -24.52 -9.00 6.17
CA ARG A 374 -25.07 -9.28 4.86
C ARG A 374 -23.91 -9.36 3.91
N GLY A 375 -22.98 -8.42 4.06
CA GLY A 375 -21.66 -8.58 3.49
C GLY A 375 -21.63 -8.47 1.99
N LEU A 376 -20.80 -9.31 1.36
CA LEU A 376 -20.57 -9.21 -0.07
C LEU A 376 -20.19 -7.77 -0.42
N ASP A 377 -19.42 -7.13 0.46
CA ASP A 377 -19.05 -5.72 0.31
C ASP A 377 -18.56 -5.48 -1.12
N PHE A 378 -17.69 -6.38 -1.58
CA PHE A 378 -17.18 -6.38 -2.96
C PHE A 378 -18.25 -6.19 -4.05
N PHE A 379 -19.46 -6.71 -3.85
CA PHE A 379 -20.53 -6.51 -4.84
C PHE A 379 -21.32 -5.24 -4.60
N GLN A 380 -22.09 -5.25 -3.50
CA GLN A 380 -23.02 -4.19 -3.13
C GLN A 380 -22.40 -3.32 -2.01
N SER A 381 -23.23 -2.58 -1.26
CA SER A 381 -22.75 -1.85 -0.07
C SER A 381 -22.80 -2.72 1.20
N PRO A 382 -21.85 -2.51 2.13
CA PRO A 382 -21.97 -3.16 3.43
C PRO A 382 -23.23 -2.74 4.18
N SER A 383 -23.70 -3.62 5.05
CA SER A 383 -24.84 -3.36 5.93
C SER A 383 -25.04 -4.54 6.88
N PHE A 384 -25.40 -4.25 8.11
CA PHE A 384 -25.66 -5.30 9.10
C PHE A 384 -27.02 -5.91 8.81
N CYS A 385 -27.14 -7.24 8.92
CA CYS A 385 -28.45 -7.88 8.89
C CYS A 385 -29.31 -7.26 9.98
N PRO A 386 -30.64 -7.14 9.74
CA PRO A 386 -31.37 -7.52 8.53
C PRO A 386 -31.41 -6.43 7.46
N ASN A 387 -31.28 -5.16 7.86
CA ASN A 387 -31.49 -4.04 6.93
C ASN A 387 -30.53 -4.01 5.72
N PRO A 388 -31.03 -3.55 4.56
CA PRO A 388 -30.30 -3.70 3.30
C PRO A 388 -29.13 -2.73 3.16
N PRO A 389 -28.21 -3.00 2.20
CA PRO A 389 -26.97 -2.29 1.90
C PRO A 389 -26.96 -0.77 2.13
N GLY A 390 -26.02 -0.31 2.95
CA GLY A 390 -25.90 1.13 3.25
C GLY A 390 -26.90 1.68 4.25
N LEU A 391 -28.15 1.20 4.16
CA LEU A 391 -29.22 1.69 5.02
C LEU A 391 -29.11 1.06 6.40
N GLU A 392 -29.60 1.77 7.44
CA GLU A 392 -29.45 1.34 8.85
C GLU A 392 -30.77 0.95 9.54
N ALA A 393 -31.91 1.05 8.83
CA ALA A 393 -33.15 0.46 9.31
C ALA A 393 -33.89 -0.23 8.17
N LEU A 394 -34.58 -1.31 8.51
CA LEU A 394 -35.31 -2.09 7.52
C LEU A 394 -36.75 -1.58 7.41
N SER A 395 -36.96 -0.56 6.60
CA SER A 395 -38.29 -0.01 6.40
C SER A 395 -39.21 -1.08 5.79
N PRO A 396 -40.39 -1.34 6.42
CA PRO A 396 -41.21 -2.50 6.01
C PRO A 396 -41.81 -2.45 4.60
N ASN A 397 -41.70 -1.30 3.91
CA ASN A 397 -42.09 -1.21 2.49
C ASN A 397 -41.39 -2.26 1.63
N THR A 398 -40.07 -2.44 1.84
CA THR A 398 -39.30 -3.49 1.19
C THR A 398 -39.05 -4.66 2.16
N SER A 399 -38.42 -5.73 1.68
CA SER A 399 -38.10 -6.89 2.51
C SER A 399 -36.59 -7.01 2.78
N CYS A 400 -36.21 -8.06 3.48
CA CYS A 400 -34.81 -8.39 3.77
C CYS A 400 -34.35 -9.51 2.82
N ARG A 401 -35.20 -10.53 2.72
CA ARG A 401 -34.96 -11.72 1.90
C ARG A 401 -34.89 -11.43 0.40
N HIS A 402 -35.29 -10.22 -0.02
CA HIS A 402 -35.18 -9.80 -1.41
C HIS A 402 -33.94 -8.94 -1.60
N PHE A 403 -32.85 -9.33 -0.92
CA PHE A 403 -31.55 -8.71 -1.13
C PHE A 403 -30.47 -9.78 -1.14
N PRO A 404 -29.38 -9.54 -1.89
CA PRO A 404 -28.25 -10.49 -1.90
C PRO A 404 -27.59 -10.60 -0.54
N LEU A 405 -27.17 -11.82 -0.16
CA LEU A 405 -26.47 -12.05 1.13
C LEU A 405 -25.47 -13.23 1.15
N LEU A 406 -24.70 -13.27 2.23
CA LEU A 406 -23.64 -14.25 2.43
C LEU A 406 -23.91 -14.97 3.72
N VAL A 407 -24.21 -16.26 3.61
CA VAL A 407 -24.49 -17.13 4.74
C VAL A 407 -23.20 -17.40 5.53
N SER A 408 -23.09 -16.80 6.72
CA SER A 408 -21.80 -16.73 7.44
C SER A 408 -21.23 -18.10 7.83
N SER A 409 -22.05 -18.92 8.51
CA SER A 409 -21.67 -20.30 8.77
C SER A 409 -21.14 -20.88 7.50
N SER A 410 -19.87 -21.27 7.50
CA SER A 410 -19.30 -21.93 6.32
C SER A 410 -19.70 -23.41 6.36
N PHE A 411 -19.39 -24.13 5.28
CA PHE A 411 -19.72 -25.55 5.18
C PHE A 411 -18.40 -26.30 5.17
N SER A 412 -18.25 -27.24 6.10
CA SER A 412 -16.96 -27.90 6.30
C SER A 412 -17.04 -29.40 6.13
N ARG A 413 -16.00 -29.96 5.52
CA ARG A 413 -15.90 -31.40 5.29
C ARG A 413 -14.44 -31.82 5.33
N VAL A 414 -14.19 -33.12 5.16
CA VAL A 414 -12.85 -33.69 5.21
C VAL A 414 -12.57 -34.53 3.96
N ASP A 415 -11.39 -34.39 3.37
CA ASP A 415 -11.02 -35.16 2.17
C ASP A 415 -11.56 -36.58 2.20
N LEU A 416 -12.13 -37.05 1.10
CA LEU A 416 -12.73 -38.40 1.05
C LEU A 416 -11.66 -39.46 0.94
N PHE A 417 -10.41 -39.04 0.81
CA PHE A 417 -9.32 -39.96 0.43
C PHE A 417 -8.12 -39.96 1.40
N ASN A 418 -8.36 -39.52 2.64
CA ASN A 418 -7.30 -39.26 3.62
C ASN A 418 -5.92 -39.09 2.98
N GLY A 419 -5.80 -38.07 2.15
CA GLY A 419 -4.50 -37.64 1.59
C GLY A 419 -3.75 -38.64 0.73
N LEU A 420 -4.41 -39.75 0.38
CA LEU A 420 -3.80 -40.81 -0.40
C LEU A 420 -3.53 -40.33 -1.80
N LEU A 421 -4.43 -39.52 -2.36
CA LEU A 421 -4.17 -38.95 -3.68
C LEU A 421 -2.66 -38.74 -3.83
N GLY A 422 -2.08 -37.97 -2.91
CA GLY A 422 -0.63 -37.79 -2.87
C GLY A 422 -0.14 -36.51 -3.51
N PRO A 423 0.99 -36.58 -4.24
CA PRO A 423 1.70 -35.36 -4.67
C PRO A 423 1.30 -34.73 -6.01
N VAL A 424 0.85 -35.54 -6.97
CA VAL A 424 0.54 -35.01 -8.32
C VAL A 424 -0.84 -34.37 -8.35
N GLN A 425 -0.84 -33.05 -8.53
CA GLN A 425 -2.05 -32.23 -8.48
C GLN A 425 -3.12 -32.80 -9.38
N VAL A 426 -4.35 -32.91 -8.88
CA VAL A 426 -5.48 -33.27 -9.73
C VAL A 426 -6.06 -32.01 -10.35
N THR A 427 -6.39 -32.13 -11.63
CA THR A 427 -6.72 -31.00 -12.48
C THR A 427 -8.12 -31.07 -13.08
N ALA A 428 -8.72 -32.26 -13.07
CA ALA A 428 -10.00 -32.47 -13.73
C ALA A 428 -10.74 -33.65 -13.14
N LEU A 429 -12.05 -33.45 -12.92
CA LEU A 429 -12.89 -34.43 -12.25
C LEU A 429 -14.14 -34.65 -13.09
N TYR A 430 -14.60 -35.90 -13.20
CA TYR A 430 -15.96 -36.15 -13.70
C TYR A 430 -16.56 -37.35 -12.99
N VAL A 431 -17.49 -37.11 -12.07
CA VAL A 431 -18.08 -38.19 -11.29
C VAL A 431 -19.29 -38.75 -12.01
N THR A 432 -19.35 -40.07 -12.11
CA THR A 432 -20.49 -40.76 -12.71
C THR A 432 -21.04 -41.74 -11.68
N ARG A 433 -21.96 -42.59 -12.12
CA ARG A 433 -22.56 -43.62 -11.29
C ARG A 433 -22.71 -44.89 -12.13
N LEU A 434 -21.61 -45.63 -12.26
CA LEU A 434 -21.61 -46.88 -13.01
C LEU A 434 -22.33 -47.94 -12.19
N ASP A 435 -23.56 -48.26 -12.61
CA ASP A 435 -24.47 -49.15 -11.89
C ASP A 435 -24.64 -48.72 -10.41
N ASN A 436 -24.62 -49.68 -9.48
CA ASN A 436 -24.88 -49.41 -8.06
C ASN A 436 -23.71 -48.75 -7.33
N VAL A 437 -22.52 -48.80 -7.93
CA VAL A 437 -21.36 -48.15 -7.33
C VAL A 437 -21.12 -46.84 -8.06
N THR A 438 -20.11 -46.11 -7.60
CA THR A 438 -19.86 -44.75 -8.03
C THR A 438 -18.35 -44.61 -8.23
N VAL A 439 -17.95 -43.74 -9.17
CA VAL A 439 -16.56 -43.64 -9.61
C VAL A 439 -16.17 -42.24 -10.03
N ALA A 440 -14.98 -41.80 -9.61
CA ALA A 440 -14.47 -40.48 -9.95
C ALA A 440 -13.38 -40.60 -11.03
N HIS A 441 -13.57 -39.89 -12.14
CA HIS A 441 -12.70 -39.99 -13.31
C HIS A 441 -11.68 -38.85 -13.37
N MET A 442 -10.67 -38.94 -12.52
CA MET A 442 -9.76 -37.83 -12.27
C MET A 442 -8.74 -37.66 -13.36
N GLY A 443 -8.38 -36.39 -13.63
CA GLY A 443 -7.26 -36.06 -14.50
C GLY A 443 -6.20 -35.27 -13.74
N THR A 444 -4.93 -35.60 -14.00
CA THR A 444 -3.79 -35.02 -13.28
C THR A 444 -2.97 -34.06 -14.11
N MET A 445 -2.12 -33.30 -13.43
CA MET A 445 -1.19 -32.40 -14.08
C MET A 445 -0.12 -33.16 -14.88
N ASP A 446 0.30 -34.32 -14.41
CA ASP A 446 1.41 -35.02 -15.09
C ASP A 446 0.94 -35.81 -16.29
N GLY A 447 -0.33 -35.65 -16.67
CA GLY A 447 -0.84 -36.14 -17.96
C GLY A 447 -1.31 -37.56 -17.88
N ARG A 448 -2.31 -37.78 -17.02
CA ARG A 448 -2.73 -39.12 -16.61
C ARG A 448 -4.18 -39.14 -16.13
N ILE A 449 -4.78 -40.32 -16.18
CA ILE A 449 -6.19 -40.47 -15.87
C ILE A 449 -6.35 -41.45 -14.72
N LEU A 450 -7.24 -41.13 -13.78
CA LEU A 450 -7.34 -41.85 -12.51
C LEU A 450 -8.77 -42.18 -12.27
N GLN A 451 -9.14 -43.38 -12.68
CA GLN A 451 -10.50 -43.84 -12.52
C GLN A 451 -10.41 -44.68 -11.28
N VAL A 452 -11.18 -44.27 -10.27
CA VAL A 452 -11.01 -44.72 -8.89
C VAL A 452 -12.37 -44.61 -8.26
N GLU A 453 -12.80 -45.67 -7.55
CA GLU A 453 -14.07 -45.66 -6.83
C GLU A 453 -14.13 -44.53 -5.80
N LEU A 454 -15.34 -44.06 -5.51
CA LEU A 454 -15.51 -42.91 -4.63
C LEU A 454 -16.22 -43.31 -3.33
N VAL A 455 -15.59 -44.22 -2.60
CA VAL A 455 -15.95 -44.58 -1.22
C VAL A 455 -14.98 -43.88 -0.30
N ARG A 456 -15.44 -43.36 0.84
CA ARG A 456 -14.52 -42.77 1.80
C ARG A 456 -13.44 -43.81 2.13
N SER A 457 -12.25 -43.63 1.55
CA SER A 457 -11.18 -44.64 1.64
C SER A 457 -10.22 -44.30 2.78
N LEU A 458 -9.90 -45.29 3.60
CA LEU A 458 -9.10 -45.04 4.80
C LEU A 458 -7.63 -45.21 4.51
N ASN A 459 -7.26 -46.38 4.01
CA ASN A 459 -5.86 -46.77 3.86
C ASN A 459 -5.38 -46.89 2.41
N TYR A 460 -6.26 -47.24 1.47
CA TYR A 460 -5.88 -47.20 0.06
C TYR A 460 -7.03 -46.91 -0.89
N LEU A 461 -6.67 -46.46 -2.09
CA LEU A 461 -7.63 -46.13 -3.14
C LEU A 461 -8.07 -47.38 -3.89
N LEU A 462 -9.35 -47.46 -4.22
CA LEU A 462 -9.87 -48.61 -4.97
C LEU A 462 -9.75 -48.30 -6.46
N TYR A 463 -8.59 -48.62 -7.00
CA TYR A 463 -8.26 -48.30 -8.38
C TYR A 463 -9.10 -49.06 -9.38
N VAL A 464 -9.57 -48.34 -10.38
CA VAL A 464 -10.17 -48.91 -11.59
C VAL A 464 -9.14 -48.79 -12.71
N SER A 465 -8.59 -47.60 -12.83
CA SER A 465 -7.53 -47.36 -13.75
C SER A 465 -6.69 -46.21 -13.25
N ASN A 466 -5.41 -46.28 -13.59
CA ASN A 466 -4.47 -45.18 -13.56
C ASN A 466 -3.59 -45.45 -14.77
N PHE A 467 -3.60 -44.54 -15.74
CA PHE A 467 -2.72 -44.64 -16.91
C PHE A 467 -2.49 -43.28 -17.56
N SER A 468 -1.47 -43.20 -18.41
CA SER A 468 -1.05 -41.96 -19.03
C SER A 468 -1.81 -41.76 -20.32
N LEU A 469 -2.48 -40.60 -20.45
CA LEU A 469 -3.17 -40.22 -21.70
C LEU A 469 -2.18 -39.85 -22.82
N GLY A 470 -1.91 -40.80 -23.70
CA GLY A 470 -0.93 -40.60 -24.73
C GLY A 470 0.51 -40.57 -24.21
N ASP A 471 1.36 -39.89 -24.97
CA ASP A 471 2.80 -39.89 -24.76
C ASP A 471 3.35 -38.50 -24.40
N SER A 472 2.61 -37.45 -24.73
CA SER A 472 3.11 -36.10 -24.55
C SER A 472 3.01 -35.59 -23.10
N GLY A 473 2.55 -36.43 -22.20
CA GLY A 473 2.55 -36.11 -20.76
C GLY A 473 2.30 -34.64 -20.46
N GLN A 474 1.02 -34.26 -20.40
CA GLN A 474 0.60 -32.87 -20.14
C GLN A 474 -0.71 -32.78 -19.33
N PRO A 475 -0.90 -31.66 -18.61
CA PRO A 475 -2.02 -31.62 -17.70
C PRO A 475 -3.38 -31.80 -18.38
N VAL A 476 -4.33 -32.41 -17.68
CA VAL A 476 -5.64 -32.75 -18.24
C VAL A 476 -6.63 -31.63 -17.97
N GLN A 477 -7.29 -31.15 -19.03
CA GLN A 477 -8.06 -29.93 -18.98
C GLN A 477 -9.21 -30.06 -18.00
N ARG A 478 -9.53 -28.95 -17.34
CA ARG A 478 -10.56 -28.92 -16.30
C ARG A 478 -11.89 -29.49 -16.80
N ASP A 479 -12.52 -28.81 -17.77
CA ASP A 479 -13.88 -29.14 -18.22
C ASP A 479 -13.94 -30.48 -18.98
N VAL A 480 -14.53 -31.49 -18.35
CA VAL A 480 -14.65 -32.83 -18.92
C VAL A 480 -16.09 -33.20 -19.22
N SER A 481 -16.30 -33.80 -20.39
CA SER A 481 -17.63 -33.99 -20.97
C SER A 481 -17.81 -35.46 -21.31
N ARG A 482 -18.99 -35.83 -21.81
CA ARG A 482 -19.38 -37.25 -21.87
C ARG A 482 -20.28 -37.60 -23.04
N LEU A 483 -20.15 -38.84 -23.51
CA LEU A 483 -20.99 -39.43 -24.53
C LEU A 483 -21.23 -40.88 -24.16
N GLY A 484 -22.44 -41.36 -24.35
CA GLY A 484 -22.81 -42.72 -23.94
C GLY A 484 -21.97 -43.21 -22.78
N ASP A 485 -21.03 -44.10 -23.07
CA ASP A 485 -20.17 -44.68 -22.04
C ASP A 485 -18.72 -44.31 -22.35
N HIS A 486 -18.47 -43.02 -22.48
CA HIS A 486 -17.20 -42.58 -23.01
C HIS A 486 -16.99 -41.13 -22.66
N LEU A 487 -16.13 -40.86 -21.69
CA LEU A 487 -15.87 -39.48 -21.28
C LEU A 487 -14.83 -38.91 -22.23
N LEU A 488 -14.84 -37.60 -22.39
CA LEU A 488 -13.82 -36.94 -23.18
C LEU A 488 -12.90 -36.17 -22.23
N PHE A 489 -11.61 -36.46 -22.29
CA PHE A 489 -10.60 -35.69 -21.58
C PHE A 489 -9.76 -34.95 -22.62
N ALA A 490 -9.12 -33.88 -22.20
CA ALA A 490 -8.27 -33.10 -23.11
C ALA A 490 -6.94 -32.79 -22.43
N SER A 491 -5.87 -32.78 -23.22
CA SER A 491 -4.55 -32.45 -22.69
C SER A 491 -3.66 -32.02 -23.84
N GLY A 492 -3.19 -30.78 -23.75
CA GLY A 492 -2.34 -30.20 -24.78
C GLY A 492 -3.17 -29.90 -25.99
N ASP A 493 -2.67 -30.26 -27.17
CA ASP A 493 -3.42 -30.08 -28.41
C ASP A 493 -4.22 -31.32 -28.81
N GLN A 494 -4.59 -32.17 -27.85
CA GLN A 494 -5.34 -33.39 -28.19
C GLN A 494 -6.55 -33.64 -27.29
N VAL A 495 -7.51 -34.40 -27.83
CA VAL A 495 -8.72 -34.78 -27.11
C VAL A 495 -8.83 -36.30 -27.10
N PHE A 496 -8.99 -36.88 -25.92
CA PHE A 496 -8.99 -38.33 -25.74
C PHE A 496 -10.38 -38.74 -25.25
N GLN A 497 -10.77 -39.97 -25.61
CA GLN A 497 -12.07 -40.47 -25.26
C GLN A 497 -11.85 -41.73 -24.42
N VAL A 498 -12.06 -41.61 -23.11
CA VAL A 498 -11.87 -42.72 -22.16
C VAL A 498 -13.18 -43.43 -21.85
N PRO A 499 -13.19 -44.78 -21.92
CA PRO A 499 -14.44 -45.42 -21.65
C PRO A 499 -14.71 -45.37 -20.16
N ILE A 500 -15.96 -45.20 -19.77
CA ILE A 500 -16.33 -45.05 -18.35
C ILE A 500 -15.87 -46.27 -17.51
N GLN A 501 -15.82 -47.43 -18.15
CA GLN A 501 -15.42 -48.69 -17.53
C GLN A 501 -13.89 -48.96 -17.63
N GLY A 502 -13.09 -47.91 -17.71
CA GLY A 502 -11.63 -48.06 -17.78
C GLY A 502 -11.12 -48.96 -18.91
N PRO A 503 -10.11 -48.50 -19.66
CA PRO A 503 -9.73 -49.16 -20.92
C PRO A 503 -9.49 -50.67 -20.84
N GLY A 504 -8.49 -51.11 -20.08
CA GLY A 504 -8.14 -52.53 -20.06
C GLY A 504 -8.36 -53.20 -18.72
N CYS A 505 -7.87 -54.42 -18.62
CA CYS A 505 -7.74 -55.09 -17.34
C CYS A 505 -6.30 -55.59 -17.14
N ARG A 506 -5.34 -55.02 -17.88
CA ARG A 506 -3.97 -55.52 -17.95
C ARG A 506 -3.00 -54.81 -16.98
N HIS A 507 -3.53 -54.08 -16.01
CA HIS A 507 -2.68 -53.56 -14.95
C HIS A 507 -2.80 -54.47 -13.74
N PHE A 508 -3.98 -55.05 -13.51
CA PHE A 508 -4.14 -56.00 -12.42
C PHE A 508 -3.29 -57.21 -12.75
N LEU A 509 -2.15 -57.29 -12.06
CA LEU A 509 -1.13 -58.28 -12.35
C LEU A 509 -1.40 -59.65 -11.73
N THR A 510 -2.43 -59.78 -10.89
CA THR A 510 -2.72 -61.05 -10.24
C THR A 510 -4.19 -61.41 -10.32
N CYS A 511 -4.43 -62.67 -10.63
CA CYS A 511 -5.78 -63.26 -10.54
C CYS A 511 -6.53 -62.85 -9.26
N GLY A 512 -5.79 -62.60 -8.18
CA GLY A 512 -6.34 -61.98 -6.98
C GLY A 512 -7.11 -60.73 -7.34
N ARG A 513 -6.39 -59.61 -7.44
CA ARG A 513 -7.01 -58.32 -7.76
C ARG A 513 -7.91 -58.47 -8.96
N CYS A 514 -7.43 -59.21 -9.97
CA CYS A 514 -8.13 -59.30 -11.26
C CYS A 514 -9.59 -59.71 -11.07
N LEU A 515 -9.83 -60.83 -10.40
CA LEU A 515 -11.20 -61.30 -10.19
C LEU A 515 -11.92 -60.58 -9.04
N ARG A 516 -11.25 -59.61 -8.40
CA ARG A 516 -11.91 -58.71 -7.44
C ARG A 516 -12.40 -57.45 -8.11
N ALA A 517 -12.20 -57.38 -9.43
CA ALA A 517 -12.62 -56.22 -10.24
C ALA A 517 -14.13 -56.04 -10.22
N TRP A 518 -14.57 -54.79 -10.23
CA TRP A 518 -16.00 -54.47 -10.16
C TRP A 518 -16.62 -54.83 -11.52
N HIS A 519 -17.36 -55.94 -11.56
CA HIS A 519 -17.98 -56.48 -12.79
C HIS A 519 -17.70 -55.71 -14.10
N PHE A 520 -18.29 -54.52 -14.23
CA PHE A 520 -18.31 -53.75 -15.49
C PHE A 520 -17.01 -53.68 -16.27
N MET A 521 -15.89 -53.82 -15.58
CA MET A 521 -14.58 -53.80 -16.23
C MET A 521 -14.41 -54.95 -17.22
N GLY A 522 -15.19 -56.00 -17.02
CA GLY A 522 -15.12 -57.15 -17.90
C GLY A 522 -13.91 -58.02 -17.58
N CYS A 523 -13.25 -57.76 -16.46
CA CYS A 523 -11.98 -58.41 -16.16
C CYS A 523 -12.13 -59.90 -15.86
N GLY A 524 -11.44 -60.73 -16.64
CA GLY A 524 -11.29 -62.16 -16.34
C GLY A 524 -9.82 -62.54 -16.36
N TRP A 525 -9.49 -63.67 -15.74
CA TRP A 525 -8.08 -64.15 -15.64
C TRP A 525 -7.77 -65.20 -16.70
N CYS A 526 -6.94 -64.84 -17.67
CA CYS A 526 -6.71 -65.69 -18.86
C CYS A 526 -5.79 -66.91 -18.71
N GLY A 527 -5.26 -67.13 -17.51
CA GLY A 527 -4.04 -67.94 -17.31
C GLY A 527 -2.92 -67.19 -16.56
N ASN A 528 -1.98 -66.61 -17.29
CA ASN A 528 -0.88 -65.87 -16.67
C ASN A 528 -0.92 -64.39 -17.05
N MET A 529 -2.12 -63.84 -17.16
CA MET A 529 -2.37 -62.40 -17.27
C MET A 529 -3.87 -62.14 -17.10
N CYS A 530 -4.23 -60.88 -16.80
CA CYS A 530 -5.63 -60.47 -16.71
C CYS A 530 -5.98 -59.69 -18.00
N GLY A 531 -7.27 -59.46 -18.23
CA GLY A 531 -7.72 -58.86 -19.49
C GLY A 531 -9.17 -59.14 -19.82
N GLN A 532 -9.77 -58.27 -20.61
CA GLN A 532 -11.14 -58.48 -21.09
C GLN A 532 -11.23 -59.78 -21.90
N GLN A 533 -12.43 -60.18 -22.31
CA GLN A 533 -12.59 -61.37 -23.16
C GLN A 533 -11.91 -61.24 -24.52
N LYS A 534 -11.95 -60.03 -25.08
CA LYS A 534 -11.37 -59.83 -26.41
C LYS A 534 -9.95 -60.41 -26.47
N GLU A 535 -9.15 -60.13 -25.43
CA GLU A 535 -7.69 -60.31 -25.49
C GLU A 535 -7.21 -61.76 -25.35
N CYS A 536 -8.11 -62.67 -24.97
CA CYS A 536 -7.77 -64.11 -24.89
C CYS A 536 -8.99 -64.95 -24.55
N PRO A 537 -9.98 -64.99 -25.47
CA PRO A 537 -11.24 -65.67 -25.21
C PRO A 537 -11.19 -67.19 -25.47
N GLY A 538 -10.01 -67.76 -25.67
CA GLY A 538 -9.82 -69.21 -25.55
C GLY A 538 -9.93 -69.62 -24.08
N SER A 539 -9.17 -68.94 -23.22
CA SER A 539 -9.00 -69.32 -21.80
C SER A 539 -9.47 -68.29 -20.75
N TRP A 540 -10.12 -67.22 -21.20
CA TRP A 540 -10.73 -66.23 -20.29
C TRP A 540 -11.77 -66.87 -19.34
N GLN A 541 -11.54 -66.83 -18.02
CA GLN A 541 -12.54 -67.25 -17.02
C GLN A 541 -12.61 -66.30 -15.84
N GLN A 542 -13.81 -66.12 -15.28
CA GLN A 542 -14.17 -65.04 -14.33
C GLN A 542 -14.57 -65.58 -12.93
N ASP A 543 -14.29 -66.86 -12.68
CA ASP A 543 -14.86 -67.60 -11.56
C ASP A 543 -13.80 -68.09 -10.59
N HIS A 544 -12.95 -69.04 -11.03
CA HIS A 544 -11.94 -69.66 -10.13
C HIS A 544 -10.52 -69.04 -10.17
N CYS A 545 -9.70 -69.37 -9.17
CA CYS A 545 -8.40 -68.70 -8.94
C CYS A 545 -7.55 -69.39 -7.85
N PRO A 546 -6.28 -69.73 -8.16
CA PRO A 546 -5.54 -70.73 -7.38
C PRO A 546 -4.66 -70.19 -6.24
N PRO A 547 -4.65 -70.88 -5.07
CA PRO A 547 -4.02 -70.33 -3.90
C PRO A 547 -2.50 -70.24 -4.04
N LYS A 548 -1.96 -69.12 -3.58
CA LYS A 548 -0.56 -68.79 -3.71
C LYS A 548 0.11 -68.93 -2.35
N LEU A 549 0.96 -69.95 -2.21
CA LEU A 549 1.77 -70.14 -1.01
C LEU A 549 3.06 -69.31 -1.08
N THR A 550 3.33 -68.54 -0.03
CA THR A 550 4.48 -67.62 -0.04
C THR A 550 5.66 -68.09 0.84
N GLU A 551 5.38 -68.46 2.09
CA GLU A 551 6.40 -69.08 2.95
C GLU A 551 5.79 -69.81 4.14
N PHE A 552 6.66 -70.26 5.05
CA PHE A 552 6.26 -70.92 6.29
C PHE A 552 7.25 -70.64 7.46
N HIS A 553 6.87 -71.02 8.68
CA HIS A 553 7.65 -70.67 9.89
C HIS A 553 8.71 -71.70 10.31
N PRO A 554 8.30 -72.91 10.75
CA PRO A 554 9.35 -73.87 11.08
C PRO A 554 9.82 -74.53 9.80
N HIS A 555 11.06 -74.24 9.40
CA HIS A 555 11.56 -74.62 8.07
C HIS A 555 12.38 -75.91 8.06
N SER A 556 12.37 -76.66 9.16
CA SER A 556 13.01 -77.99 9.22
C SER A 556 12.67 -78.68 10.53
N GLY A 557 11.92 -79.79 10.45
CA GLY A 557 11.42 -80.53 11.62
C GLY A 557 11.86 -82.00 11.73
N PRO A 558 11.66 -82.59 12.92
CA PRO A 558 12.07 -83.99 13.15
C PRO A 558 11.09 -85.06 12.65
N LEU A 559 11.60 -86.28 12.54
CA LEU A 559 10.79 -87.49 12.38
C LEU A 559 10.41 -87.97 13.79
N SER A 562 3.86 -83.71 16.04
CA SER A 562 4.75 -82.76 16.71
C SER A 562 5.49 -81.87 15.70
N THR A 563 4.86 -80.75 15.34
CA THR A 563 5.53 -79.64 14.63
C THR A 563 4.48 -78.66 14.08
N ARG A 564 4.40 -77.49 14.73
CA ARG A 564 3.35 -76.51 14.47
C ARG A 564 3.70 -75.62 13.27
N LEU A 565 3.61 -76.19 12.07
CA LEU A 565 3.88 -75.42 10.86
C LEU A 565 2.87 -74.29 10.79
N THR A 566 3.33 -73.11 10.40
CA THR A 566 2.41 -72.03 10.12
C THR A 566 2.61 -71.65 8.65
N LEU A 567 1.69 -72.12 7.81
CA LEU A 567 1.66 -71.77 6.41
C LEU A 567 1.26 -70.31 6.26
N CYS A 568 1.87 -69.64 5.30
CA CYS A 568 1.73 -68.21 5.16
C CYS A 568 1.68 -67.91 3.66
N GLY A 569 0.54 -67.41 3.18
CA GLY A 569 0.35 -67.11 1.76
C GLY A 569 -0.90 -66.27 1.55
N SER A 570 -1.52 -66.38 0.38
CA SER A 570 -2.79 -65.72 0.11
C SER A 570 -3.80 -66.68 -0.53
N ASN A 571 -5.03 -66.20 -0.72
CA ASN A 571 -6.17 -67.00 -1.20
C ASN A 571 -6.43 -68.26 -0.33
N PHE A 572 -6.34 -68.10 1.00
CA PHE A 572 -6.47 -69.21 1.97
C PHE A 572 -7.82 -69.26 2.69
N TYR A 573 -8.13 -68.15 3.36
CA TYR A 573 -9.29 -68.08 4.24
C TYR A 573 -10.50 -67.74 3.35
N LEU A 574 -11.61 -67.32 3.96
CA LEU A 574 -12.82 -67.08 3.18
C LEU A 574 -12.63 -65.97 2.13
N HIS A 575 -12.85 -64.72 2.55
CA HIS A 575 -13.13 -63.62 1.64
C HIS A 575 -12.97 -62.28 2.36
N PRO A 581 -13.40 -68.39 8.68
CA PRO A 581 -12.21 -68.32 7.87
C PRO A 581 -12.28 -69.33 6.74
N GLU A 582 -12.16 -70.62 7.04
CA GLU A 582 -12.29 -71.66 6.03
C GLU A 582 -12.48 -73.02 6.70
N GLY A 583 -11.38 -73.61 7.15
CA GLY A 583 -11.41 -74.91 7.81
C GLY A 583 -12.02 -75.98 6.92
N THR A 584 -12.96 -76.74 7.49
CA THR A 584 -13.57 -77.92 6.85
C THR A 584 -12.63 -78.77 5.96
N HIS A 585 -12.17 -78.23 4.84
CA HIS A 585 -11.43 -79.04 3.87
C HIS A 585 -10.44 -78.25 3.00
N GLN A 586 -9.16 -78.46 3.30
CA GLN A 586 -8.00 -78.11 2.45
C GLN A 586 -6.88 -79.10 2.76
N VAL A 587 -6.32 -79.76 1.76
CA VAL A 587 -5.25 -80.74 2.00
C VAL A 587 -3.91 -80.02 2.15
N THR A 588 -3.00 -80.62 2.92
CA THR A 588 -1.59 -80.17 2.99
C THR A 588 -0.64 -81.38 3.09
N VAL A 589 0.35 -81.42 2.19
CA VAL A 589 1.26 -82.56 2.09
C VAL A 589 2.71 -82.09 2.28
N GLY A 590 3.10 -81.91 3.54
CA GLY A 590 4.44 -81.40 3.87
C GLY A 590 5.52 -82.46 3.82
N GLN A 591 5.70 -83.05 2.63
CA GLN A 591 6.54 -84.26 2.39
C GLN A 591 5.77 -85.59 2.54
N SER A 592 4.51 -85.47 2.96
CA SER A 592 3.69 -86.54 3.55
C SER A 592 2.83 -85.84 4.62
N PRO A 593 1.77 -86.50 5.15
CA PRO A 593 0.66 -85.83 5.87
C PRO A 593 1.03 -84.80 6.91
N CYS A 594 0.26 -83.71 6.95
CA CYS A 594 0.37 -82.69 8.00
C CYS A 594 -0.92 -82.73 8.85
N ARG A 595 -1.77 -81.69 8.79
CA ARG A 595 -3.08 -81.66 9.48
C ARG A 595 -3.51 -80.22 9.82
N PRO A 596 -4.53 -79.68 9.10
CA PRO A 596 -5.07 -78.31 9.32
C PRO A 596 -5.79 -78.08 10.65
N LEU A 597 -5.34 -77.08 11.40
CA LEU A 597 -5.97 -76.67 12.67
C LEU A 597 -6.34 -75.18 12.68
N PRO A 598 -7.57 -74.84 13.11
CA PRO A 598 -8.00 -73.46 13.25
C PRO A 598 -7.47 -72.84 14.52
N PHE A 612 -1.34 -57.28 3.38
CA PHE A 612 -2.15 -58.39 2.87
C PHE A 612 -1.46 -59.74 3.12
N VAL A 613 -2.05 -60.56 3.99
CA VAL A 613 -1.59 -61.93 4.26
C VAL A 613 -2.74 -62.76 4.81
N GLU A 614 -2.65 -64.08 4.68
CA GLU A 614 -3.59 -65.00 5.32
C GLU A 614 -2.82 -66.19 5.82
N GLU A 615 -2.66 -66.28 7.15
CA GLU A 615 -1.86 -67.32 7.77
C GLU A 615 -2.71 -68.55 8.15
N PHE A 616 -2.10 -69.48 8.89
CA PHE A 616 -2.66 -70.81 9.07
C PHE A 616 -1.75 -71.55 10.03
N GLU A 617 -2.23 -72.65 10.61
CA GLU A 617 -1.40 -73.50 11.46
C GLU A 617 -1.66 -74.97 11.10
N CYS A 618 -0.59 -75.73 10.96
CA CYS A 618 -0.67 -77.10 10.49
C CYS A 618 0.24 -78.00 11.32
N GLU A 619 -0.33 -78.76 12.25
CA GLU A 619 0.46 -79.73 13.01
C GLU A 619 0.67 -80.96 12.14
N LEU A 620 1.92 -81.42 12.01
CA LEU A 620 2.23 -82.54 11.11
C LEU A 620 2.63 -83.82 11.83
N GLU A 621 2.79 -84.88 11.03
CA GLU A 621 3.02 -86.24 11.54
C GLU A 621 4.20 -86.93 10.83
N PRO A 622 4.72 -88.02 11.43
CA PRO A 622 5.66 -88.88 10.71
C PRO A 622 4.93 -89.35 9.44
N LEU A 623 5.54 -90.10 8.51
CA LEU A 623 6.71 -90.93 8.69
C LEU A 623 7.75 -90.71 7.56
N GLY A 624 8.73 -91.62 7.50
CA GLY A 624 9.52 -91.88 6.30
C GLY A 624 10.37 -90.68 5.99
N THR A 625 10.10 -90.06 4.85
CA THR A 625 10.71 -88.78 4.47
C THR A 625 12.18 -88.70 4.89
N PRO A 630 15.50 -82.89 2.05
CA PRO A 630 14.87 -81.59 1.95
C PRO A 630 13.64 -81.66 1.04
N THR A 631 12.57 -82.24 1.58
CA THR A 631 11.32 -82.36 0.87
C THR A 631 10.70 -80.99 0.68
N ASN A 632 9.69 -80.96 -0.20
CA ASN A 632 8.83 -79.80 -0.49
C ASN A 632 7.70 -79.65 0.54
N VAL A 633 6.85 -78.64 0.35
CA VAL A 633 5.68 -78.36 1.22
C VAL A 633 4.50 -77.87 0.39
N SER A 634 3.57 -78.77 0.05
CA SER A 634 2.44 -78.45 -0.87
C SER A 634 1.09 -78.33 -0.19
N LEU A 635 0.32 -77.34 -0.61
CA LEU A 635 -1.03 -77.05 -0.10
C LEU A 635 -2.01 -77.24 -1.24
N THR A 636 -3.20 -77.78 -0.97
CA THR A 636 -4.21 -77.94 -2.02
C THR A 636 -5.68 -77.76 -1.56
N VAL A 637 -6.29 -76.67 -2.04
CA VAL A 637 -7.72 -76.40 -1.89
C VAL A 637 -8.55 -77.04 -3.04
N THR A 638 -9.50 -77.90 -2.67
CA THR A 638 -10.39 -78.54 -3.62
C THR A 638 -11.82 -78.46 -3.11
N ASN A 639 -12.77 -78.92 -3.93
CA ASN A 639 -14.20 -78.95 -3.54
C ASN A 639 -14.55 -77.82 -2.56
N MET A 640 -14.34 -76.57 -3.00
CA MET A 640 -14.52 -75.39 -2.15
C MET A 640 -15.65 -74.50 -2.70
N PRO A 641 -16.48 -73.96 -1.79
CA PRO A 641 -17.58 -73.14 -2.24
C PRO A 641 -17.14 -71.74 -2.74
N PRO A 642 -17.95 -71.13 -3.62
CA PRO A 642 -17.84 -69.73 -4.06
C PRO A 642 -17.38 -68.73 -3.00
N GLY A 643 -16.50 -67.82 -3.41
CA GLY A 643 -16.20 -66.62 -2.64
C GLY A 643 -17.12 -65.52 -3.16
N LYS A 644 -17.26 -64.44 -2.39
CA LYS A 644 -18.03 -63.28 -2.83
C LYS A 644 -17.70 -62.98 -4.29
N HIS A 645 -16.44 -62.63 -4.56
CA HIS A 645 -15.99 -62.25 -5.90
C HIS A 645 -15.67 -63.48 -6.77
N PHE A 646 -14.85 -64.39 -6.28
CA PHE A 646 -14.27 -65.48 -7.09
C PHE A 646 -14.00 -66.72 -6.25
N ARG A 647 -13.70 -67.84 -6.90
CA ARG A 647 -13.57 -69.13 -6.20
C ARG A 647 -12.11 -69.61 -6.05
N VAL A 648 -11.81 -70.21 -4.89
CA VAL A 648 -10.44 -70.69 -4.60
C VAL A 648 -10.32 -72.18 -4.82
N ASP A 649 -9.42 -72.57 -5.70
CA ASP A 649 -9.11 -73.98 -5.95
C ASP A 649 -7.73 -74.07 -6.59
N GLY A 650 -6.95 -75.10 -6.24
CA GLY A 650 -5.65 -75.35 -6.86
C GLY A 650 -4.55 -75.73 -5.89
N THR A 651 -3.34 -75.90 -6.40
CA THR A 651 -2.20 -76.25 -5.56
C THR A 651 -1.01 -75.34 -5.85
N SER A 652 -0.28 -74.93 -4.82
CA SER A 652 1.01 -74.31 -5.01
C SER A 652 1.96 -74.93 -4.02
N VAL A 653 3.16 -75.23 -4.50
CA VAL A 653 4.15 -76.05 -3.81
C VAL A 653 5.45 -75.29 -3.60
N LEU A 654 5.86 -75.16 -2.35
CA LEU A 654 7.12 -74.50 -2.04
C LEU A 654 8.14 -75.53 -1.61
N ARG A 655 9.42 -75.21 -1.83
CA ARG A 655 10.51 -76.07 -1.36
C ARG A 655 11.09 -75.58 -0.03
N GLY A 656 12.10 -76.28 0.45
CA GLY A 656 12.93 -75.77 1.53
C GLY A 656 12.43 -76.16 2.91
N PHE A 657 12.25 -77.46 3.12
CA PHE A 657 11.95 -78.03 4.44
C PHE A 657 12.71 -79.33 4.64
N SER A 658 13.76 -79.27 5.47
CA SER A 658 14.65 -80.40 5.72
C SER A 658 14.07 -81.40 6.75
N PHE A 659 14.71 -82.56 6.85
CA PHE A 659 14.33 -83.60 7.84
C PHE A 659 15.45 -83.89 8.86
N MET A 660 15.04 -84.11 10.12
CA MET A 660 15.98 -84.28 11.26
C MET A 660 15.70 -85.59 12.01
N GLU A 661 16.75 -86.19 12.57
CA GLU A 661 16.61 -87.43 13.34
C GLU A 661 17.22 -87.27 14.74
N GLN B 6 -24.83 29.95 -14.15
CA GLN B 6 -23.81 28.85 -14.09
C GLN B 6 -22.97 28.88 -12.78
N CYS B 7 -21.66 28.58 -12.89
CA CYS B 7 -20.83 28.08 -11.76
C CYS B 7 -20.04 29.17 -10.99
N PRO B 8 -20.23 29.25 -9.65
CA PRO B 8 -19.47 30.17 -8.79
C PRO B 8 -18.15 29.57 -8.27
N ARG B 9 -17.41 30.37 -7.51
CA ARG B 9 -16.08 29.95 -7.02
C ARG B 9 -15.84 30.38 -5.56
N THR B 10 -15.44 29.40 -4.74
CA THR B 10 -15.23 29.59 -3.28
C THR B 10 -13.73 29.82 -2.99
N PRO B 11 -13.41 30.93 -2.30
CA PRO B 11 -11.99 31.25 -2.10
C PRO B 11 -11.33 30.34 -1.06
N TYR B 12 -10.18 29.79 -1.43
CA TYR B 12 -9.46 28.85 -0.59
C TYR B 12 -9.35 29.16 0.91
N ALA B 13 -9.62 30.41 1.29
CA ALA B 13 -9.88 30.74 2.68
C ALA B 13 -11.22 30.07 3.03
N ALA B 14 -12.12 30.77 3.72
CA ALA B 14 -13.47 30.23 3.94
C ALA B 14 -13.39 28.73 4.29
N SER B 15 -12.41 28.43 5.15
CA SER B 15 -12.04 27.07 5.52
C SER B 15 -11.02 27.23 6.65
N ARG B 16 -10.03 28.10 6.39
CA ARG B 16 -9.19 28.65 7.44
C ARG B 16 -10.04 29.64 8.27
N ASP B 17 -9.97 29.52 9.58
CA ASP B 17 -10.39 30.59 10.49
C ASP B 17 -9.31 30.72 11.58
N PHE B 18 -8.42 31.70 11.39
CA PHE B 18 -7.24 31.86 12.23
C PHE B 18 -7.53 32.69 13.46
N ASP B 19 -8.78 33.14 13.58
CA ASP B 19 -9.26 33.83 14.79
C ASP B 19 -9.46 32.88 15.99
N VAL B 20 -9.30 31.57 15.80
CA VAL B 20 -9.41 30.66 16.94
C VAL B 20 -8.14 30.70 17.80
N LYS B 21 -8.36 30.90 19.10
CA LYS B 21 -7.32 31.12 20.10
C LYS B 21 -6.92 29.81 20.79
N TYR B 22 -5.61 29.64 20.99
CA TYR B 22 -5.04 28.53 21.77
C TYR B 22 -4.20 29.05 22.95
N VAL B 23 -4.29 28.37 24.09
CA VAL B 23 -3.75 28.90 25.35
C VAL B 23 -2.25 28.56 25.52
N VAL B 24 -1.87 27.32 25.21
CA VAL B 24 -0.45 26.89 25.17
C VAL B 24 0.45 27.41 26.33
N PRO B 25 1.00 26.50 27.17
CA PRO B 25 1.77 26.87 28.35
C PRO B 25 2.77 27.99 28.13
N SER B 26 3.05 28.76 29.18
CA SER B 26 3.99 29.87 29.07
C SER B 26 4.73 30.10 30.40
N PHE B 27 5.47 31.20 30.49
CA PHE B 27 6.29 31.49 31.68
C PHE B 27 6.40 33.00 31.78
N SER B 28 5.90 33.58 32.88
CA SER B 28 6.02 35.03 33.06
C SER B 28 7.48 35.30 33.39
N ALA B 29 8.01 36.37 32.82
CA ALA B 29 9.42 36.69 33.04
C ALA B 29 9.61 37.40 34.36
N GLY B 30 9.10 38.62 34.40
CA GLY B 30 9.49 39.61 35.40
C GLY B 30 9.61 40.94 34.69
N GLY B 31 10.00 40.86 33.41
CA GLY B 31 10.04 42.03 32.54
C GLY B 31 10.31 41.55 31.13
N LEU B 32 10.60 42.48 30.23
CA LEU B 32 10.85 42.18 28.82
C LEU B 32 12.02 41.23 28.62
N VAL B 33 11.83 40.20 27.79
CA VAL B 33 12.83 39.15 27.60
C VAL B 33 13.98 39.68 26.74
N GLN B 34 15.22 39.47 27.19
CA GLN B 34 16.39 39.99 26.48
C GLN B 34 17.13 38.93 25.66
N ALA B 35 16.90 37.65 25.95
CA ALA B 35 17.48 36.54 25.17
C ALA B 35 17.05 35.19 25.74
N MET B 36 17.23 34.12 24.99
CA MET B 36 17.12 32.78 25.59
C MET B 36 17.87 31.73 24.80
N VAL B 37 18.20 30.66 25.53
CA VAL B 37 18.93 29.54 24.99
C VAL B 37 18.63 28.31 25.84
N THR B 38 18.69 27.14 25.23
CA THR B 38 18.11 25.93 25.80
C THR B 38 19.03 24.73 25.71
N TYR B 39 19.08 23.92 26.75
CA TYR B 39 19.98 22.76 26.82
C TYR B 39 19.24 21.44 26.53
N GLU B 40 19.94 20.48 25.93
CA GLU B 40 19.37 19.16 25.68
C GLU B 40 20.44 18.12 25.93
N GLY B 41 20.87 18.03 27.18
CA GLY B 41 21.91 17.10 27.59
C GLY B 41 21.63 15.63 27.31
N ASP B 42 22.55 14.78 27.78
CA ASP B 42 22.58 13.36 27.43
C ASP B 42 21.50 12.58 28.14
N ARG B 43 21.59 12.50 29.47
CA ARG B 43 20.65 11.73 30.30
C ARG B 43 19.21 12.27 30.16
N ASN B 44 18.74 12.34 28.90
CA ASN B 44 17.49 13.02 28.56
C ASN B 44 17.19 14.28 29.43
N GLU B 45 18.28 14.91 29.93
CA GLU B 45 18.18 16.10 30.79
C GLU B 45 18.07 17.32 29.88
N SER B 46 17.64 18.45 30.44
CA SER B 46 17.29 19.61 29.61
C SER B 46 16.96 20.81 30.46
N ALA B 47 17.16 22.00 29.89
CA ALA B 47 16.74 23.22 30.53
C ALA B 47 16.32 24.28 29.49
N VAL B 48 15.94 25.44 29.99
CA VAL B 48 15.56 26.54 29.16
C VAL B 48 16.00 27.75 29.98
N PHE B 49 16.88 28.58 29.42
CA PHE B 49 17.47 29.68 30.16
C PHE B 49 16.99 30.96 29.50
N VAL B 50 16.40 31.81 30.31
CA VAL B 50 15.64 32.95 29.83
C VAL B 50 16.11 34.19 30.60
N ALA B 51 16.62 35.20 29.91
CA ALA B 51 17.23 36.33 30.61
C ALA B 51 16.33 37.54 30.58
N ILE B 52 16.55 38.45 31.53
CA ILE B 52 15.90 39.77 31.55
C ILE B 52 16.92 40.86 31.94
N ARG B 53 16.45 42.06 32.29
CA ARG B 53 17.33 43.13 32.76
C ARG B 53 17.79 42.82 34.19
N ASN B 54 19.00 42.30 34.32
CA ASN B 54 19.61 42.08 35.64
C ASN B 54 19.15 40.81 36.38
N ARG B 55 18.38 39.95 35.72
CA ARG B 55 18.09 38.64 36.27
C ARG B 55 18.34 37.58 35.21
N LEU B 56 18.57 36.35 35.65
CA LEU B 56 18.76 35.19 34.78
C LEU B 56 17.88 34.06 35.26
N HIS B 57 17.11 33.47 34.34
CA HIS B 57 16.07 32.50 34.71
C HIS B 57 16.33 31.11 34.17
N VAL B 58 16.66 30.17 35.04
CA VAL B 58 16.77 28.77 34.63
C VAL B 58 15.45 28.11 34.76
N LEU B 59 15.01 27.45 33.69
CA LEU B 59 13.67 26.81 33.65
C LEU B 59 13.79 25.31 33.48
N GLY B 60 12.79 24.60 33.98
CA GLY B 60 12.69 23.17 33.78
C GLY B 60 12.21 22.88 32.37
N PRO B 61 12.00 21.59 32.04
CA PRO B 61 11.35 21.23 30.77
C PRO B 61 9.83 21.51 30.70
N ASP B 62 9.28 22.32 31.61
CA ASP B 62 7.89 22.78 31.53
C ASP B 62 7.78 24.27 31.81
N LEU B 63 8.81 25.02 31.47
CA LEU B 63 8.83 26.48 31.73
C LEU B 63 8.47 26.87 33.18
N LYS B 64 8.87 26.03 34.13
CA LYS B 64 8.73 26.34 35.55
C LYS B 64 10.11 26.79 36.10
N SER B 65 10.19 28.02 36.61
CA SER B 65 11.47 28.59 37.08
C SER B 65 11.96 27.90 38.33
N VAL B 66 12.90 26.95 38.16
CA VAL B 66 13.54 26.28 39.31
C VAL B 66 14.60 27.16 40.04
N GLN B 67 15.45 27.83 39.27
CA GLN B 67 16.46 28.70 39.82
C GLN B 67 16.43 30.00 39.05
N SER B 68 16.43 31.12 39.77
CA SER B 68 16.63 32.43 39.18
C SER B 68 17.89 32.96 39.82
N LEU B 69 18.50 33.98 39.22
CA LEU B 69 19.78 34.46 39.70
C LEU B 69 19.99 35.88 39.21
N ALA B 70 20.56 36.72 40.08
CA ALA B 70 20.71 38.14 39.82
C ALA B 70 21.99 38.43 39.06
N THR B 71 21.84 39.00 37.87
CA THR B 71 22.96 39.31 36.96
C THR B 71 23.35 40.77 37.01
N GLY B 72 22.69 41.51 37.90
CA GLY B 72 22.93 42.95 38.09
C GLY B 72 21.99 43.48 39.16
N PRO B 73 22.00 44.82 39.39
CA PRO B 73 22.88 45.82 38.78
C PRO B 73 24.31 45.80 39.31
N ALA B 74 25.25 46.26 38.50
CA ALA B 74 26.65 46.37 38.92
C ALA B 74 26.81 47.52 39.93
N GLY B 75 27.73 47.34 40.87
CA GLY B 75 27.90 48.28 41.99
C GLY B 75 26.72 48.19 42.96
N ASP B 76 26.39 46.96 43.38
CA ASP B 76 25.20 46.71 44.17
C ASP B 76 25.17 45.27 44.72
N PRO B 77 25.43 45.10 46.04
CA PRO B 77 25.66 43.79 46.67
C PRO B 77 24.52 42.77 46.55
N GLY B 78 24.21 42.35 45.33
CA GLY B 78 23.28 41.24 45.09
C GLY B 78 23.66 40.30 43.95
N CYS B 79 24.02 40.88 42.81
CA CYS B 79 24.20 40.09 41.59
C CYS B 79 25.37 39.16 41.69
N GLN B 80 25.09 37.86 41.68
CA GLN B 80 26.11 36.88 41.97
C GLN B 80 27.28 36.98 40.98
N THR B 81 26.97 36.95 39.68
CA THR B 81 28.00 37.09 38.65
C THR B 81 29.00 38.18 39.04
N CYS B 82 28.50 39.37 39.34
CA CYS B 82 29.38 40.52 39.66
C CYS B 82 30.23 40.26 40.89
N ALA B 83 29.63 39.64 41.90
CA ALA B 83 30.31 39.30 43.15
C ALA B 83 31.36 38.18 42.97
N ALA B 84 31.10 37.25 42.04
CA ALA B 84 32.07 36.18 41.76
C ALA B 84 33.31 36.70 41.06
N CYS B 85 33.22 37.89 40.47
CA CYS B 85 34.43 38.56 39.99
C CYS B 85 35.42 38.82 41.13
N GLY B 86 34.90 38.93 42.35
CA GLY B 86 35.72 38.87 43.57
C GLY B 86 35.73 40.14 44.42
N PRO B 87 36.87 40.45 45.05
CA PRO B 87 37.04 41.73 45.76
C PRO B 87 37.05 42.93 44.81
N GLY B 88 36.16 43.89 45.06
CA GLY B 88 35.96 45.04 44.16
C GLY B 88 37.16 45.97 44.04
N PRO B 89 37.00 47.09 43.33
CA PRO B 89 35.77 47.55 42.69
C PRO B 89 35.50 46.80 41.39
N HIS B 90 34.23 46.63 41.08
CA HIS B 90 33.80 46.09 39.79
C HIS B 90 32.76 47.05 39.23
N GLY B 91 33.15 47.87 38.26
CA GLY B 91 32.29 48.92 37.68
C GLY B 91 32.63 49.31 36.24
N PRO B 92 32.00 50.39 35.71
CA PRO B 92 31.13 51.34 36.40
C PRO B 92 29.77 50.75 36.74
N PRO B 93 29.01 51.42 37.62
CA PRO B 93 27.69 50.93 38.03
C PRO B 93 26.64 51.20 36.96
N GLY B 94 25.55 50.44 37.02
CA GLY B 94 24.47 50.53 36.04
C GLY B 94 23.75 49.20 35.90
N ASP B 95 22.86 49.11 34.91
CA ASP B 95 22.10 47.90 34.69
C ASP B 95 22.85 46.95 33.74
N THR B 96 22.77 45.65 34.03
CA THR B 96 23.41 44.60 33.24
C THR B 96 22.41 44.03 32.23
N ASP B 97 22.50 44.46 30.96
CA ASP B 97 21.58 43.98 29.90
C ASP B 97 22.19 42.85 29.04
N THR B 98 21.52 41.70 29.02
CA THR B 98 22.11 40.41 28.60
C THR B 98 22.22 40.22 27.10
N LYS B 99 23.40 40.49 26.55
CA LYS B 99 23.63 40.44 25.08
C LYS B 99 24.05 39.08 24.52
N VAL B 100 24.39 38.15 25.40
CA VAL B 100 24.78 36.82 24.96
C VAL B 100 24.32 35.80 25.97
N LEU B 101 23.78 34.69 25.47
CA LEU B 101 23.39 33.57 26.32
C LEU B 101 23.67 32.29 25.52
N VAL B 102 24.85 31.73 25.71
CA VAL B 102 25.36 30.71 24.80
C VAL B 102 25.96 29.61 25.60
N LEU B 103 25.74 28.36 25.19
CA LEU B 103 26.28 27.27 25.98
C LEU B 103 27.27 26.44 25.21
N ASP B 104 28.24 25.91 25.97
CA ASP B 104 29.38 25.19 25.44
C ASP B 104 29.14 23.72 25.74
N PRO B 105 28.72 22.95 24.71
CA PRO B 105 28.25 21.61 25.03
C PRO B 105 29.32 20.68 25.63
N ALA B 106 30.59 20.98 25.40
CA ALA B 106 31.68 20.05 25.77
C ALA B 106 31.95 19.89 27.29
N LEU B 107 31.72 20.94 28.07
CA LEU B 107 32.04 20.93 29.50
C LEU B 107 31.11 19.98 30.27
N PRO B 108 29.80 20.25 30.29
CA PRO B 108 29.05 21.38 29.75
C PRO B 108 29.08 22.62 30.64
N ALA B 109 28.56 23.72 30.12
CA ALA B 109 28.64 25.01 30.79
C ALA B 109 27.81 26.02 30.01
N LEU B 110 27.22 26.99 30.70
CA LEU B 110 26.51 28.09 30.04
C LEU B 110 27.28 29.40 30.21
N VAL B 111 27.24 30.23 29.17
CA VAL B 111 27.87 31.54 29.15
C VAL B 111 26.80 32.64 29.28
N SER B 112 27.20 33.81 29.76
CA SER B 112 26.32 34.97 29.78
C SER B 112 27.14 36.25 29.83
N CYS B 113 26.97 37.11 28.82
CA CYS B 113 27.78 38.31 28.70
C CYS B 113 26.85 39.49 28.49
N GLY B 114 26.96 40.52 29.35
CA GLY B 114 26.10 41.69 29.30
C GLY B 114 26.84 43.02 29.23
N SER B 115 26.08 44.11 29.12
CA SER B 115 26.65 45.44 28.83
C SER B 115 27.14 46.18 30.06
N SER B 116 27.22 45.51 31.18
CA SER B 116 27.98 46.02 32.32
C SER B 116 29.40 45.47 32.22
N LEU B 117 30.29 45.98 33.06
CA LEU B 117 31.59 45.34 33.29
C LEU B 117 32.33 45.02 31.97
N GLN B 118 32.66 46.08 31.22
CA GLN B 118 33.50 46.01 30.02
C GLN B 118 33.23 44.81 29.13
N GLY B 119 32.00 44.31 29.19
CA GLY B 119 31.56 43.22 28.34
C GLY B 119 32.12 41.88 28.72
N ARG B 120 32.43 41.70 30.01
CA ARG B 120 33.00 40.41 30.41
C ARG B 120 31.91 39.33 30.36
N CYS B 121 32.34 38.10 30.12
CA CYS B 121 31.41 36.98 30.05
C CYS B 121 31.39 36.32 31.41
N PHE B 122 30.68 35.21 31.54
CA PHE B 122 30.54 34.56 32.81
C PHE B 122 30.17 33.10 32.51
N LEU B 123 30.75 32.20 33.30
CA LEU B 123 30.58 30.79 33.05
C LEU B 123 29.72 30.19 34.16
N HIS B 124 28.92 29.18 33.79
CA HIS B 124 27.95 28.57 34.71
C HIS B 124 27.95 27.06 34.48
N ASP B 125 28.94 26.37 35.04
CA ASP B 125 28.97 24.90 34.98
C ASP B 125 27.56 24.36 35.23
N LEU B 126 27.04 23.56 34.29
CA LEU B 126 25.67 23.02 34.43
C LEU B 126 25.62 21.86 35.43
N GLU B 127 24.71 21.95 36.41
CA GLU B 127 24.52 20.94 37.44
C GLU B 127 23.21 20.17 37.23
N PRO B 128 23.28 18.93 36.72
CA PRO B 128 22.10 18.09 36.44
C PRO B 128 21.08 17.76 37.56
N GLN B 129 19.93 17.27 37.10
CA GLN B 129 18.82 16.81 37.93
C GLN B 129 17.95 15.88 37.06
N GLY B 130 17.12 15.05 37.68
CA GLY B 130 16.19 14.18 36.96
C GLY B 130 15.30 14.99 36.00
N THR B 131 15.68 15.00 34.72
CA THR B 131 15.04 15.85 33.71
C THR B 131 14.92 17.31 34.19
N ALA B 132 16.04 17.85 34.65
CA ALA B 132 16.15 19.24 35.13
C ALA B 132 17.62 19.65 35.31
N VAL B 133 17.91 20.95 35.38
CA VAL B 133 19.30 21.42 35.44
C VAL B 133 19.45 22.67 36.30
N HIS B 134 20.39 22.61 37.24
CA HIS B 134 20.77 23.78 38.04
C HIS B 134 22.03 24.41 37.48
N LEU B 135 22.19 25.71 37.69
CA LEU B 135 23.42 26.39 37.30
C LEU B 135 24.31 26.70 38.51
N ALA B 136 25.32 25.87 38.72
CA ALA B 136 26.27 26.11 39.82
C ALA B 136 26.91 27.52 39.75
N ALA B 137 27.29 28.07 40.90
CA ALA B 137 27.55 29.51 41.03
C ALA B 137 28.59 29.94 40.00
N PRO B 138 28.53 31.22 39.58
CA PRO B 138 29.29 31.66 38.41
C PRO B 138 30.78 31.84 38.70
N ALA B 139 31.56 31.99 37.62
CA ALA B 139 33.02 32.20 37.71
C ALA B 139 33.52 33.23 36.69
N CYS B 140 33.62 34.49 37.11
CA CYS B 140 34.06 35.65 36.28
C CYS B 140 35.18 35.34 35.29
N LEU B 141 34.92 35.62 33.99
CA LEU B 141 35.87 35.32 32.91
C LEU B 141 36.66 36.57 32.51
N PHE B 142 37.51 37.01 33.43
CA PHE B 142 38.24 38.24 33.27
C PHE B 142 39.49 38.18 34.17
N SER B 143 40.64 37.85 33.57
CA SER B 143 41.88 37.79 34.34
C SER B 143 42.36 39.20 34.66
N ALA B 144 42.71 39.41 35.93
CA ALA B 144 43.17 40.71 36.40
C ALA B 144 44.40 41.16 35.64
N HIS B 145 45.45 40.35 35.68
CA HIS B 145 46.78 40.79 35.25
C HIS B 145 47.04 40.71 33.74
N HIS B 146 46.14 40.09 32.99
CA HIS B 146 46.26 40.01 31.53
C HIS B 146 45.55 41.12 30.77
N ASN B 147 44.58 41.79 31.41
CA ASN B 147 43.74 42.81 30.76
C ASN B 147 44.22 44.25 30.92
N ARG B 148 43.91 45.08 29.91
CA ARG B 148 44.30 46.50 29.90
C ARG B 148 43.45 47.30 28.88
N PRO B 149 43.41 48.64 29.00
CA PRO B 149 42.51 49.43 28.18
C PRO B 149 42.86 49.50 26.68
N ASP B 150 44.12 49.21 26.33
CA ASP B 150 44.54 49.10 24.93
C ASP B 150 44.55 47.64 24.46
N ASP B 151 44.28 46.71 25.39
CA ASP B 151 44.17 45.30 25.08
C ASP B 151 43.44 44.54 26.20
N CYS B 152 42.13 44.36 26.02
CA CYS B 152 41.31 43.52 26.87
C CYS B 152 40.86 42.35 26.01
N PRO B 153 41.61 41.25 26.04
CA PRO B 153 41.18 40.00 25.39
C PRO B 153 39.84 39.39 25.88
N ASP B 154 39.43 39.70 27.10
CA ASP B 154 38.26 39.07 27.71
C ASP B 154 36.96 39.83 27.43
N CYS B 155 37.05 40.91 26.65
CA CYS B 155 35.89 41.75 26.38
C CYS B 155 35.05 41.16 25.25
N VAL B 156 34.20 40.20 25.56
CA VAL B 156 33.41 39.52 24.53
C VAL B 156 32.17 40.34 24.10
N ALA B 157 31.41 40.81 25.09
CA ALA B 157 30.11 41.47 24.87
C ALA B 157 30.20 42.98 24.60
N SER B 158 29.52 43.42 23.54
CA SER B 158 29.37 44.85 23.25
C SER B 158 28.01 45.27 23.77
N PRO B 159 27.86 46.56 24.18
CA PRO B 159 26.52 47.01 24.59
C PRO B 159 25.64 47.28 23.37
N LEU B 160 26.29 47.35 22.20
CA LEU B 160 25.65 47.58 20.90
C LEU B 160 25.27 46.28 20.20
N GLY B 161 25.00 45.21 20.93
CA GLY B 161 24.56 43.96 20.32
C GLY B 161 25.71 43.13 19.76
N THR B 162 25.74 41.85 20.14
CA THR B 162 26.84 40.96 19.78
C THR B 162 26.31 39.54 19.60
N ARG B 163 27.05 38.70 18.88
CA ARG B 163 26.73 37.28 18.76
C ARG B 163 27.98 36.44 18.91
N VAL B 164 27.79 35.20 19.35
CA VAL B 164 28.90 34.30 19.61
C VAL B 164 28.50 32.86 19.28
N THR B 165 29.39 32.18 18.55
CA THR B 165 29.23 30.75 18.26
C THR B 165 30.42 30.03 18.84
N VAL B 166 30.13 28.95 19.57
CA VAL B 166 31.10 28.26 20.39
C VAL B 166 31.46 26.96 19.69
N VAL B 167 32.77 26.68 19.60
CA VAL B 167 33.26 25.58 18.79
C VAL B 167 34.37 24.77 19.48
N GLU B 168 34.23 23.46 19.41
CA GLU B 168 35.20 22.54 19.96
C GLU B 168 36.30 22.29 18.91
N GLN B 169 37.53 22.66 19.22
CA GLN B 169 38.65 22.21 18.41
C GLN B 169 39.69 21.52 19.27
N GLY B 170 39.81 20.22 19.09
CA GLY B 170 40.78 19.45 19.81
C GLY B 170 40.29 19.05 21.18
N GLN B 171 40.73 19.79 22.19
CA GLN B 171 40.33 19.53 23.57
C GLN B 171 40.08 20.83 24.35
N ALA B 172 39.95 21.94 23.62
CA ALA B 172 39.56 23.21 24.22
C ALA B 172 38.53 23.93 23.34
N SER B 173 37.80 24.86 23.94
CA SER B 173 36.62 25.49 23.35
C SER B 173 36.95 26.85 22.76
N TYR B 174 36.59 27.03 21.48
CA TYR B 174 36.86 28.26 20.72
C TYR B 174 35.61 29.10 20.49
N PHE B 175 35.79 30.40 20.63
CA PHE B 175 34.71 31.37 20.65
C PHE B 175 34.82 32.27 19.44
N TYR B 176 34.15 31.89 18.36
CA TYR B 176 34.05 32.80 17.23
C TYR B 176 33.06 33.90 17.63
N VAL B 177 33.37 35.15 17.28
CA VAL B 177 32.79 36.31 17.95
C VAL B 177 32.68 37.55 17.06
N ALA B 178 31.49 38.12 17.00
CA ALA B 178 31.26 39.33 16.23
C ALA B 178 30.43 40.34 17.01
N SER B 179 30.87 41.59 16.95
CA SER B 179 30.30 42.67 17.71
C SER B 179 30.24 43.94 16.89
N SER B 180 29.20 44.73 17.13
CA SER B 180 29.08 46.04 16.54
C SER B 180 29.85 46.99 17.45
N LEU B 181 30.42 48.04 16.87
CA LEU B 181 31.25 49.03 17.60
C LEU B 181 31.02 50.46 17.09
N ASP B 182 31.44 51.42 17.89
CA ASP B 182 31.30 52.85 17.58
C ASP B 182 32.51 53.60 18.17
N ALA B 183 32.35 54.86 18.58
CA ALA B 183 33.43 55.58 19.26
C ALA B 183 33.50 55.20 20.75
N ALA B 184 32.33 55.17 21.39
CA ALA B 184 32.22 54.92 22.84
C ALA B 184 32.48 53.48 23.24
N VAL B 185 32.83 52.63 22.27
CA VAL B 185 33.12 51.23 22.55
C VAL B 185 34.58 50.91 22.18
N ALA B 186 34.92 51.14 20.91
CA ALA B 186 36.29 50.98 20.41
C ALA B 186 37.31 51.91 21.08
N GLY B 187 36.86 53.11 21.47
CA GLY B 187 37.68 54.06 22.22
C GLY B 187 38.66 53.36 23.14
N SER B 188 38.16 52.51 24.05
CA SER B 188 39.02 51.75 24.97
C SER B 188 38.30 50.59 25.69
N PHE B 189 39.04 49.51 25.96
CA PHE B 189 38.48 48.26 26.50
C PHE B 189 37.49 47.72 25.50
N SER B 190 37.97 47.61 24.27
CA SER B 190 37.15 47.29 23.10
C SER B 190 36.88 45.81 23.02
N PRO B 191 35.70 45.43 22.53
CA PRO B 191 35.45 44.02 22.27
C PRO B 191 36.01 43.59 20.94
N ARG B 192 36.17 44.54 20.02
CA ARG B 192 36.76 44.26 18.72
C ARG B 192 35.76 43.52 17.83
N SER B 193 35.48 44.05 16.63
CA SER B 193 34.47 43.44 15.75
C SER B 193 34.60 41.91 15.68
N VAL B 194 35.55 41.39 14.91
CA VAL B 194 35.64 39.92 14.76
C VAL B 194 36.83 39.40 15.53
N SER B 195 36.67 38.21 16.13
CA SER B 195 37.77 37.54 16.82
C SER B 195 37.47 36.07 17.11
N ILE B 196 38.53 35.29 17.30
CA ILE B 196 38.46 33.87 17.68
C ILE B 196 39.32 33.68 18.91
N ARG B 197 38.76 33.09 19.95
CA ARG B 197 39.40 33.11 21.25
C ARG B 197 39.31 31.76 21.96
N ARG B 198 40.45 31.20 22.32
CA ARG B 198 40.43 29.99 23.14
C ARG B 198 40.01 30.38 24.57
N LEU B 199 39.18 29.54 25.18
CA LEU B 199 38.83 29.69 26.60
C LEU B 199 39.85 28.90 27.42
N LYS B 200 40.58 29.60 28.29
CA LYS B 200 41.63 28.98 29.11
C LYS B 200 41.08 27.87 30.00
N ALA B 201 41.77 26.73 30.02
CA ALA B 201 41.30 25.55 30.73
C ALA B 201 41.07 25.80 32.23
N ASP B 202 41.72 26.82 32.79
CA ASP B 202 41.55 27.16 34.20
C ASP B 202 40.44 28.21 34.41
N ALA B 203 39.48 28.31 33.49
CA ALA B 203 38.33 29.20 33.67
C ALA B 203 38.66 30.69 33.94
N SER B 204 39.94 31.07 33.94
CA SER B 204 40.28 32.46 34.31
C SER B 204 39.91 33.45 33.21
N GLY B 205 39.63 32.96 31.99
CA GLY B 205 39.13 33.80 30.90
C GLY B 205 39.50 33.36 29.50
N PHE B 206 40.26 34.21 28.80
CA PHE B 206 40.57 33.99 27.39
C PHE B 206 42.07 34.27 27.09
N ALA B 207 42.72 33.31 26.44
CA ALA B 207 44.15 33.44 26.09
C ALA B 207 44.43 34.74 25.32
N PRO B 208 45.46 35.52 25.71
CA PRO B 208 45.69 36.80 25.03
C PRO B 208 46.34 36.62 23.65
N GLY B 209 46.67 37.72 23.01
CA GLY B 209 47.26 37.67 21.67
C GLY B 209 46.25 37.85 20.54
N PHE B 210 45.44 36.83 20.29
CA PHE B 210 44.68 36.61 19.04
C PHE B 210 44.52 37.78 18.07
N VAL B 211 44.76 37.52 16.79
CA VAL B 211 44.43 38.53 15.78
C VAL B 211 42.92 38.68 15.79
N ALA B 212 42.47 39.94 15.71
CA ALA B 212 41.06 40.29 15.67
C ALA B 212 40.91 41.47 14.74
N LEU B 213 39.70 41.69 14.25
CA LEU B 213 39.41 42.78 13.32
C LEU B 213 38.50 43.84 13.98
N SER B 214 38.67 45.08 13.54
CA SER B 214 37.93 46.19 14.13
C SER B 214 37.78 47.27 13.09
N VAL B 215 36.54 47.70 12.83
CA VAL B 215 36.30 48.76 11.83
C VAL B 215 37.24 49.89 12.20
N LEU B 216 38.02 50.32 11.23
CA LEU B 216 39.12 51.27 11.48
C LEU B 216 38.65 52.60 12.09
N PRO B 217 39.55 53.32 12.80
CA PRO B 217 39.20 54.58 13.48
C PRO B 217 38.33 55.54 12.66
N LYS B 218 38.70 55.83 11.41
CA LYS B 218 37.91 56.75 10.58
C LYS B 218 36.42 56.35 10.49
N HIS B 219 36.13 55.05 10.31
CA HIS B 219 34.75 54.57 10.11
C HIS B 219 34.05 54.01 11.36
N LEU B 220 34.47 54.40 12.56
CA LEU B 220 33.79 53.94 13.78
C LEU B 220 32.40 54.57 13.89
N VAL B 221 32.21 55.75 13.31
CA VAL B 221 31.01 56.54 13.59
C VAL B 221 29.84 56.12 12.68
N SER B 222 29.99 56.26 11.36
CA SER B 222 28.91 55.93 10.40
C SER B 222 28.68 54.40 10.29
N TYR B 223 29.73 53.71 9.81
CA TYR B 223 29.64 52.33 9.30
C TYR B 223 29.35 51.24 10.36
N SER B 224 28.25 51.37 11.11
CA SER B 224 27.93 50.38 12.17
C SER B 224 27.32 49.10 11.59
N ILE B 225 27.83 47.97 12.03
CA ILE B 225 27.44 46.68 11.51
C ILE B 225 26.57 45.97 12.56
N GLU B 226 25.37 45.51 12.17
CA GLU B 226 24.55 44.72 13.10
C GLU B 226 24.93 43.26 12.84
N TYR B 227 24.83 42.43 13.86
CA TYR B 227 25.08 40.99 13.68
C TYR B 227 23.84 40.20 14.06
N VAL B 228 22.98 39.99 13.06
CA VAL B 228 21.66 39.34 13.17
C VAL B 228 21.66 37.86 13.58
N HIS B 229 22.69 37.12 13.21
CA HIS B 229 22.67 35.67 13.42
C HIS B 229 24.04 35.09 13.09
N SER B 230 24.35 33.96 13.74
CA SER B 230 25.62 33.27 13.55
C SER B 230 25.45 31.80 13.88
N PHE B 231 26.17 30.94 13.18
CA PHE B 231 26.01 29.50 13.39
C PHE B 231 27.24 28.69 12.97
N HIS B 232 27.21 27.40 13.33
CA HIS B 232 28.24 26.46 12.93
C HIS B 232 27.58 25.35 12.16
N THR B 233 28.11 25.08 10.98
CA THR B 233 27.77 23.89 10.24
C THR B 233 28.87 23.55 9.27
N GLY B 234 28.93 22.26 8.92
CA GLY B 234 29.98 21.77 8.05
C GLY B 234 31.32 22.02 8.71
N ALA B 235 32.24 22.64 8.01
CA ALA B 235 33.54 22.95 8.60
C ALA B 235 33.73 24.45 8.62
N PHE B 236 32.71 25.19 9.04
CA PHE B 236 32.75 26.65 8.98
C PHE B 236 31.82 27.32 9.97
N VAL B 237 32.34 28.33 10.66
CA VAL B 237 31.49 29.25 11.39
C VAL B 237 31.11 30.28 10.39
N TYR B 238 29.80 30.61 10.31
CA TYR B 238 29.29 31.68 9.42
C TYR B 238 28.66 32.81 10.22
N PHE B 239 28.79 34.04 9.73
CA PHE B 239 28.33 35.24 10.43
C PHE B 239 27.42 36.12 9.58
N LEU B 240 26.17 36.29 9.98
CA LEU B 240 25.17 36.97 9.17
C LEU B 240 24.95 38.45 9.55
N THR B 241 25.02 39.36 8.56
CA THR B 241 25.20 40.81 8.79
C THR B 241 24.19 41.74 8.14
N VAL B 242 24.27 43.02 8.48
CA VAL B 242 23.44 44.06 7.89
C VAL B 242 24.25 45.37 7.95
N GLN B 243 24.81 45.78 6.82
CA GLN B 243 25.65 46.97 6.82
C GLN B 243 25.56 47.73 5.52
N PRO B 244 25.97 49.02 5.55
CA PRO B 244 26.12 49.87 4.36
C PRO B 244 26.89 49.22 3.21
N ALA B 245 26.43 49.50 1.98
CA ALA B 245 26.98 48.87 0.75
C ALA B 245 28.33 49.45 0.29
N SER B 246 28.82 50.46 0.98
CA SER B 246 30.08 51.06 0.61
C SER B 246 30.51 52.01 1.70
N VAL B 247 31.79 52.31 1.68
CA VAL B 247 32.39 53.17 2.67
C VAL B 247 32.08 54.64 2.35
N THR B 248 32.07 54.99 1.06
CA THR B 248 31.79 56.35 0.61
C THR B 248 30.33 56.62 0.22
N ASP B 249 29.50 55.58 0.10
CA ASP B 249 28.07 55.77 -0.20
C ASP B 249 27.31 56.14 1.07
N ASP B 250 26.03 56.48 0.91
CA ASP B 250 25.18 56.92 2.02
C ASP B 250 25.12 55.90 3.16
N PRO B 251 25.46 56.31 4.39
CA PRO B 251 25.27 55.44 5.57
C PRO B 251 23.85 54.89 5.75
N SER B 252 22.87 55.52 5.09
CA SER B 252 21.52 54.98 4.96
C SER B 252 21.37 54.25 3.63
N ALA B 253 22.01 53.09 3.53
CA ALA B 253 22.02 52.27 2.31
C ALA B 253 22.44 50.86 2.68
N LEU B 254 21.65 50.28 3.58
CA LEU B 254 22.00 49.02 4.20
C LEU B 254 21.87 47.87 3.21
N HIS B 255 22.51 46.75 3.55
CA HIS B 255 22.49 45.55 2.72
C HIS B 255 23.17 44.39 3.46
N THR B 256 22.48 43.25 3.50
CA THR B 256 22.90 42.05 4.20
C THR B 256 24.07 41.38 3.53
N ARG B 257 25.03 40.90 4.32
CA ARG B 257 26.13 40.01 3.83
C ARG B 257 26.29 38.77 4.71
N LEU B 258 27.01 37.79 4.19
CA LEU B 258 27.37 36.59 4.92
C LEU B 258 28.89 36.54 5.06
N ALA B 259 29.39 36.59 6.30
CA ALA B 259 30.82 36.51 6.58
C ALA B 259 31.18 35.13 7.08
N ARG B 260 32.22 34.53 6.52
CA ARG B 260 32.59 33.16 6.87
C ARG B 260 33.98 33.03 7.49
N LEU B 261 34.17 31.96 8.25
CA LEU B 261 35.46 31.65 8.85
C LEU B 261 35.50 30.13 9.00
N SER B 262 36.69 29.56 9.05
CA SER B 262 36.82 28.13 9.23
C SER B 262 36.36 27.78 10.63
N ALA B 263 35.82 26.57 10.77
CA ALA B 263 35.38 26.06 12.06
C ALA B 263 36.43 25.15 12.69
N THR B 264 37.53 24.92 11.97
CA THR B 264 38.63 24.08 12.45
C THR B 264 39.98 24.83 12.50
N GLU B 265 39.98 26.12 12.10
CA GLU B 265 41.22 26.86 11.84
C GLU B 265 41.11 28.28 12.37
N PRO B 266 41.40 28.47 13.67
CA PRO B 266 41.32 29.75 14.37
C PRO B 266 42.10 30.90 13.73
N GLU B 267 41.70 31.33 12.54
CA GLU B 267 42.29 32.55 11.97
C GLU B 267 41.44 33.31 10.97
N LEU B 268 41.63 34.62 10.99
CA LEU B 268 40.85 35.54 10.22
C LEU B 268 41.48 35.71 8.84
N GLY B 269 42.64 35.09 8.66
CA GLY B 269 43.29 35.04 7.36
C GLY B 269 42.37 34.60 6.23
N ASP B 270 41.32 33.86 6.55
CA ASP B 270 40.32 33.45 5.59
C ASP B 270 38.96 34.14 5.81
N TYR B 271 38.97 35.40 6.22
CA TYR B 271 37.71 36.09 6.48
C TYR B 271 37.05 36.43 5.17
N ARG B 272 36.28 35.47 4.66
CA ARG B 272 35.48 35.66 3.44
C ARG B 272 34.13 36.37 3.74
N GLU B 273 33.71 37.28 2.87
CA GLU B 273 32.42 37.98 3.01
C GLU B 273 31.62 37.97 1.71
N LEU B 274 30.39 37.50 1.75
CA LEU B 274 29.56 37.40 0.55
C LEU B 274 28.35 38.29 0.71
N VAL B 275 27.91 38.88 -0.39
CA VAL B 275 26.72 39.74 -0.35
C VAL B 275 25.48 38.95 -0.77
N LEU B 276 24.60 38.70 0.21
CA LEU B 276 23.29 38.09 -0.07
C LEU B 276 22.43 39.19 -0.66
N ASP B 277 21.39 38.77 -1.40
CA ASP B 277 20.54 39.72 -2.09
C ASP B 277 19.26 39.07 -2.57
N CYS B 278 18.20 39.25 -1.79
CA CYS B 278 16.88 38.67 -2.03
C CYS B 278 16.04 39.80 -2.54
N ARG B 279 15.04 39.45 -3.35
CA ARG B 279 14.12 40.42 -3.92
C ARG B 279 12.75 39.82 -4.13
N PHE B 280 11.77 40.69 -4.38
CA PHE B 280 10.37 40.30 -4.68
C PHE B 280 10.12 40.37 -6.19
N ALA B 281 9.46 39.35 -6.73
CA ALA B 281 9.19 39.26 -8.18
C ALA B 281 7.70 39.07 -8.46
N PRO B 282 6.95 40.18 -8.59
CA PRO B 282 5.48 40.12 -8.66
C PRO B 282 4.83 40.09 -10.06
N LYS B 283 5.43 39.40 -11.02
CA LYS B 283 4.94 39.41 -12.42
C LYS B 283 5.09 40.81 -13.06
N LEU B 284 4.31 41.77 -12.57
CA LEU B 284 4.28 43.13 -13.13
C LEU B 284 5.65 43.82 -13.02
N VAL B 285 6.27 43.74 -11.84
CA VAL B 285 7.53 44.45 -11.51
C VAL B 285 7.23 45.92 -11.23
N PRO B 286 7.36 46.36 -9.96
CA PRO B 286 6.98 47.72 -9.54
C PRO B 286 7.94 48.79 -10.06
N ARG B 287 7.66 50.05 -9.71
CA ARG B 287 8.33 51.20 -10.34
C ARG B 287 9.85 51.23 -10.21
N GLY B 288 10.35 51.75 -9.08
CA GLY B 288 11.78 51.94 -8.90
C GLY B 288 12.48 50.64 -8.56
N SER B 289 12.60 49.75 -9.53
CA SER B 289 13.28 48.47 -9.34
C SER B 289 13.87 47.93 -10.66
N PRO B 290 15.07 47.33 -10.62
CA PRO B 290 15.85 47.08 -11.83
C PRO B 290 15.64 45.70 -12.47
N GLU B 291 14.41 45.40 -12.90
CA GLU B 291 14.08 44.05 -13.40
C GLU B 291 14.39 43.00 -12.33
N GLY B 292 14.35 41.71 -12.69
CA GLY B 292 14.68 40.64 -11.73
C GLY B 292 13.72 40.58 -10.55
N GLY B 293 13.70 41.66 -9.77
CA GLY B 293 12.69 41.86 -8.75
C GLY B 293 12.84 43.24 -8.13
N GLN B 294 12.13 43.46 -7.01
CA GLN B 294 12.35 44.62 -6.16
C GLN B 294 13.17 44.19 -4.92
N PRO B 295 14.25 44.90 -4.61
CA PRO B 295 15.17 44.49 -3.55
C PRO B 295 14.67 44.73 -2.11
N TYR B 296 14.75 43.66 -1.31
CA TYR B 296 14.61 43.69 0.16
C TYR B 296 16.01 43.43 0.71
N PRO B 297 16.77 44.50 0.98
CA PRO B 297 18.19 44.33 1.27
C PRO B 297 18.56 44.24 2.77
N VAL B 298 17.57 44.27 3.65
CA VAL B 298 17.79 44.23 5.09
C VAL B 298 17.20 42.97 5.70
N LEU B 299 18.06 42.09 6.19
CA LEU B 299 17.66 40.86 6.88
C LEU B 299 17.23 41.17 8.32
N GLN B 300 16.10 40.60 8.75
CA GLN B 300 15.54 40.84 10.09
C GLN B 300 15.64 39.61 11.01
N VAL B 301 16.06 38.49 10.44
CA VAL B 301 16.31 37.24 11.16
C VAL B 301 16.74 36.23 10.10
N ALA B 302 17.34 35.10 10.51
CA ALA B 302 17.61 34.00 9.58
C ALA B 302 17.79 32.71 10.33
N HIS B 303 17.65 31.58 9.63
CA HIS B 303 17.86 30.28 10.27
C HIS B 303 18.29 29.19 9.30
N SER B 304 19.33 28.44 9.63
CA SER B 304 19.84 27.39 8.76
C SER B 304 19.29 26.06 9.20
N ALA B 305 19.02 25.16 8.23
CA ALA B 305 18.36 23.90 8.53
C ALA B 305 18.35 22.97 7.33
N PRO B 306 18.21 21.65 7.58
CA PRO B 306 18.19 20.73 6.48
C PRO B 306 16.78 20.68 5.93
N VAL B 307 16.67 20.36 4.66
CA VAL B 307 15.43 20.53 3.90
C VAL B 307 14.82 19.15 3.55
N GLY B 308 13.56 19.14 3.12
CA GLY B 308 12.84 17.88 2.81
C GLY B 308 13.02 17.47 1.37
N ALA B 309 12.33 16.40 0.95
CA ALA B 309 12.40 15.96 -0.46
C ALA B 309 11.82 17.04 -1.33
N GLN B 310 10.53 17.28 -1.12
CA GLN B 310 9.74 18.18 -1.96
C GLN B 310 10.28 19.62 -2.05
N LEU B 311 11.18 20.00 -1.13
CA LEU B 311 11.83 21.31 -1.18
C LEU B 311 13.20 21.22 -1.83
N ALA B 312 13.92 20.12 -1.63
CA ALA B 312 15.21 19.95 -2.29
C ALA B 312 15.08 20.02 -3.81
N THR B 313 14.05 19.36 -4.35
CA THR B 313 13.76 19.35 -5.77
C THR B 313 13.65 20.78 -6.33
N GLU B 314 12.68 21.53 -5.81
CA GLU B 314 12.72 22.96 -5.93
C GLU B 314 14.08 23.30 -5.36
N LEU B 315 14.60 24.49 -5.61
CA LEU B 315 15.99 24.83 -5.19
C LEU B 315 17.12 24.01 -5.84
N SER B 316 16.79 22.88 -6.49
CA SER B 316 17.77 22.03 -7.17
C SER B 316 18.89 21.63 -6.23
N ILE B 317 18.59 20.77 -5.26
CA ILE B 317 19.59 20.26 -4.32
C ILE B 317 19.13 18.89 -3.88
N ALA B 318 19.85 18.28 -2.93
CA ALA B 318 19.45 16.95 -2.46
C ALA B 318 18.84 17.05 -1.07
N GLU B 319 17.89 16.15 -0.77
CA GLU B 319 17.33 16.06 0.61
C GLU B 319 18.49 16.05 1.60
N GLY B 320 18.26 16.54 2.81
CA GLY B 320 19.29 16.52 3.88
C GLY B 320 20.24 17.72 3.94
N GLN B 321 20.48 18.35 2.78
CA GLN B 321 21.46 19.42 2.71
C GLN B 321 21.04 20.64 3.50
N GLU B 322 22.01 21.24 4.18
CA GLU B 322 21.75 22.46 4.96
C GLU B 322 21.40 23.57 4.00
N VAL B 323 20.48 24.42 4.45
CA VAL B 323 20.01 25.57 3.75
C VAL B 323 19.77 26.66 4.74
N LEU B 324 20.50 27.77 4.58
CA LEU B 324 20.20 29.01 5.33
C LEU B 324 18.93 29.53 4.74
N PHE B 325 18.08 30.11 5.61
CA PHE B 325 16.87 30.80 5.22
C PHE B 325 16.91 32.17 5.83
N GLY B 326 16.42 33.17 5.09
CA GLY B 326 16.58 34.58 5.50
C GLY B 326 15.33 35.40 5.30
N VAL B 327 14.96 36.15 6.33
CA VAL B 327 13.65 36.81 6.40
C VAL B 327 13.91 38.28 6.20
N PHE B 328 13.80 38.71 4.94
CA PHE B 328 14.25 40.04 4.51
C PHE B 328 13.09 40.99 4.49
N VAL B 329 13.36 42.23 4.87
CA VAL B 329 12.41 43.29 4.78
C VAL B 329 13.01 44.38 3.91
N THR B 330 12.13 45.30 3.53
CA THR B 330 12.49 46.38 2.62
C THR B 330 13.46 47.34 3.29
N GLY B 331 14.22 48.06 2.48
CA GLY B 331 14.96 49.24 2.98
C GLY B 331 14.11 50.12 3.91
N LYS B 332 14.75 50.77 4.87
CA LYS B 332 14.07 51.58 5.88
C LYS B 332 12.67 50.99 6.11
N ASP B 333 11.60 51.69 5.71
CA ASP B 333 10.21 51.20 5.86
C ASP B 333 9.33 51.56 4.62
N GLY B 334 9.75 51.07 3.46
CA GLY B 334 9.06 51.27 2.17
C GLY B 334 7.78 52.08 2.10
N GLY B 335 6.64 51.40 2.13
CA GLY B 335 5.33 52.03 1.90
C GLY B 335 4.22 51.41 2.73
N GLY B 339 2.81 46.40 -1.87
CA GLY B 339 3.89 45.44 -1.69
C GLY B 339 3.84 44.73 -0.34
N PRO B 340 4.57 43.60 -0.19
CA PRO B 340 4.56 42.82 1.02
C PRO B 340 5.70 43.24 1.92
N ASN B 341 5.53 43.07 3.21
CA ASN B 341 6.54 43.53 4.18
C ASN B 341 7.72 42.58 4.29
N SER B 342 7.42 41.29 4.30
CA SER B 342 8.45 40.32 4.51
C SER B 342 8.56 39.38 3.35
N VAL B 343 9.81 39.09 2.97
CA VAL B 343 10.10 38.06 2.00
C VAL B 343 11.08 37.07 2.61
N VAL B 344 10.70 35.79 2.63
CA VAL B 344 11.60 34.72 3.01
C VAL B 344 12.14 34.05 1.75
N CYS B 345 13.43 33.77 1.74
CA CYS B 345 14.03 33.09 0.60
C CYS B 345 15.29 32.31 0.96
N ALA B 346 15.28 31.07 0.49
CA ALA B 346 16.30 30.08 0.77
C ALA B 346 17.65 30.36 0.08
N PHE B 347 18.74 30.33 0.86
CA PHE B 347 20.09 30.14 0.34
C PHE B 347 20.61 28.80 0.86
N PRO B 348 20.90 27.85 -0.05
CA PRO B 348 21.57 26.61 0.39
C PRO B 348 23.05 26.86 0.64
N ILE B 349 23.66 26.03 1.49
CA ILE B 349 24.95 26.34 2.09
C ILE B 349 26.06 26.06 1.09
N ASP B 350 26.25 24.78 0.77
CA ASP B 350 27.19 24.35 -0.28
C ASP B 350 27.37 25.39 -1.40
N LEU B 351 26.25 25.92 -1.90
CA LEU B 351 26.27 26.92 -2.96
C LEU B 351 26.74 28.31 -2.49
N LEU B 352 26.46 28.69 -1.25
CA LEU B 352 27.09 29.88 -0.71
C LEU B 352 28.61 29.71 -0.69
N ASP B 353 29.07 28.49 -0.37
CA ASP B 353 30.51 28.19 -0.35
C ASP B 353 31.04 28.28 -1.80
N THR B 354 30.40 27.52 -2.70
CA THR B 354 30.94 27.32 -4.03
C THR B 354 31.07 28.65 -4.76
N LEU B 355 30.18 29.58 -4.47
CA LEU B 355 30.37 30.96 -4.93
C LEU B 355 31.65 31.52 -4.35
N ILE B 356 31.75 31.52 -3.03
CA ILE B 356 32.91 32.10 -2.30
C ILE B 356 34.26 31.45 -2.70
N ASP B 357 34.25 30.16 -3.00
CA ASP B 357 35.44 29.49 -3.54
C ASP B 357 35.83 30.11 -4.90
N GLU B 358 34.88 30.15 -5.84
CA GLU B 358 35.10 30.83 -7.12
C GLU B 358 35.15 32.35 -6.93
N GLY B 359 34.78 32.81 -5.75
CA GLY B 359 35.01 34.20 -5.36
C GLY B 359 36.49 34.43 -5.13
N VAL B 360 37.07 33.47 -4.39
CA VAL B 360 38.51 33.47 -4.01
C VAL B 360 39.40 33.37 -5.24
N GLU B 361 39.19 32.31 -6.01
CA GLU B 361 39.94 32.01 -7.21
C GLU B 361 40.13 33.23 -8.11
N ARG B 362 39.03 33.89 -8.46
CA ARG B 362 39.07 34.98 -9.41
C ARG B 362 39.92 36.12 -8.87
N CYS B 363 39.95 36.27 -7.55
CA CYS B 363 40.85 37.22 -6.91
C CYS B 363 42.33 36.78 -6.83
N CYS B 364 42.62 35.49 -6.64
CA CYS B 364 44.03 35.04 -6.56
C CYS B 364 44.39 33.96 -7.63
N GLU B 365 44.95 34.36 -8.77
CA GLU B 365 45.48 33.40 -9.79
C GLU B 365 46.42 34.08 -10.83
N SER B 366 46.82 33.37 -11.89
CA SER B 366 47.79 33.89 -12.88
C SER B 366 47.32 35.19 -13.56
N PRO B 367 46.25 35.12 -14.39
CA PRO B 367 45.62 36.35 -14.86
C PRO B 367 44.63 36.87 -13.82
N VAL B 368 44.81 38.11 -13.39
CA VAL B 368 43.90 38.73 -12.42
C VAL B 368 43.20 39.97 -12.98
N HIS B 369 41.91 39.84 -13.27
CA HIS B 369 41.06 40.94 -13.67
C HIS B 369 41.54 42.24 -13.04
N PRO B 370 42.27 43.06 -13.82
CA PRO B 370 42.89 44.26 -13.26
C PRO B 370 41.83 45.32 -13.02
N GLY B 371 41.64 45.68 -11.74
CA GLY B 371 40.53 46.55 -11.31
C GLY B 371 39.46 45.80 -10.52
N LEU B 372 39.86 44.75 -9.80
CA LEU B 372 39.01 44.09 -8.81
C LEU B 372 39.16 44.79 -7.44
N ARG B 373 38.44 44.29 -6.43
CA ARG B 373 38.51 44.86 -5.06
C ARG B 373 38.47 43.73 -4.00
N ARG B 374 39.58 43.61 -3.29
CA ARG B 374 39.67 42.82 -2.07
C ARG B 374 38.76 43.49 -1.06
N GLY B 375 38.82 44.80 -1.00
CA GLY B 375 37.75 45.57 -0.38
C GLY B 375 37.71 45.46 1.12
N LEU B 376 36.51 45.40 1.67
CA LEU B 376 36.33 45.45 3.11
C LEU B 376 37.10 46.64 3.67
N ASP B 377 37.10 47.74 2.93
CA ASP B 377 37.84 48.94 3.32
C ASP B 377 37.60 49.23 4.79
N PHE B 378 36.32 49.20 5.17
CA PHE B 378 35.88 49.42 6.55
C PHE B 378 36.70 48.62 7.59
N PHE B 379 37.17 47.42 7.23
CA PHE B 379 37.97 46.63 8.19
C PHE B 379 39.46 46.92 8.10
N GLN B 380 40.05 46.49 6.98
CA GLN B 380 41.46 46.60 6.69
C GLN B 380 41.74 47.78 5.73
N SER B 381 42.89 47.76 5.04
CA SER B 381 43.18 48.76 4.01
C SER B 381 42.65 48.34 2.62
N PRO B 382 42.21 49.30 1.80
CA PRO B 382 41.91 48.97 0.40
C PRO B 382 43.13 48.44 -0.37
N SER B 383 42.89 47.62 -1.38
CA SER B 383 43.94 47.10 -2.27
C SER B 383 43.29 46.28 -3.38
N PHE B 384 43.85 46.39 -4.58
CA PHE B 384 43.32 45.64 -5.72
C PHE B 384 43.77 44.20 -5.59
N CYS B 385 42.88 43.26 -5.91
CA CYS B 385 43.30 41.86 -6.06
C CYS B 385 44.43 41.79 -7.10
N PRO B 386 45.39 40.86 -6.91
CA PRO B 386 45.52 39.89 -5.82
C PRO B 386 46.26 40.44 -4.60
N ASN B 387 47.13 41.43 -4.79
CA ASN B 387 48.03 41.87 -3.72
C ASN B 387 47.30 42.42 -2.46
N PRO B 388 47.87 42.17 -1.26
CA PRO B 388 47.20 42.47 -0.01
C PRO B 388 47.09 43.95 0.32
N PRO B 389 46.20 44.32 1.26
CA PRO B 389 45.86 45.68 1.74
C PRO B 389 46.96 46.76 1.72
N GLY B 390 46.69 47.87 1.02
CA GLY B 390 47.64 48.99 0.91
C GLY B 390 48.73 48.74 -0.11
N LEU B 391 49.27 47.53 -0.10
CA LEU B 391 50.47 47.20 -0.84
C LEU B 391 50.09 46.91 -2.28
N GLU B 392 51.07 47.09 -3.17
CA GLU B 392 50.81 47.14 -4.61
C GLU B 392 51.47 46.04 -5.42
N ALA B 393 52.27 45.18 -4.78
CA ALA B 393 52.69 43.95 -5.44
C ALA B 393 52.58 42.81 -4.46
N LEU B 394 52.30 41.64 -4.99
CA LEU B 394 52.11 40.45 -4.17
C LEU B 394 53.46 39.76 -3.98
N SER B 395 54.22 40.20 -2.98
CA SER B 395 55.53 39.64 -2.69
C SER B 395 55.37 38.16 -2.30
N PRO B 396 56.12 37.25 -2.97
CA PRO B 396 55.85 35.81 -2.81
C PRO B 396 56.12 35.23 -1.41
N ASN B 397 56.75 35.99 -0.53
CA ASN B 397 56.91 35.58 0.88
C ASN B 397 55.58 35.21 1.53
N THR B 398 54.56 36.04 1.31
CA THR B 398 53.18 35.75 1.77
C THR B 398 52.32 35.26 0.58
N SER B 399 51.07 34.93 0.88
CA SER B 399 50.10 34.51 -0.13
C SER B 399 49.03 35.59 -0.33
N CYS B 400 48.05 35.25 -1.18
CA CYS B 400 46.87 36.11 -1.43
C CYS B 400 45.68 35.58 -0.63
N ARG B 401 45.49 34.26 -0.74
CA ARG B 401 44.41 33.52 -0.10
C ARG B 401 44.46 33.56 1.42
N HIS B 402 45.58 34.01 1.98
CA HIS B 402 45.72 34.17 3.42
C HIS B 402 45.51 35.62 3.79
N PHE B 403 44.55 36.27 3.13
CA PHE B 403 44.10 37.60 3.52
C PHE B 403 42.57 37.69 3.44
N PRO B 404 41.97 38.55 4.27
CA PRO B 404 40.52 38.74 4.23
C PRO B 404 40.07 39.35 2.93
N LEU B 405 38.91 38.90 2.40
CA LEU B 405 38.34 39.44 1.14
C LEU B 405 36.80 39.40 1.01
N LEU B 406 36.30 40.09 -0.01
CA LEU B 406 34.88 40.23 -0.26
C LEU B 406 34.59 39.75 -1.67
N VAL B 407 33.87 38.64 -1.75
CA VAL B 407 33.50 38.01 -3.00
C VAL B 407 32.48 38.89 -3.74
N SER B 408 32.93 39.54 -4.82
CA SER B 408 32.16 40.63 -5.43
C SER B 408 30.80 40.16 -5.97
N SER B 409 30.80 39.12 -6.80
CA SER B 409 29.54 38.52 -7.26
C SER B 409 28.66 38.32 -6.06
N SER B 410 27.50 38.98 -6.04
CA SER B 410 26.57 38.78 -4.94
C SER B 410 25.78 37.49 -5.20
N PHE B 411 24.99 37.08 -4.21
CA PHE B 411 24.15 35.88 -4.30
C PHE B 411 22.69 36.34 -4.30
N SER B 412 21.96 35.98 -5.35
CA SER B 412 20.61 36.50 -5.58
C SER B 412 19.59 35.39 -5.62
N ARG B 413 18.42 35.68 -5.03
CA ARG B 413 17.28 34.75 -5.02
C ARG B 413 15.96 35.53 -5.04
N VAL B 414 14.84 34.80 -5.08
CA VAL B 414 13.50 35.40 -5.13
C VAL B 414 12.62 34.85 -3.99
N ASP B 415 11.86 35.71 -3.32
CA ASP B 415 10.98 35.29 -2.21
C ASP B 415 10.33 33.94 -2.48
N LEU B 416 10.33 33.04 -1.49
CA LEU B 416 9.75 31.69 -1.67
C LEU B 416 8.24 31.72 -1.66
N PHE B 417 7.66 32.89 -1.38
CA PHE B 417 6.24 32.98 -1.08
C PHE B 417 5.47 33.98 -1.95
N ASN B 418 6.02 34.30 -3.12
CA ASN B 418 5.50 35.39 -3.97
C ASN B 418 4.66 36.43 -3.22
N GLY B 419 5.28 37.09 -2.24
CA GLY B 419 4.67 38.25 -1.54
C GLY B 419 3.38 37.99 -0.81
N LEU B 420 3.01 36.70 -0.67
CA LEU B 420 1.78 36.30 0.00
C LEU B 420 1.86 36.62 1.48
N LEU B 421 3.03 36.44 2.09
CA LEU B 421 3.18 36.81 3.50
C LEU B 421 2.30 38.02 3.80
N GLY B 422 2.52 39.10 3.05
CA GLY B 422 1.65 40.25 3.18
C GLY B 422 2.17 41.15 4.29
N PRO B 423 1.33 42.08 4.77
CA PRO B 423 1.71 43.36 5.39
C PRO B 423 2.33 43.30 6.75
N VAL B 424 1.98 42.29 7.55
CA VAL B 424 2.51 42.23 8.94
C VAL B 424 3.94 41.65 8.99
N GLN B 425 4.89 42.52 9.36
CA GLN B 425 6.32 42.20 9.35
C GLN B 425 6.58 40.89 10.06
N VAL B 426 7.36 40.01 9.46
CA VAL B 426 7.84 38.81 10.17
C VAL B 426 9.11 39.16 10.94
N THR B 427 9.18 38.65 12.17
CA THR B 427 10.17 39.05 13.14
C THR B 427 11.05 37.91 13.64
N ALA B 428 10.62 36.67 13.42
CA ALA B 428 11.31 35.51 13.95
C ALA B 428 11.00 34.27 13.13
N LEU B 429 12.03 33.49 12.88
CA LEU B 429 11.94 32.30 12.02
C LEU B 429 12.56 31.12 12.72
N TYR B 430 11.97 29.93 12.62
CA TYR B 430 12.69 28.71 12.98
C TYR B 430 12.30 27.59 12.09
N VAL B 431 13.16 27.22 11.16
CA VAL B 431 12.83 26.18 10.20
C VAL B 431 13.21 24.83 10.73
N THR B 432 12.30 23.87 10.61
CA THR B 432 12.54 22.48 11.07
C THR B 432 12.29 21.56 9.88
N ARG B 433 12.28 20.25 10.14
CA ARG B 433 12.03 19.24 9.13
C ARG B 433 11.17 18.16 9.74
N LEU B 434 9.86 18.43 9.82
CA LEU B 434 8.88 17.46 10.38
C LEU B 434 8.66 16.33 9.37
N ASP B 435 9.26 15.17 9.67
CA ASP B 435 9.32 14.01 8.75
C ASP B 435 9.84 14.42 7.35
N ASN B 436 9.18 13.93 6.30
CA ASN B 436 9.63 14.12 4.93
C ASN B 436 9.34 15.51 4.38
N VAL B 437 8.46 16.26 5.05
CA VAL B 437 8.18 17.62 4.62
C VAL B 437 8.91 18.56 5.55
N THR B 438 8.76 19.86 5.29
CA THR B 438 9.52 20.90 5.93
C THR B 438 8.59 22.04 6.25
N VAL B 439 8.89 22.81 7.30
CA VAL B 439 7.97 23.81 7.82
C VAL B 439 8.69 24.99 8.46
N ALA B 440 8.19 26.20 8.19
CA ALA B 440 8.76 27.40 8.78
C ALA B 440 7.85 27.97 9.90
N HIS B 441 8.44 28.16 11.08
CA HIS B 441 7.68 28.54 12.29
C HIS B 441 7.79 30.04 12.59
N MET B 442 7.09 30.82 11.78
CA MET B 442 7.31 32.25 11.76
C MET B 442 6.66 32.95 12.93
N GLY B 443 7.32 34.03 13.39
CA GLY B 443 6.73 34.95 14.36
C GLY B 443 6.62 36.36 13.80
N THR B 444 5.50 37.03 14.09
CA THR B 444 5.19 38.36 13.54
C THR B 444 5.27 39.48 14.54
N MET B 445 5.26 40.71 14.04
CA MET B 445 5.24 41.89 14.89
C MET B 445 3.92 42.05 15.63
N ASP B 446 2.80 41.64 15.02
CA ASP B 446 1.49 41.84 15.66
C ASP B 446 1.17 40.78 16.70
N GLY B 447 2.14 39.92 17.02
CA GLY B 447 2.06 39.03 18.18
C GLY B 447 1.38 37.74 17.88
N ARG B 448 1.94 36.98 16.94
CA ARG B 448 1.29 35.83 16.31
C ARG B 448 2.29 34.85 15.74
N ILE B 449 1.83 33.62 15.57
CA ILE B 449 2.71 32.54 15.16
C ILE B 449 2.19 31.93 13.87
N LEU B 450 3.10 31.65 12.94
CA LEU B 450 2.73 31.28 11.59
C LEU B 450 3.49 30.03 11.23
N GLN B 451 2.84 28.90 11.41
CA GLN B 451 3.43 27.62 11.09
C GLN B 451 2.84 27.27 9.74
N VAL B 452 3.73 27.14 8.76
CA VAL B 452 3.39 27.19 7.33
C VAL B 452 4.45 26.38 6.63
N GLU B 453 4.03 25.46 5.75
CA GLU B 453 4.98 24.64 4.98
C GLU B 453 5.88 25.52 4.13
N LEU B 454 7.08 25.00 3.80
CA LEU B 454 8.08 25.77 3.11
C LEU B 454 8.36 25.19 1.73
N VAL B 455 7.30 25.15 0.91
CA VAL B 455 7.38 24.87 -0.52
C VAL B 455 7.27 26.18 -1.28
N ARG B 456 8.02 26.36 -2.37
CA ARG B 456 7.87 27.57 -3.17
C ARG B 456 6.41 27.68 -3.57
N SER B 457 5.68 28.58 -2.91
CA SER B 457 4.23 28.69 -3.06
C SER B 457 3.87 29.76 -4.10
N LEU B 458 2.98 29.43 -5.02
CA LEU B 458 2.65 30.35 -6.11
C LEU B 458 1.50 31.27 -5.75
N ASN B 459 0.36 30.66 -5.40
CA ASN B 459 -0.89 31.39 -5.18
C ASN B 459 -1.38 31.45 -3.72
N TYR B 460 -1.06 30.45 -2.91
CA TYR B 460 -1.36 30.54 -1.49
C TYR B 460 -0.42 29.77 -0.60
N LEU B 461 -0.40 30.16 0.68
CA LEU B 461 0.45 29.54 1.69
C LEU B 461 -0.19 28.25 2.24
N LEU B 462 0.61 27.22 2.47
CA LEU B 462 0.07 25.95 2.97
C LEU B 462 0.12 26.03 4.49
N TYR B 463 -0.96 26.59 5.06
CA TYR B 463 -1.06 26.82 6.49
C TYR B 463 -1.08 25.55 7.29
N VAL B 464 -0.28 25.54 8.35
CA VAL B 464 -0.36 24.55 9.43
C VAL B 464 -1.06 25.20 10.63
N SER B 465 -0.59 26.40 10.97
CA SER B 465 -1.21 27.21 11.99
C SER B 465 -0.92 28.68 11.73
N ASN B 466 -1.87 29.53 12.14
CA ASN B 466 -1.71 30.96 12.31
C ASN B 466 -2.61 31.27 13.51
N PHE B 467 -2.01 31.72 14.61
CA PHE B 467 -2.75 32.10 15.80
C PHE B 467 -1.96 33.07 16.65
N SER B 468 -2.66 33.74 17.57
CA SER B 468 -2.08 34.79 18.40
C SER B 468 -1.48 34.19 19.64
N LEU B 469 -0.19 34.46 19.89
CA LEU B 469 0.49 34.05 21.14
C LEU B 469 0.01 34.86 22.34
N GLY B 470 -0.91 34.28 23.10
CA GLY B 470 -1.48 34.98 24.23
C GLY B 470 -2.40 36.11 23.81
N ASP B 471 -2.54 37.08 24.71
CA ASP B 471 -3.53 38.14 24.60
C ASP B 471 -2.91 39.53 24.47
N SER B 472 -1.67 39.69 24.91
CA SER B 472 -1.06 41.01 24.96
C SER B 472 -0.53 41.49 23.59
N GLY B 473 -0.74 40.71 22.53
CA GLY B 473 -0.41 41.13 21.15
C GLY B 473 0.85 41.97 21.05
N GLN B 474 2.00 41.30 20.99
CA GLN B 474 3.32 41.95 20.94
C GLN B 474 4.35 41.18 20.09
N PRO B 475 5.36 41.87 19.55
CA PRO B 475 6.18 41.24 18.52
C PRO B 475 6.91 40.05 19.07
N VAL B 476 7.15 39.06 18.22
CA VAL B 476 7.80 37.82 18.63
C VAL B 476 9.32 37.90 18.47
N GLN B 477 10.05 37.62 19.54
CA GLN B 477 11.49 37.87 19.60
C GLN B 477 12.23 37.06 18.56
N ARG B 478 13.30 37.66 18.06
CA ARG B 478 14.08 37.10 16.96
C ARG B 478 14.54 35.68 17.31
N ASP B 479 15.40 35.56 18.32
CA ASP B 479 16.07 34.28 18.63
C ASP B 479 15.09 33.25 19.19
N VAL B 480 14.80 32.22 18.38
CA VAL B 480 13.87 31.15 18.72
C VAL B 480 14.60 29.80 18.86
N SER B 481 14.24 29.09 19.93
CA SER B 481 14.98 27.92 20.38
C SER B 481 14.02 26.74 20.48
N ARG B 482 14.52 25.57 20.85
CA ARG B 482 13.74 24.35 20.68
C ARG B 482 14.03 23.30 21.74
N LEU B 483 13.02 22.50 22.06
CA LEU B 483 13.13 21.32 22.92
C LEU B 483 12.26 20.22 22.32
N GLY B 484 12.77 18.99 22.35
CA GLY B 484 12.09 17.88 21.75
C GLY B 484 11.20 18.33 20.58
N ASP B 485 9.89 18.35 20.81
CA ASP B 485 8.92 18.73 19.78
C ASP B 485 8.16 19.97 20.24
N HIS B 486 8.90 21.01 20.57
CA HIS B 486 8.30 22.15 21.22
C HIS B 486 9.23 23.36 21.11
N LEU B 487 8.90 24.30 20.23
CA LEU B 487 9.74 25.46 20.02
C LEU B 487 9.37 26.44 21.09
N LEU B 488 10.32 27.29 21.44
CA LEU B 488 10.05 28.36 22.38
C LEU B 488 10.03 29.66 21.61
N PHE B 489 8.94 30.42 21.74
CA PHE B 489 8.87 31.78 21.19
C PHE B 489 8.78 32.72 22.38
N ALA B 490 9.13 34.00 22.16
CA ALA B 490 9.07 35.00 23.23
C ALA B 490 8.43 36.26 22.69
N SER B 491 7.67 36.93 23.53
CA SER B 491 7.02 38.16 23.16
C SER B 491 6.65 38.95 24.39
N GLY B 492 7.25 40.14 24.51
CA GLY B 492 7.04 41.02 25.65
C GLY B 492 7.77 40.47 26.85
N ASP B 493 7.09 40.43 28.00
CA ASP B 493 7.66 39.82 29.19
C ASP B 493 7.26 38.37 29.35
N GLN B 494 6.93 37.65 28.26
CA GLN B 494 6.56 36.23 28.38
C GLN B 494 7.23 35.31 27.37
N VAL B 495 7.31 34.02 27.73
CA VAL B 495 7.92 32.98 26.89
C VAL B 495 6.89 31.87 26.65
N PHE B 496 6.64 31.52 25.41
CA PHE B 496 5.62 30.56 25.05
C PHE B 496 6.28 29.34 24.44
N GLN B 497 5.64 28.20 24.58
CA GLN B 497 6.17 26.96 24.06
C GLN B 497 5.15 26.37 23.06
N VAL B 498 5.45 26.48 21.76
CA VAL B 498 4.57 26.00 20.68
C VAL B 498 4.98 24.63 20.16
N PRO B 499 4.02 23.71 20.01
CA PRO B 499 4.46 22.39 19.58
C PRO B 499 4.75 22.45 18.11
N ILE B 500 5.75 21.70 17.68
CA ILE B 500 6.20 21.74 16.27
C ILE B 500 5.05 21.38 15.29
N GLN B 501 4.14 20.52 15.74
CA GLN B 501 3.00 20.07 14.94
C GLN B 501 1.75 20.95 15.13
N GLY B 502 1.94 22.24 15.45
CA GLY B 502 0.83 23.19 15.58
C GLY B 502 -0.27 22.78 16.58
N PRO B 503 -0.70 23.72 17.44
CA PRO B 503 -1.47 23.37 18.63
C PRO B 503 -2.71 22.52 18.37
N GLY B 504 -3.67 23.05 17.60
CA GLY B 504 -4.95 22.35 17.38
C GLY B 504 -5.19 21.94 15.96
N CYS B 505 -6.40 21.47 15.70
CA CYS B 505 -6.89 21.26 14.34
C CYS B 505 -8.23 22.00 14.16
N ARG B 506 -8.51 22.98 15.04
CA ARG B 506 -9.81 23.61 15.12
C ARG B 506 -9.89 24.94 14.34
N HIS B 507 -8.96 25.20 13.45
CA HIS B 507 -9.11 26.34 12.54
C HIS B 507 -9.60 25.81 11.22
N PHE B 508 -9.19 24.60 10.83
CA PHE B 508 -9.70 24.00 9.59
C PHE B 508 -11.18 23.76 9.79
N LEU B 509 -11.98 24.63 9.17
CA LEU B 509 -13.41 24.68 9.39
C LEU B 509 -14.16 23.64 8.58
N THR B 510 -13.50 22.94 7.66
CA THR B 510 -14.19 21.99 6.80
C THR B 510 -13.46 20.67 6.71
N CYS B 511 -14.22 19.59 6.83
CA CYS B 511 -13.74 18.24 6.57
C CYS B 511 -12.86 18.18 5.31
N GLY B 512 -13.12 19.06 4.33
CA GLY B 512 -12.22 19.26 3.20
C GLY B 512 -10.79 19.48 3.65
N ARG B 513 -10.48 20.74 4.00
CA ARG B 513 -9.13 21.09 4.47
C ARG B 513 -8.68 20.15 5.58
N CYS B 514 -9.59 19.87 6.51
CA CYS B 514 -9.27 19.09 7.70
C CYS B 514 -8.56 17.79 7.34
N LEU B 515 -9.17 16.98 6.48
CA LEU B 515 -8.56 15.70 6.08
C LEU B 515 -7.48 15.83 5.01
N ARG B 516 -7.20 17.05 4.56
CA ARG B 516 -6.02 17.33 3.71
C ARG B 516 -4.80 17.69 4.56
N ALA B 517 -4.94 17.69 5.88
CA ALA B 517 -3.87 18.05 6.82
C ALA B 517 -2.69 17.08 6.75
N TRP B 518 -1.49 17.61 6.92
CA TRP B 518 -0.27 16.81 6.81
C TRP B 518 -0.16 15.93 8.06
N HIS B 519 -0.46 14.64 7.88
CA HIS B 519 -0.48 13.62 8.95
C HIS B 519 -0.19 14.13 10.36
N PHE B 520 1.06 14.51 10.63
CA PHE B 520 1.55 14.84 11.99
C PHE B 520 0.64 15.70 12.86
N MET B 521 -0.20 16.53 12.24
CA MET B 521 -1.14 17.37 12.97
C MET B 521 -2.15 16.55 13.77
N GLY B 522 -2.37 15.30 13.35
CA GLY B 522 -3.29 14.42 14.02
C GLY B 522 -4.73 14.74 13.66
N CYS B 523 -4.94 15.59 12.65
CA CYS B 523 -6.27 16.13 12.36
C CYS B 523 -7.23 15.09 11.82
N GLY B 524 -8.35 14.91 12.52
CA GLY B 524 -9.48 14.09 12.03
C GLY B 524 -10.78 14.88 12.12
N TRP B 525 -11.79 14.45 11.36
CA TRP B 525 -13.08 15.16 11.30
C TRP B 525 -14.11 14.52 12.21
N CYS B 526 -14.51 15.24 13.27
CA CYS B 526 -15.42 14.76 14.31
C CYS B 526 -16.86 15.20 14.08
N GLY B 527 -17.37 15.04 12.86
CA GLY B 527 -18.78 15.27 12.61
C GLY B 527 -18.95 16.68 12.08
N ASN B 528 -19.21 17.62 12.97
CA ASN B 528 -19.40 19.02 12.57
C ASN B 528 -18.31 19.95 13.13
N MET B 529 -17.07 19.43 13.22
CA MET B 529 -15.86 20.21 13.51
C MET B 529 -14.63 19.35 13.28
N CYS B 530 -13.46 19.98 13.15
CA CYS B 530 -12.17 19.26 13.04
C CYS B 530 -11.44 19.34 14.39
N GLY B 531 -10.42 18.52 14.57
CA GLY B 531 -9.74 18.40 15.88
C GLY B 531 -8.96 17.11 16.06
N GLN B 532 -7.98 17.14 16.94
CA GLN B 532 -7.20 15.93 17.27
C GLN B 532 -8.14 14.86 17.83
N GLN B 533 -7.61 13.67 18.07
CA GLN B 533 -8.40 12.61 18.74
C GLN B 533 -8.86 12.98 20.14
N LYS B 534 -8.03 13.69 20.90
CA LYS B 534 -8.38 14.01 22.29
C LYS B 534 -9.79 14.61 22.34
N GLU B 535 -10.07 15.53 21.42
CA GLU B 535 -11.22 16.44 21.56
C GLU B 535 -12.58 15.79 21.23
N CYS B 536 -12.58 14.57 20.68
CA CYS B 536 -13.83 13.84 20.40
C CYS B 536 -13.58 12.45 19.83
N PRO B 537 -12.95 11.57 20.63
CA PRO B 537 -12.53 10.27 20.17
C PRO B 537 -13.64 9.20 20.16
N GLY B 538 -14.90 9.61 20.35
CA GLY B 538 -16.03 8.75 20.04
C GLY B 538 -16.16 8.63 18.54
N SER B 539 -16.18 9.78 17.86
CA SER B 539 -16.48 9.89 16.43
C SER B 539 -15.36 10.46 15.54
N TRP B 540 -14.16 10.66 16.09
CA TRP B 540 -12.98 11.04 15.32
C TRP B 540 -12.66 10.02 14.21
N GLN B 541 -12.72 10.46 12.94
CA GLN B 541 -12.29 9.61 11.81
C GLN B 541 -11.49 10.41 10.76
N GLN B 542 -10.51 9.74 10.14
CA GLN B 542 -9.44 10.38 9.34
C GLN B 542 -9.49 9.95 7.85
N ASP B 543 -10.60 9.34 7.44
CA ASP B 543 -10.67 8.63 6.17
C ASP B 543 -11.73 9.22 5.25
N HIS B 544 -13.02 9.11 5.61
CA HIS B 544 -14.13 9.55 4.71
C HIS B 544 -14.66 10.98 4.97
N CYS B 545 -15.43 11.51 4.01
CA CYS B 545 -15.82 12.95 4.00
C CYS B 545 -16.87 13.28 2.91
N PRO B 546 -18.01 13.92 3.27
CA PRO B 546 -19.22 13.93 2.45
C PRO B 546 -19.38 15.12 1.50
N PRO B 547 -19.87 14.87 0.26
CA PRO B 547 -19.83 15.87 -0.79
C PRO B 547 -20.79 17.03 -0.53
N LYS B 548 -20.31 18.23 -0.79
CA LYS B 548 -21.02 19.49 -0.50
C LYS B 548 -21.51 20.10 -1.82
N LEU B 549 -22.82 20.07 -2.04
CA LEU B 549 -23.44 20.68 -3.22
C LEU B 549 -23.72 22.15 -2.95
N THR B 550 -23.29 23.02 -3.88
CA THR B 550 -23.38 24.48 -3.69
C THR B 550 -24.47 25.14 -4.54
N GLU B 551 -24.48 24.84 -5.85
CA GLU B 551 -25.56 25.31 -6.73
C GLU B 551 -25.61 24.53 -8.05
N PHE B 552 -26.46 24.98 -8.98
CA PHE B 552 -26.57 24.40 -10.33
C PHE B 552 -26.96 25.45 -11.37
N HIS B 553 -26.88 25.09 -12.65
CA HIS B 553 -27.02 26.06 -13.75
C HIS B 553 -28.46 26.23 -14.25
N PRO B 554 -29.04 25.18 -14.90
CA PRO B 554 -30.42 25.40 -15.35
C PRO B 554 -31.34 25.15 -14.17
N HIS B 555 -31.95 26.21 -13.65
CA HIS B 555 -32.67 26.14 -12.37
C HIS B 555 -34.18 25.91 -12.53
N SER B 556 -34.62 25.60 -13.75
CA SER B 556 -36.02 25.25 -14.02
C SER B 556 -36.17 24.78 -15.46
N GLY B 557 -36.43 23.49 -15.65
CA GLY B 557 -36.46 22.89 -17.00
C GLY B 557 -37.88 22.48 -17.38
N PRO B 558 -38.06 21.87 -18.57
CA PRO B 558 -39.32 21.28 -19.04
C PRO B 558 -39.49 19.78 -18.84
N LEU B 559 -40.75 19.32 -18.90
CA LEU B 559 -41.10 17.89 -18.94
C LEU B 559 -41.17 17.40 -20.39
N SER B 562 -35.06 15.81 -21.72
CA SER B 562 -33.68 16.27 -21.67
C SER B 562 -33.55 17.59 -20.92
N THR B 563 -32.31 17.93 -20.59
CA THR B 563 -31.98 19.14 -19.82
C THR B 563 -30.60 18.95 -19.21
N ARG B 564 -29.64 19.73 -19.69
CA ARG B 564 -28.22 19.57 -19.36
C ARG B 564 -27.88 20.28 -18.04
N LEU B 565 -28.31 19.71 -16.93
CA LEU B 565 -28.00 20.27 -15.63
C LEU B 565 -26.50 20.24 -15.45
N THR B 566 -25.95 21.30 -14.87
CA THR B 566 -24.56 21.31 -14.47
C THR B 566 -24.50 21.51 -12.97
N LEU B 567 -24.29 20.42 -12.24
CA LEU B 567 -24.10 20.46 -10.80
C LEU B 567 -22.77 21.14 -10.47
N CYS B 568 -22.76 21.92 -9.39
CA CYS B 568 -21.63 22.76 -9.06
C CYS B 568 -21.47 22.73 -7.54
N GLY B 569 -20.37 22.14 -7.07
CA GLY B 569 -20.09 22.02 -5.63
C GLY B 569 -18.65 21.65 -5.37
N SER B 570 -18.38 20.98 -4.26
CA SER B 570 -17.05 20.43 -3.99
C SER B 570 -17.11 18.95 -3.58
N ASN B 571 -15.94 18.34 -3.41
CA ASN B 571 -15.79 16.91 -3.13
C ASN B 571 -16.50 16.03 -4.16
N PHE B 572 -16.37 16.40 -5.43
CA PHE B 572 -16.98 15.65 -6.54
C PHE B 572 -15.99 14.62 -7.15
N TYR B 573 -14.70 14.95 -7.20
CA TYR B 573 -13.67 14.15 -7.92
C TYR B 573 -12.81 13.22 -7.06
N LEU B 574 -11.94 12.44 -7.73
CA LEU B 574 -11.10 11.42 -7.09
C LEU B 574 -9.79 12.01 -6.55
N HIS B 575 -9.08 12.75 -7.40
CA HIS B 575 -7.76 13.28 -7.03
C HIS B 575 -7.86 14.32 -5.91
N PRO B 581 -11.87 12.49 -14.14
CA PRO B 581 -12.52 13.27 -13.09
C PRO B 581 -13.20 12.36 -12.05
N GLU B 582 -14.24 11.66 -12.45
CA GLU B 582 -14.90 10.69 -11.58
C GLU B 582 -15.71 9.72 -12.44
N GLY B 583 -16.90 10.15 -12.86
CA GLY B 583 -17.79 9.33 -13.68
C GLY B 583 -18.14 8.03 -12.99
N THR B 584 -17.99 6.92 -13.72
CA THR B 584 -18.37 5.57 -13.26
C THR B 584 -19.66 5.50 -12.39
N HIS B 585 -19.62 6.02 -11.17
CA HIS B 585 -20.73 5.82 -10.23
C HIS B 585 -20.90 6.92 -9.17
N GLN B 586 -21.94 7.73 -9.37
CA GLN B 586 -22.52 8.67 -8.39
C GLN B 586 -24.01 8.88 -8.73
N VAL B 587 -24.92 8.70 -7.78
CA VAL B 587 -26.36 8.87 -8.06
C VAL B 587 -26.73 10.35 -8.01
N THR B 588 -27.76 10.73 -8.78
CA THR B 588 -28.36 12.07 -8.69
C THR B 588 -29.87 11.98 -8.88
N VAL B 589 -30.61 12.57 -7.94
CA VAL B 589 -32.07 12.50 -7.93
C VAL B 589 -32.66 13.92 -7.97
N GLY B 590 -32.73 14.49 -9.17
CA GLY B 590 -33.24 15.85 -9.37
C GLY B 590 -34.75 15.95 -9.41
N GLN B 591 -35.38 15.59 -8.29
CA GLN B 591 -36.84 15.41 -8.14
C GLN B 591 -37.32 14.00 -8.54
N SER B 592 -36.36 13.17 -8.99
CA SER B 592 -36.59 11.92 -9.75
C SER B 592 -35.42 11.88 -10.76
N PRO B 593 -35.19 10.72 -11.42
CA PRO B 593 -33.92 10.43 -12.11
C PRO B 593 -33.33 11.52 -13.00
N CYS B 594 -32.01 11.66 -12.95
CA CYS B 594 -31.25 12.54 -13.86
C CYS B 594 -30.36 11.65 -14.77
N ARG B 595 -29.04 11.72 -14.63
CA ARG B 595 -28.10 10.84 -15.37
C ARG B 595 -26.74 11.53 -15.58
N PRO B 596 -25.70 11.05 -14.88
CA PRO B 596 -24.32 11.56 -15.03
C PRO B 596 -23.71 11.32 -16.43
N LEU B 597 -23.32 12.39 -17.12
CA LEU B 597 -22.88 12.31 -18.55
C LEU B 597 -21.64 13.18 -18.82
N PRO B 598 -20.52 12.55 -19.28
CA PRO B 598 -19.24 13.26 -19.40
C PRO B 598 -19.15 14.13 -20.65
N PHE B 612 -11.67 24.80 -4.54
CA PHE B 612 -12.01 25.87 -5.46
C PHE B 612 -13.42 25.68 -5.94
N VAL B 613 -13.56 24.85 -6.97
CA VAL B 613 -14.85 24.34 -7.43
C VAL B 613 -14.60 23.03 -8.16
N GLU B 614 -15.64 22.20 -8.25
CA GLU B 614 -15.63 21.01 -9.10
C GLU B 614 -17.02 20.86 -9.72
N GLU B 615 -17.11 21.10 -11.03
CA GLU B 615 -18.39 21.08 -11.76
C GLU B 615 -18.69 19.68 -12.35
N PHE B 616 -19.73 19.58 -13.16
CA PHE B 616 -20.30 18.28 -13.57
C PHE B 616 -21.44 18.54 -14.55
N GLU B 617 -21.89 17.52 -15.27
CA GLU B 617 -23.02 17.68 -16.20
C GLU B 617 -23.95 16.48 -16.10
N CYS B 618 -25.24 16.76 -15.98
CA CYS B 618 -26.26 15.74 -15.69
C CYS B 618 -27.49 15.93 -16.58
N GLU B 619 -27.62 15.10 -17.61
CA GLU B 619 -28.80 15.13 -18.48
C GLU B 619 -29.91 14.36 -17.78
N LEU B 620 -31.09 14.97 -17.63
CA LEU B 620 -32.17 14.35 -16.85
C LEU B 620 -33.34 13.87 -17.69
N GLU B 621 -34.30 13.21 -17.02
CA GLU B 621 -35.45 12.55 -17.66
C GLU B 621 -36.79 12.93 -17.03
N PRO B 622 -37.92 12.70 -17.75
CA PRO B 622 -39.27 12.97 -17.22
C PRO B 622 -39.75 12.19 -15.99
N LEU B 623 -40.92 12.59 -15.51
CA LEU B 623 -41.60 12.02 -14.34
C LEU B 623 -42.86 11.29 -14.80
N GLY B 624 -43.26 10.26 -14.05
CA GLY B 624 -44.50 9.55 -14.33
C GLY B 624 -45.00 8.83 -13.09
N PRO B 630 -41.65 22.51 -7.66
CA PRO B 630 -40.34 23.10 -7.40
C PRO B 630 -39.46 22.23 -6.52
N THR B 631 -39.23 21.01 -6.99
CA THR B 631 -38.62 19.97 -6.19
C THR B 631 -37.14 20.23 -5.96
N ASN B 632 -36.60 19.46 -5.00
CA ASN B 632 -35.22 19.56 -4.57
C ASN B 632 -34.31 18.97 -5.63
N VAL B 633 -33.01 18.98 -5.37
CA VAL B 633 -31.98 18.42 -6.26
C VAL B 633 -30.86 17.75 -5.42
N SER B 634 -30.91 16.43 -5.28
CA SER B 634 -29.99 15.68 -4.39
C SER B 634 -28.95 14.86 -5.15
N LEU B 635 -27.71 14.89 -4.64
CA LEU B 635 -26.56 14.16 -5.19
C LEU B 635 -26.08 13.14 -4.16
N THR B 636 -25.66 11.96 -4.59
CA THR B 636 -25.17 10.93 -3.66
C THR B 636 -24.03 10.02 -4.19
N VAL B 637 -22.84 10.23 -3.62
CA VAL B 637 -21.67 9.38 -3.85
C VAL B 637 -21.62 8.17 -2.87
N THR B 638 -21.59 6.96 -3.44
CA THR B 638 -21.46 5.71 -2.66
C THR B 638 -20.38 4.80 -3.29
N ASN B 639 -20.04 3.69 -2.62
CA ASN B 639 -19.04 2.73 -3.10
C ASN B 639 -17.97 3.37 -3.99
N MET B 640 -17.25 4.33 -3.42
CA MET B 640 -16.26 5.15 -4.14
C MET B 640 -14.84 4.86 -3.64
N PRO B 641 -13.86 4.81 -4.56
CA PRO B 641 -12.49 4.49 -4.16
C PRO B 641 -11.79 5.65 -3.44
N PRO B 642 -10.78 5.31 -2.61
CA PRO B 642 -9.90 6.26 -1.91
C PRO B 642 -9.45 7.47 -2.73
N GLY B 643 -9.42 8.63 -2.08
CA GLY B 643 -8.71 9.78 -2.62
C GLY B 643 -7.32 9.79 -2.02
N LYS B 644 -6.40 10.56 -2.60
CA LYS B 644 -5.05 10.68 -2.05
C LYS B 644 -5.12 10.84 -0.54
N HIS B 645 -5.74 11.93 -0.09
CA HIS B 645 -5.80 12.26 1.33
C HIS B 645 -6.96 11.54 2.02
N PHE B 646 -8.16 11.63 1.45
CA PHE B 646 -9.40 11.20 2.12
C PHE B 646 -10.47 10.73 1.12
N ARG B 647 -11.51 10.08 1.63
CA ARG B 647 -12.50 9.39 0.78
C ARG B 647 -13.83 10.14 0.70
N VAL B 648 -14.44 10.11 -0.47
CA VAL B 648 -15.69 10.82 -0.70
C VAL B 648 -16.87 9.86 -0.67
N ASP B 649 -17.82 10.13 0.24
CA ASP B 649 -19.08 9.39 0.32
C ASP B 649 -20.12 10.24 1.06
N GLY B 650 -21.40 10.17 0.64
CA GLY B 650 -22.51 10.87 1.33
C GLY B 650 -23.49 11.57 0.40
N THR B 651 -24.45 12.29 0.99
CA THR B 651 -25.45 13.03 0.20
C THR B 651 -25.62 14.47 0.70
N SER B 652 -25.77 15.43 -0.22
CA SER B 652 -26.17 16.78 0.17
C SER B 652 -27.23 17.23 -0.84
N VAL B 653 -28.27 17.90 -0.32
CA VAL B 653 -29.51 18.17 -1.05
C VAL B 653 -29.84 19.67 -1.09
N LEU B 654 -29.97 20.20 -2.31
CA LEU B 654 -30.33 21.61 -2.49
C LEU B 654 -31.74 21.74 -3.01
N ARG B 655 -32.39 22.88 -2.72
CA ARG B 655 -33.74 23.17 -3.26
C ARG B 655 -33.72 24.04 -4.53
N GLY B 656 -34.90 24.30 -5.08
CA GLY B 656 -35.07 25.35 -6.09
C GLY B 656 -34.92 24.94 -7.54
N PHE B 657 -35.72 23.97 -7.97
CA PHE B 657 -35.78 23.60 -9.39
C PHE B 657 -37.21 23.31 -9.85
N SER B 658 -37.80 24.26 -10.57
CA SER B 658 -39.19 24.18 -10.98
C SER B 658 -39.41 23.24 -12.17
N PHE B 659 -40.67 22.87 -12.39
CA PHE B 659 -41.07 22.09 -13.59
C PHE B 659 -41.91 22.96 -14.54
N MET B 660 -41.66 22.82 -15.84
CA MET B 660 -42.33 23.62 -16.89
C MET B 660 -43.04 22.68 -17.88
N GLU B 661 -44.18 23.13 -18.41
CA GLU B 661 -45.00 22.32 -19.33
C GLU B 661 -45.30 23.11 -20.60
N CYS C 4 69.76 10.28 17.55
CA CYS C 4 68.68 10.99 18.28
C CYS C 4 68.47 10.49 19.69
N GLY C 5 67.61 11.22 20.41
CA GLY C 5 66.92 10.78 21.63
C GLY C 5 67.68 9.88 22.60
N LYS C 6 68.85 10.36 23.02
CA LYS C 6 69.65 9.66 24.01
C LYS C 6 70.31 10.64 24.93
N ARG C 7 69.99 10.51 26.22
CA ARG C 7 70.74 11.13 27.30
C ARG C 7 71.24 9.99 28.19
N VAL C 8 72.50 10.10 28.60
CA VAL C 8 72.94 9.53 29.89
C VAL C 8 72.74 10.67 30.90
N ASP C 9 73.18 11.87 30.48
CA ASP C 9 73.01 13.15 31.19
C ASP C 9 72.34 13.08 32.55
N ARG C 10 71.01 13.23 32.61
CA ARG C 10 70.29 13.19 33.87
C ARG C 10 70.38 11.80 34.49
N LEU C 11 71.44 11.58 35.27
CA LEU C 11 71.69 10.31 35.98
C LEU C 11 70.45 9.94 36.79
N ASP C 12 69.56 9.20 36.13
CA ASP C 12 68.18 9.07 36.57
C ASP C 12 67.27 8.53 35.45
N GLN C 13 67.63 8.75 34.19
CA GLN C 13 66.95 8.16 33.01
C GLN C 13 66.17 6.86 33.28
N ARG C 14 66.76 5.94 34.03
CA ARG C 14 66.05 4.76 34.54
C ARG C 14 66.38 4.55 36.02
N ARG C 15 66.26 5.65 36.79
CA ARG C 15 66.53 5.68 38.23
C ARG C 15 65.64 6.70 38.97
N SER C 16 65.14 7.72 38.26
CA SER C 16 64.02 8.56 38.74
C SER C 16 62.66 8.05 38.24
N LYS C 17 62.44 6.74 38.40
CA LYS C 17 61.12 6.15 38.37
C LYS C 17 60.66 5.87 39.80
N LEU C 18 61.37 6.44 40.77
CA LEU C 18 61.01 6.34 42.18
C LEU C 18 60.15 7.54 42.57
N ARG C 19 60.61 8.74 42.19
CA ARG C 19 59.88 9.96 42.49
C ARG C 19 58.80 10.19 41.42
N VAL C 20 57.98 9.17 41.17
CA VAL C 20 56.91 9.21 40.18
C VAL C 20 55.69 9.91 40.75
N VAL C 21 55.36 9.57 41.99
CA VAL C 21 54.18 10.10 42.67
C VAL C 21 54.55 11.50 43.17
N GLY C 22 54.31 12.48 42.31
CA GLY C 22 54.70 13.88 42.53
C GLY C 22 55.36 14.44 41.28
N GLY C 23 55.35 15.78 41.20
CA GLY C 23 56.11 16.51 40.18
C GLY C 23 57.33 17.15 40.83
N HIS C 24 58.46 17.14 40.14
CA HIS C 24 59.74 17.59 40.71
C HIS C 24 60.60 18.32 39.67
N PRO C 25 61.67 19.02 40.11
CA PRO C 25 62.65 19.62 39.19
C PRO C 25 63.53 18.56 38.56
N GLY C 26 64.14 18.89 37.44
CA GLY C 26 65.04 17.98 36.74
C GLY C 26 65.38 18.48 35.35
N ASN C 27 66.01 17.64 34.56
CA ASN C 27 66.54 18.02 33.26
C ASN C 27 65.69 17.47 32.12
N SER C 28 65.60 18.24 31.04
CA SER C 28 64.97 17.79 29.80
C SER C 28 65.65 18.54 28.66
N PRO C 29 66.63 17.92 27.98
CA PRO C 29 67.44 18.66 27.01
C PRO C 29 66.68 19.08 25.74
N TRP C 30 65.93 18.13 25.17
CA TRP C 30 65.10 18.34 23.95
C TRP C 30 63.95 19.34 24.09
N THR C 31 63.33 19.38 25.26
CA THR C 31 62.39 20.45 25.55
C THR C 31 63.01 21.84 25.25
N VAL C 32 62.24 22.74 24.61
CA VAL C 32 62.65 24.14 24.41
C VAL C 32 61.62 25.16 24.95
N SER C 33 61.86 26.45 24.69
CA SER C 33 61.06 27.54 25.25
C SER C 33 60.90 28.63 24.22
N LEU C 34 59.73 28.65 23.60
CA LEU C 34 59.46 29.64 22.57
C LEU C 34 59.25 30.99 23.24
N ARG C 35 59.91 32.01 22.69
CA ARG C 35 59.98 33.32 23.30
C ARG C 35 59.29 34.35 22.42
N ASN C 36 58.28 35.02 22.96
CA ASN C 36 57.48 35.93 22.16
C ASN C 36 58.25 37.18 21.72
N ARG C 37 57.63 37.97 20.87
CA ARG C 37 58.22 39.18 20.30
C ARG C 37 58.63 40.17 21.40
N GLN C 38 57.85 40.23 22.47
CA GLN C 38 58.09 41.15 23.58
C GLN C 38 59.29 40.73 24.46
N GLY C 39 59.47 39.43 24.65
CA GLY C 39 60.55 38.91 25.50
C GLY C 39 60.16 37.72 26.38
N GLN C 40 58.95 37.79 26.96
CA GLN C 40 58.46 36.74 27.86
C GLN C 40 58.29 35.38 27.18
N HIS C 41 58.47 34.33 27.98
CA HIS C 41 58.20 32.95 27.55
C HIS C 41 56.70 32.76 27.40
N PHE C 42 56.29 32.07 26.34
CA PHE C 42 54.87 31.85 26.13
C PHE C 42 54.45 30.38 25.82
N CYS C 43 55.37 29.54 25.41
CA CYS C 43 55.05 28.17 25.05
C CYS C 43 56.36 27.41 24.88
N GLY C 44 56.30 26.09 24.92
CA GLY C 44 57.50 25.25 24.89
C GLY C 44 57.48 24.27 23.75
N GLY C 45 58.66 23.79 23.34
CA GLY C 45 58.79 23.03 22.11
C GLY C 45 59.49 21.69 22.25
N SER C 46 59.96 21.17 21.13
CA SER C 46 60.51 19.85 21.07
C SER C 46 61.49 19.77 19.92
N LEU C 47 62.77 19.57 20.24
CA LEU C 47 63.82 19.54 19.21
C LEU C 47 63.72 18.25 18.40
N VAL C 48 63.24 18.37 17.17
CA VAL C 48 63.00 17.23 16.30
C VAL C 48 64.16 17.04 15.31
N LYS C 49 64.75 18.16 14.89
CA LYS C 49 66.04 18.17 14.20
C LYS C 49 66.79 19.43 14.65
N GLU C 50 68.01 19.63 14.14
CA GLU C 50 68.76 20.85 14.48
C GLU C 50 68.02 22.11 14.01
N GLN C 51 67.28 21.99 12.90
CA GLN C 51 66.58 23.13 12.31
C GLN C 51 65.14 23.23 12.77
N TRP C 52 64.55 22.12 13.21
CA TRP C 52 63.11 22.07 13.39
C TRP C 52 62.67 21.91 14.84
N ILE C 53 61.60 22.61 15.18
CA ILE C 53 60.98 22.56 16.49
C ILE C 53 59.51 22.22 16.33
N LEU C 54 59.14 20.98 16.62
CA LEU C 54 57.74 20.61 16.59
C LEU C 54 57.05 21.15 17.85
N THR C 55 55.91 21.83 17.66
CA THR C 55 55.09 22.37 18.77
C THR C 55 53.59 22.50 18.39
N ALA C 56 52.77 22.90 19.37
CA ALA C 56 51.31 22.84 19.22
C ALA C 56 50.73 24.09 18.57
N ARG C 57 49.67 23.90 17.79
CA ARG C 57 48.97 24.98 17.07
C ARG C 57 48.42 26.08 17.96
N GLN C 58 47.87 25.70 19.10
CA GLN C 58 47.29 26.66 20.03
C GLN C 58 48.33 27.67 20.60
N CYS C 59 49.61 27.36 20.59
CA CYS C 59 50.59 28.35 21.06
C CYS C 59 50.44 29.68 20.30
N PHE C 60 50.10 29.57 19.02
CA PHE C 60 50.00 30.72 18.13
C PHE C 60 48.56 31.11 17.87
N SER C 61 48.34 32.39 17.56
CA SER C 61 46.99 32.84 17.23
C SER C 61 46.70 32.46 15.79
N SER C 62 47.51 32.95 14.87
CA SER C 62 47.29 32.73 13.45
C SER C 62 48.53 32.15 12.81
N CYS C 63 48.31 31.21 11.90
CA CYS C 63 49.38 30.52 11.19
C CYS C 63 50.21 31.46 10.27
N HIS C 64 49.71 32.69 10.04
CA HIS C 64 50.36 33.62 9.12
C HIS C 64 50.88 34.92 9.74
N MET C 65 50.71 35.10 11.04
CA MET C 65 51.28 36.28 11.71
C MET C 65 52.79 36.36 11.44
N PRO C 66 53.31 37.59 11.24
CA PRO C 66 54.76 37.77 11.17
C PRO C 66 55.45 37.13 12.38
N LEU C 67 56.47 36.31 12.12
CA LEU C 67 57.24 35.71 13.21
C LEU C 67 58.49 36.51 13.59
N THR C 68 59.22 36.99 12.58
CA THR C 68 60.45 37.78 12.80
C THR C 68 60.45 38.53 14.13
N GLY C 69 61.25 38.03 15.07
CA GLY C 69 61.23 38.49 16.47
C GLY C 69 61.02 37.30 17.41
N TYR C 70 60.03 36.47 17.09
CA TYR C 70 59.83 35.20 17.78
C TYR C 70 61.09 34.38 17.70
N GLU C 71 61.49 33.87 18.85
CA GLU C 71 62.80 33.28 19.04
C GLU C 71 62.68 32.00 19.86
N VAL C 72 63.69 31.14 19.80
CA VAL C 72 63.73 29.92 20.59
C VAL C 72 64.90 30.00 21.58
N TRP C 73 64.75 29.38 22.74
CA TRP C 73 65.79 29.40 23.77
C TRP C 73 66.15 27.97 24.21
N LEU C 74 67.07 27.34 23.46
CA LEU C 74 67.60 26.01 23.81
C LEU C 74 68.87 26.16 24.66
N GLY C 75 69.08 25.27 25.62
CA GLY C 75 70.31 25.26 26.40
C GLY C 75 70.09 25.33 27.90
N THR C 76 69.19 26.22 28.32
CA THR C 76 69.01 26.53 29.73
C THR C 76 68.25 25.47 30.55
N LEU C 77 68.08 25.76 31.85
CA LEU C 77 66.96 25.23 32.64
C LEU C 77 66.05 26.39 33.00
N PHE C 78 66.65 27.41 33.64
CA PHE C 78 65.92 28.58 34.13
C PHE C 78 65.25 29.34 32.98
N GLN C 79 64.25 30.16 33.30
CA GLN C 79 63.59 30.98 32.29
C GLN C 79 63.74 32.48 32.59
N ASN C 80 64.87 32.86 33.18
CA ASN C 80 65.24 34.27 33.32
C ASN C 80 66.74 34.40 33.55
N GLU C 85 74.94 34.34 31.74
CA GLU C 85 74.77 32.89 31.78
C GLU C 85 74.93 32.26 30.40
N PRO C 86 76.17 31.97 29.99
CA PRO C 86 76.46 31.44 28.65
C PRO C 86 76.32 29.92 28.51
N SER C 87 75.39 29.34 29.27
CA SER C 87 75.06 27.91 29.19
C SER C 87 73.74 27.74 28.41
N LEU C 88 73.68 28.40 27.25
CA LEU C 88 72.44 28.84 26.59
C LEU C 88 72.56 28.83 25.06
N GLN C 89 71.44 29.05 24.38
CA GLN C 89 71.40 29.39 22.96
C GLN C 89 70.15 30.22 22.65
N ARG C 90 70.22 31.01 21.59
CA ARG C 90 69.18 31.98 21.29
C ARG C 90 69.04 32.06 19.78
N VAL C 91 68.13 31.25 19.25
CA VAL C 91 67.94 31.12 17.81
C VAL C 91 66.58 31.68 17.43
N PRO C 92 66.55 32.60 16.45
CA PRO C 92 65.26 33.17 16.09
C PRO C 92 64.49 32.26 15.18
N VAL C 93 63.18 32.47 15.11
CA VAL C 93 62.32 31.74 14.18
C VAL C 93 62.24 32.48 12.85
N ALA C 94 62.55 31.77 11.77
CA ALA C 94 62.44 32.32 10.42
C ALA C 94 61.04 32.12 9.82
N LYS C 95 60.47 30.92 9.98
CA LYS C 95 59.12 30.61 9.48
C LYS C 95 58.33 29.60 10.36
N MET C 96 57.15 29.23 9.88
CA MET C 96 56.24 28.33 10.59
C MET C 96 55.45 27.52 9.54
N VAL C 97 55.07 26.29 9.88
CA VAL C 97 54.38 25.41 8.94
C VAL C 97 53.21 24.73 9.64
N CYS C 98 52.01 25.22 9.38
CA CYS C 98 50.83 24.84 10.16
C CYS C 98 50.33 23.48 9.73
N GLY C 99 50.58 22.49 10.59
CA GLY C 99 50.17 21.12 10.34
C GLY C 99 48.70 20.99 9.99
N PRO C 100 48.34 19.86 9.38
CA PRO C 100 47.04 19.68 8.77
C PRO C 100 45.91 19.71 9.79
N SER C 101 44.82 20.40 9.44
CA SER C 101 43.58 20.41 10.18
C SER C 101 43.49 19.27 11.18
N GLY C 102 43.62 19.61 12.46
CA GLY C 102 43.39 18.66 13.55
C GLY C 102 44.64 18.09 14.14
N SER C 103 45.79 18.40 13.56
CA SER C 103 47.09 17.96 14.09
C SER C 103 47.38 18.71 15.37
N GLN C 104 46.96 19.97 15.40
CA GLN C 104 47.36 20.88 16.46
C GLN C 104 48.88 20.96 16.45
N LEU C 105 49.49 20.70 15.30
CA LEU C 105 50.94 20.65 15.22
C LEU C 105 51.45 21.79 14.39
N VAL C 106 52.67 22.21 14.72
CA VAL C 106 53.34 23.35 14.13
C VAL C 106 54.83 23.04 14.16
N LEU C 107 55.42 22.78 13.01
CA LEU C 107 56.86 22.69 12.93
C LEU C 107 57.38 24.13 12.83
N LEU C 108 58.70 24.28 12.97
CA LEU C 108 59.34 25.59 12.99
C LEU C 108 60.79 25.49 12.49
N LYS C 109 61.05 26.04 11.31
CA LYS C 109 62.43 26.23 10.84
C LYS C 109 63.06 27.35 11.67
N LEU C 110 64.35 27.21 11.99
CA LEU C 110 65.07 28.22 12.74
C LEU C 110 66.03 28.99 11.84
N GLU C 111 66.26 30.28 12.13
CA GLU C 111 67.26 31.10 11.43
C GLU C 111 68.57 30.34 11.18
N ARG C 112 68.98 29.47 12.11
CA ARG C 112 70.22 28.68 11.90
C ARG C 112 70.29 27.41 12.77
N SER C 113 70.77 26.32 12.17
CA SER C 113 70.78 25.01 12.81
C SER C 113 71.53 25.09 14.13
N VAL C 114 71.04 24.39 15.14
CA VAL C 114 71.63 24.50 16.48
C VAL C 114 72.80 23.54 16.63
N THR C 115 73.51 23.72 17.74
CA THR C 115 74.62 22.85 18.10
C THR C 115 74.27 22.05 19.36
N LEU C 116 74.55 20.75 19.34
CA LEU C 116 74.18 19.88 20.44
C LEU C 116 75.25 19.81 21.53
N ASN C 117 74.92 19.18 22.65
CA ASN C 117 75.84 19.02 23.77
C ASN C 117 75.17 18.19 24.89
N GLN C 118 75.32 18.58 26.16
CA GLN C 118 74.65 17.89 27.27
C GLN C 118 73.18 18.25 27.37
N ARG C 119 72.90 19.56 27.37
CA ARG C 119 71.52 20.06 27.56
C ARG C 119 70.96 20.70 26.29
N VAL C 120 71.28 20.09 25.15
CA VAL C 120 70.60 20.31 23.89
C VAL C 120 70.73 18.99 23.14
N ALA C 121 69.61 18.39 22.76
CA ALA C 121 69.64 17.11 22.05
C ALA C 121 68.39 16.90 21.25
N LEU C 122 68.51 16.18 20.13
CA LEU C 122 67.34 15.87 19.30
C LEU C 122 66.48 14.84 20.03
N ILE C 123 65.28 14.60 19.51
CA ILE C 123 64.48 13.46 19.97
C ILE C 123 63.96 12.63 18.80
N CYS C 124 63.95 11.31 18.99
CA CYS C 124 63.53 10.40 17.93
C CYS C 124 62.02 10.55 17.67
N LEU C 125 61.68 10.90 16.43
CA LEU C 125 60.30 10.77 15.96
C LEU C 125 60.02 9.28 15.83
N PRO C 126 58.76 8.86 16.04
CA PRO C 126 58.41 7.46 15.99
C PRO C 126 58.14 6.98 14.58
N PRO C 127 57.85 5.68 14.40
CA PRO C 127 57.32 5.19 13.13
C PRO C 127 56.02 5.89 12.76
N GLU C 128 55.57 5.75 11.51
CA GLU C 128 54.27 6.28 11.13
C GLU C 128 53.20 5.37 11.78
N TRP C 129 52.27 6.00 12.49
CA TRP C 129 51.11 5.34 13.13
C TRP C 129 51.45 4.33 14.23
N TYR C 130 52.67 4.37 14.78
CA TYR C 130 53.02 3.47 15.88
C TYR C 130 52.38 3.88 17.20
N VAL C 131 51.62 2.95 17.78
CA VAL C 131 50.81 3.18 18.97
C VAL C 131 51.59 2.81 20.25
N VAL C 132 51.39 3.58 21.31
CA VAL C 132 52.17 3.42 22.53
C VAL C 132 51.40 2.49 23.48
N PRO C 133 52.07 1.42 23.96
CA PRO C 133 51.37 0.51 24.86
C PRO C 133 51.11 1.15 26.22
N PRO C 134 49.88 0.99 26.76
CA PRO C 134 49.62 1.33 28.16
C PRO C 134 50.66 0.65 29.04
N GLY C 135 51.01 1.27 30.16
CA GLY C 135 52.07 0.74 31.02
C GLY C 135 53.46 1.29 30.72
N THR C 136 53.70 1.65 29.46
CA THR C 136 54.94 2.31 29.03
C THR C 136 55.16 3.59 29.82
N LYS C 137 56.42 3.97 30.01
CA LYS C 137 56.77 5.17 30.76
C LYS C 137 57.27 6.30 29.89
N CYS C 138 56.59 7.43 30.02
CA CYS C 138 56.90 8.67 29.29
C CYS C 138 57.11 9.78 30.30
N GLU C 139 57.67 10.90 29.86
CA GLU C 139 58.04 12.02 30.74
C GLU C 139 57.54 13.34 30.15
N ILE C 140 57.34 14.34 31.02
CA ILE C 140 56.90 15.66 30.57
C ILE C 140 57.47 16.81 31.38
N ALA C 141 58.32 17.60 30.73
CA ALA C 141 58.91 18.80 31.32
C ALA C 141 57.92 19.95 31.34
N GLY C 142 58.31 21.04 31.97
CA GLY C 142 57.49 22.26 32.07
C GLY C 142 58.09 23.30 32.99
N TRP C 143 57.52 24.50 33.00
CA TRP C 143 58.00 25.57 33.89
C TRP C 143 57.06 25.74 35.07
N ASP C 152 57.40 30.10 39.99
CA ASP C 152 58.80 29.68 40.19
C ASP C 152 59.78 30.23 39.13
N THR C 153 60.87 29.49 38.88
CA THR C 153 61.82 29.84 37.80
C THR C 153 62.63 28.68 37.17
N VAL C 154 62.21 27.42 37.31
CA VAL C 154 62.96 26.30 36.70
C VAL C 154 62.10 25.18 36.11
N LEU C 155 62.76 24.37 35.27
CA LEU C 155 62.14 23.23 34.63
C LEU C 155 61.64 22.23 35.66
N ASN C 156 60.60 21.47 35.33
CA ASN C 156 60.10 20.38 36.19
C ASN C 156 59.65 19.16 35.38
N VAL C 157 60.57 18.27 35.06
CA VAL C 157 60.18 16.96 34.53
C VAL C 157 59.21 16.23 35.47
N ALA C 158 58.52 15.23 34.92
CA ALA C 158 57.65 14.38 35.70
C ALA C 158 57.33 13.13 34.88
N LEU C 159 57.44 11.97 35.53
CA LEU C 159 57.32 10.70 34.82
C LEU C 159 55.88 10.22 34.83
N LEU C 160 55.41 9.75 33.67
CA LEU C 160 54.00 9.38 33.49
C LEU C 160 53.80 7.98 32.95
N ASN C 161 52.69 7.41 33.37
CA ASN C 161 52.24 6.11 32.92
C ASN C 161 51.34 6.32 31.69
N VAL C 162 51.53 5.51 30.67
CA VAL C 162 50.68 5.56 29.51
C VAL C 162 49.43 4.74 29.78
N ILE C 163 48.29 5.22 29.26
CA ILE C 163 47.04 4.43 29.25
C ILE C 163 46.31 4.55 27.91
N SER C 164 45.45 3.57 27.67
CA SER C 164 44.75 3.40 26.41
C SER C 164 43.74 4.50 26.20
N ASN C 165 43.36 4.69 24.94
CA ASN C 165 42.22 5.55 24.61
C ASN C 165 40.89 4.96 25.12
N GLN C 166 40.84 3.62 25.26
CA GLN C 166 39.73 2.99 25.98
C GLN C 166 39.66 3.56 27.40
N GLU C 167 40.70 3.28 28.19
CA GLU C 167 40.78 3.69 29.60
C GLU C 167 40.40 5.15 29.81
N CYS C 168 41.03 6.07 29.09
CA CYS C 168 40.81 7.50 29.38
C CYS C 168 39.46 8.05 28.88
N ASN C 169 38.90 7.47 27.81
CA ASN C 169 37.56 7.89 27.32
C ASN C 169 36.44 7.68 28.34
N ILE C 170 36.67 6.81 29.33
CA ILE C 170 35.75 6.69 30.46
C ILE C 170 35.66 8.03 31.20
N LYS C 171 36.79 8.46 31.75
CA LYS C 171 36.85 9.69 32.56
C LYS C 171 36.73 10.94 31.71
N HIS C 172 37.18 10.88 30.46
CA HIS C 172 37.03 12.00 29.52
C HIS C 172 35.65 12.03 28.82
N ARG C 173 34.76 11.09 29.18
CA ARG C 173 33.37 11.06 28.71
C ARG C 173 33.32 10.90 27.19
N GLY C 174 33.95 9.82 26.73
CA GLY C 174 34.07 9.51 25.31
C GLY C 174 34.31 10.73 24.45
N ARG C 175 35.50 11.34 24.57
CA ARG C 175 35.84 12.52 23.78
C ARG C 175 37.33 12.61 23.41
N VAL C 176 37.97 11.46 23.28
CA VAL C 176 39.39 11.40 22.95
C VAL C 176 39.50 10.80 21.56
N ARG C 177 39.73 11.64 20.57
CA ARG C 177 39.70 11.19 19.19
C ARG C 177 40.89 10.29 18.85
N GLU C 178 40.82 9.65 17.69
CA GLU C 178 41.73 8.56 17.35
C GLU C 178 43.18 9.02 17.20
N SER C 179 43.35 10.33 16.97
CA SER C 179 44.65 10.95 16.81
C SER C 179 45.19 11.53 18.12
N GLU C 180 44.89 10.85 19.24
CA GLU C 180 45.30 11.32 20.59
C GLU C 180 45.72 10.18 21.51
N MET C 181 46.26 10.55 22.65
CA MET C 181 46.60 9.59 23.68
C MET C 181 46.40 10.26 25.02
N CYS C 182 46.32 9.46 26.07
CA CYS C 182 46.22 9.98 27.42
C CYS C 182 47.21 9.28 28.32
N THR C 183 47.72 10.03 29.31
CA THR C 183 48.46 9.42 30.39
C THR C 183 47.55 9.36 31.60
N GLU C 184 47.85 8.45 32.50
CA GLU C 184 47.09 8.30 33.73
C GLU C 184 47.42 9.47 34.64
N GLY C 185 46.46 9.84 35.47
CA GLY C 185 46.61 11.00 36.34
C GLY C 185 47.62 10.82 37.47
N LEU C 186 48.54 11.77 37.56
CA LEU C 186 49.35 11.95 38.77
C LEU C 186 48.40 12.19 39.93
N LEU C 187 48.69 11.61 41.09
CA LEU C 187 47.87 11.83 42.29
C LEU C 187 48.12 13.24 42.84
N ALA C 188 49.32 13.75 42.56
CA ALA C 188 49.69 15.09 42.95
C ALA C 188 48.92 16.07 42.09
N PRO C 189 48.54 17.22 42.67
CA PRO C 189 47.99 18.28 41.84
C PRO C 189 49.08 18.99 41.01
N VAL C 190 49.50 18.35 39.91
CA VAL C 190 50.54 18.91 39.02
C VAL C 190 50.43 18.21 37.67
N GLY C 191 50.50 18.99 36.59
CA GLY C 191 50.34 18.48 35.24
C GLY C 191 50.55 19.58 34.21
N ALA C 192 50.79 19.18 32.96
CA ALA C 192 51.10 20.13 31.89
C ALA C 192 49.91 21.02 31.55
N CYS C 193 49.91 22.24 32.06
CA CYS C 193 48.82 23.19 31.83
C CYS C 193 49.30 24.43 31.08
N GLU C 194 48.76 25.60 31.43
CA GLU C 194 48.97 26.84 30.68
C GLU C 194 50.46 27.15 30.60
N GLY C 195 50.88 27.77 29.49
CA GLY C 195 52.29 28.10 29.25
C GLY C 195 53.27 26.93 29.11
N ASP C 196 52.78 25.69 29.22
CA ASP C 196 53.59 24.48 29.09
C ASP C 196 53.23 23.70 27.84
N TYR C 197 52.25 24.20 27.09
CA TYR C 197 51.78 23.53 25.85
C TYR C 197 52.89 23.57 24.81
N GLY C 198 52.88 22.59 23.91
CA GLY C 198 53.94 22.46 22.90
C GLY C 198 55.21 21.73 23.37
N GLY C 199 55.42 21.69 24.69
CA GLY C 199 56.48 20.87 25.29
C GLY C 199 56.25 19.39 25.02
N PRO C 200 57.33 18.59 24.96
CA PRO C 200 57.21 17.25 24.42
C PRO C 200 56.78 16.27 25.46
N LEU C 201 56.44 15.07 25.00
CA LEU C 201 56.02 13.95 25.84
C LEU C 201 56.83 12.75 25.41
N ALA C 202 58.09 12.74 25.85
CA ALA C 202 59.06 11.73 25.43
C ALA C 202 58.73 10.38 26.05
N CYS C 203 58.82 9.32 25.26
CA CYS C 203 58.63 7.96 25.76
C CYS C 203 59.85 7.11 25.51
N PHE C 204 60.29 6.38 26.53
CA PHE C 204 61.46 5.52 26.41
C PHE C 204 61.10 4.17 25.79
N THR C 205 61.72 3.84 24.64
CA THR C 205 61.62 2.48 24.05
C THR C 205 62.87 2.00 23.32
N HIS C 206 63.11 0.69 23.45
CA HIS C 206 64.30 0.01 22.89
C HIS C 206 65.56 0.88 23.10
N ASN C 207 65.77 1.24 24.38
CA ASN C 207 66.89 2.09 24.83
C ASN C 207 66.98 3.47 24.18
N SER C 208 65.83 4.13 23.97
CA SER C 208 65.81 5.46 23.33
C SER C 208 64.52 6.23 23.62
N TRP C 209 64.68 7.53 23.91
CA TRP C 209 63.55 8.43 24.14
C TRP C 209 62.97 8.88 22.82
N VAL C 210 61.65 8.83 22.69
CA VAL C 210 60.95 8.93 21.41
C VAL C 210 59.72 9.80 21.52
N LEU C 211 59.71 10.91 20.79
CA LEU C 211 58.63 11.92 20.93
C LEU C 211 57.30 11.36 20.47
N GLU C 212 56.44 10.95 21.42
CA GLU C 212 55.14 10.32 21.08
C GLU C 212 53.94 11.25 21.15
N GLY C 213 54.08 12.40 21.79
CA GLY C 213 52.95 13.30 21.97
C GLY C 213 53.38 14.76 22.04
N ILE C 214 52.41 15.65 22.17
CA ILE C 214 52.68 17.06 22.40
C ILE C 214 51.66 17.65 23.35
N ILE C 215 52.14 18.30 24.38
CA ILE C 215 51.29 18.89 25.36
C ILE C 215 50.33 19.82 24.62
N ILE C 216 49.03 19.52 24.74
CA ILE C 216 48.00 20.40 24.22
C ILE C 216 47.07 20.74 25.35
N PRO C 217 46.23 21.78 25.19
CA PRO C 217 45.18 22.08 26.16
C PRO C 217 44.41 20.84 26.58
N ASN C 218 44.05 20.78 27.85
CA ASN C 218 43.07 19.81 28.31
C ASN C 218 41.87 20.53 28.92
N ARG C 219 40.77 19.79 29.07
CA ARG C 219 39.54 20.36 29.62
C ARG C 219 39.78 20.86 31.04
N VAL C 220 40.29 19.94 31.87
CA VAL C 220 40.69 20.25 33.22
C VAL C 220 42.12 19.75 33.31
N CYS C 221 43.01 20.51 33.94
CA CYS C 221 44.44 20.21 33.92
C CYS C 221 45.07 20.27 35.28
N ALA C 222 46.08 19.45 35.49
CA ALA C 222 46.71 19.31 36.78
C ALA C 222 45.62 19.13 37.82
N ARG C 223 44.95 18.00 37.70
CA ARG C 223 43.86 17.62 38.60
C ARG C 223 44.08 16.18 39.03
N SER C 224 44.42 16.01 40.30
CA SER C 224 44.56 14.70 40.97
C SER C 224 43.68 13.59 40.40
N ARG C 225 44.32 12.50 39.98
CA ARG C 225 43.60 11.29 39.54
C ARG C 225 42.78 11.51 38.26
N TRP C 226 43.09 12.54 37.48
CA TRP C 226 42.39 12.77 36.21
C TRP C 226 43.39 12.61 35.08
N PRO C 227 43.04 11.85 34.01
CA PRO C 227 43.94 11.62 32.88
C PRO C 227 44.48 12.90 32.25
N ALA C 228 45.25 12.76 31.18
CA ALA C 228 45.73 13.92 30.42
C ALA C 228 45.90 13.54 28.97
N VAL C 229 45.33 14.33 28.08
CA VAL C 229 45.35 14.04 26.64
C VAL C 229 46.47 14.76 25.90
N PHE C 230 47.13 14.05 24.98
CA PHE C 230 48.13 14.67 24.09
C PHE C 230 47.83 14.28 22.64
N THR C 231 48.25 15.15 21.70
CA THR C 231 48.10 14.85 20.27
C THR C 231 49.17 13.85 19.85
N ARG C 232 48.74 12.84 19.10
CA ARG C 232 49.59 11.71 18.78
C ARG C 232 50.51 12.05 17.59
N VAL C 233 51.83 12.02 17.79
CA VAL C 233 52.78 12.42 16.74
C VAL C 233 52.93 11.37 15.63
N SER C 234 53.08 10.11 15.99
CA SER C 234 53.20 9.05 14.97
C SER C 234 52.08 9.16 13.92
N VAL C 235 50.91 9.60 14.35
CA VAL C 235 49.76 9.87 13.48
C VAL C 235 49.98 10.89 12.34
N PHE C 236 50.95 11.80 12.49
CA PHE C 236 51.19 12.85 11.49
C PHE C 236 52.64 12.96 10.99
N VAL C 237 53.47 11.95 11.23
CA VAL C 237 54.90 12.09 10.91
C VAL C 237 55.14 12.15 9.41
N ASP C 238 54.35 11.43 8.62
CA ASP C 238 54.58 11.49 7.19
C ASP C 238 54.49 12.93 6.72
N TRP C 239 53.57 13.69 7.33
CA TRP C 239 53.57 15.14 7.11
C TRP C 239 54.89 15.75 7.55
N ILE C 240 55.31 15.46 8.78
CA ILE C 240 56.49 16.07 9.39
C ILE C 240 57.74 15.92 8.54
N HIS C 241 58.00 14.70 8.06
CA HIS C 241 59.20 14.50 7.25
C HIS C 241 59.07 15.35 5.99
N LYS C 242 57.96 15.19 5.28
CA LYS C 242 57.68 15.98 4.08
C LYS C 242 57.96 17.47 4.27
N VAL C 243 57.63 18.00 5.43
CA VAL C 243 57.87 19.41 5.71
C VAL C 243 59.35 19.80 5.69
N MET C 244 60.22 18.89 6.11
CA MET C 244 61.66 19.19 6.27
C MET C 244 62.45 18.71 5.06
N ARG C 245 62.38 17.41 4.81
CA ARG C 245 63.04 16.79 3.65
C ARG C 245 63.28 17.76 2.48
N LEU C 246 62.26 18.52 2.09
CA LEU C 246 62.35 19.44 0.94
C LEU C 246 62.87 20.79 1.41
N LYS D 3 -72.05 -6.89 -17.07
CA LYS D 3 -70.67 -6.83 -16.47
C LYS D 3 -69.55 -6.62 -17.55
N CYS D 4 -68.31 -6.88 -17.12
CA CYS D 4 -67.08 -7.02 -17.95
C CYS D 4 -67.19 -7.32 -19.44
N GLY D 5 -66.02 -7.35 -20.08
CA GLY D 5 -65.77 -7.96 -21.40
C GLY D 5 -66.86 -7.86 -22.44
N LYS D 6 -67.30 -6.65 -22.72
CA LYS D 6 -68.30 -6.40 -23.76
C LYS D 6 -67.99 -5.10 -24.48
N ARG D 7 -67.77 -5.23 -25.78
CA ARG D 7 -67.76 -4.11 -26.71
C ARG D 7 -68.86 -4.38 -27.74
N VAL D 8 -69.63 -3.34 -28.05
CA VAL D 8 -70.27 -3.23 -29.37
C VAL D 8 -69.24 -2.44 -30.20
N ASP D 9 -68.72 -1.37 -29.59
CA ASP D 9 -67.64 -0.51 -30.11
C ASP D 9 -67.13 -0.85 -31.52
N ARG D 10 -66.09 -1.69 -31.61
CA ARG D 10 -65.52 -2.05 -32.92
C ARG D 10 -66.54 -2.85 -33.74
N LEU D 11 -67.38 -2.12 -34.49
CA LEU D 11 -68.40 -2.69 -35.37
C LEU D 11 -67.77 -3.73 -36.30
N ASP D 12 -67.72 -4.96 -35.82
CA ASP D 12 -66.87 -6.00 -36.37
C ASP D 12 -66.69 -7.18 -35.39
N GLN D 13 -66.88 -6.94 -34.09
CA GLN D 13 -66.91 -7.99 -33.05
C GLN D 13 -67.29 -9.41 -33.54
N ARG D 14 -68.31 -9.51 -34.38
CA ARG D 14 -68.64 -10.77 -35.08
C ARG D 14 -68.90 -10.49 -36.57
N ARG D 15 -68.00 -9.72 -37.18
CA ARG D 15 -68.07 -9.31 -38.60
C ARG D 15 -66.68 -9.14 -39.23
N SER D 16 -65.65 -8.91 -38.41
CA SER D 16 -64.23 -9.07 -38.81
C SER D 16 -63.69 -10.47 -38.47
N LYS D 17 -64.47 -11.48 -38.82
CA LYS D 17 -63.98 -12.84 -38.94
C LYS D 17 -63.77 -13.16 -40.43
N LEU D 18 -63.78 -12.12 -41.28
CA LEU D 18 -63.50 -12.25 -42.71
C LEU D 18 -62.02 -12.03 -42.95
N ARG D 19 -61.51 -10.93 -42.39
CA ARG D 19 -60.11 -10.57 -42.53
C ARG D 19 -59.27 -11.33 -41.50
N VAL D 20 -59.45 -12.65 -41.45
CA VAL D 20 -58.74 -13.53 -40.53
C VAL D 20 -57.37 -13.87 -41.06
N VAL D 21 -57.32 -14.16 -42.37
CA VAL D 21 -56.06 -14.53 -43.03
C VAL D 21 -55.28 -13.24 -43.30
N GLY D 22 -54.44 -12.86 -42.34
CA GLY D 22 -53.70 -11.61 -42.34
C GLY D 22 -53.82 -10.92 -40.99
N GLY D 23 -52.87 -10.04 -40.70
CA GLY D 23 -52.94 -9.13 -39.54
C GLY D 23 -53.29 -7.72 -40.01
N HIS D 24 -54.13 -7.03 -39.25
CA HIS D 24 -54.67 -5.73 -39.67
C HIS D 24 -54.84 -4.76 -38.48
N PRO D 25 -55.06 -3.46 -38.77
CA PRO D 25 -55.33 -2.49 -37.70
C PRO D 25 -56.73 -2.65 -37.18
N GLY D 26 -56.97 -2.13 -35.99
CA GLY D 26 -58.29 -2.21 -35.37
C GLY D 26 -58.25 -1.82 -33.91
N ASN D 27 -59.36 -2.04 -33.20
CA ASN D 27 -59.50 -1.60 -31.83
C ASN D 27 -59.37 -2.76 -30.84
N SER D 28 -58.81 -2.47 -29.66
CA SER D 28 -58.79 -3.40 -28.54
C SER D 28 -58.80 -2.56 -27.26
N PRO D 29 -59.99 -2.36 -26.64
CA PRO D 29 -60.07 -1.41 -25.50
C PRO D 29 -59.32 -1.89 -24.23
N TRP D 30 -59.51 -3.16 -23.87
CA TRP D 30 -58.89 -3.77 -22.69
C TRP D 30 -57.37 -3.89 -22.73
N THR D 31 -56.82 -4.15 -23.91
CA THR D 31 -55.37 -4.08 -24.10
C THR D 31 -54.84 -2.74 -23.57
N VAL D 32 -53.72 -2.77 -22.85
CA VAL D 32 -53.04 -1.54 -22.42
C VAL D 32 -51.56 -1.52 -22.87
N SER D 33 -50.82 -0.52 -22.41
CA SER D 33 -49.43 -0.27 -22.84
C SER D 33 -48.58 0.19 -21.67
N LEU D 34 -47.81 -0.73 -21.11
CA LEU D 34 -46.99 -0.39 -19.97
C LEU D 34 -45.83 0.45 -20.44
N ARG D 35 -45.58 1.52 -19.70
CA ARG D 35 -44.64 2.56 -20.10
C ARG D 35 -43.49 2.62 -19.12
N ASN D 36 -42.27 2.43 -19.62
CA ASN D 36 -41.11 2.36 -18.75
C ASN D 36 -40.76 3.71 -18.10
N ARG D 37 -39.80 3.66 -17.17
CA ARG D 37 -39.39 4.81 -16.39
C ARG D 37 -38.91 5.94 -17.30
N GLN D 38 -38.27 5.56 -18.39
CA GLN D 38 -37.71 6.53 -19.35
C GLN D 38 -38.76 7.23 -20.22
N GLY D 39 -39.83 6.51 -20.60
CA GLY D 39 -40.90 7.07 -21.44
C GLY D 39 -41.42 6.11 -22.50
N GLN D 40 -40.49 5.37 -23.12
CA GLN D 40 -40.84 4.43 -24.20
C GLN D 40 -41.74 3.29 -23.74
N HIS D 41 -42.56 2.82 -24.66
CA HIS D 41 -43.38 1.64 -24.47
C HIS D 41 -42.49 0.43 -24.43
N PHE D 42 -42.75 -0.49 -23.50
CA PHE D 42 -41.95 -1.71 -23.42
C PHE D 42 -42.74 -3.04 -23.32
N CYS D 43 -44.02 -3.00 -23.00
CA CYS D 43 -44.81 -4.22 -22.89
C CYS D 43 -46.29 -3.80 -22.77
N GLY D 44 -47.20 -4.73 -23.02
CA GLY D 44 -48.63 -4.43 -23.04
C GLY D 44 -49.37 -5.28 -22.04
N GLY D 45 -50.56 -4.81 -21.65
CA GLY D 45 -51.29 -5.42 -20.54
C GLY D 45 -52.73 -5.82 -20.84
N SER D 46 -53.51 -5.98 -19.77
CA SER D 46 -54.85 -6.51 -19.88
C SER D 46 -55.66 -6.01 -18.70
N LEU D 47 -56.66 -5.16 -18.97
CA LEU D 47 -57.48 -4.59 -17.89
C LEU D 47 -58.39 -5.65 -17.30
N VAL D 48 -58.05 -6.10 -16.11
CA VAL D 48 -58.77 -7.17 -15.42
C VAL D 48 -59.76 -6.60 -14.39
N LYS D 49 -59.40 -5.48 -13.79
CA LYS D 49 -60.34 -4.65 -13.03
C LYS D 49 -59.93 -3.20 -13.24
N GLU D 50 -60.65 -2.26 -12.63
CA GLU D 50 -60.27 -0.83 -12.72
C GLU D 50 -58.90 -0.56 -12.10
N GLN D 51 -58.56 -1.32 -11.05
CA GLN D 51 -57.29 -1.16 -10.35
C GLN D 51 -56.17 -2.09 -10.87
N TRP D 52 -56.54 -3.19 -11.51
CA TRP D 52 -55.56 -4.24 -11.79
C TRP D 52 -55.28 -4.46 -13.26
N ILE D 53 -54.00 -4.72 -13.56
CA ILE D 53 -53.52 -4.99 -14.91
C ILE D 53 -52.78 -6.32 -14.89
N LEU D 54 -53.40 -7.37 -15.38
CA LEU D 54 -52.69 -8.64 -15.52
C LEU D 54 -51.73 -8.59 -16.72
N THR D 55 -50.46 -8.98 -16.50
CA THR D 55 -49.43 -9.04 -17.58
C THR D 55 -48.34 -10.08 -17.29
N ALA D 56 -47.41 -10.26 -18.24
CA ALA D 56 -46.44 -11.37 -18.17
C ALA D 56 -45.19 -11.04 -17.36
N ARG D 57 -44.64 -12.05 -16.68
CA ARG D 57 -43.43 -11.94 -15.84
C ARG D 57 -42.17 -11.45 -16.58
N GLN D 58 -42.00 -11.91 -17.82
CA GLN D 58 -40.85 -11.54 -18.61
C GLN D 58 -40.80 -10.03 -18.92
N CYS D 59 -41.91 -9.31 -18.87
CA CYS D 59 -41.85 -7.87 -19.16
C CYS D 59 -40.85 -7.19 -18.21
N PHE D 60 -40.78 -7.72 -16.99
CA PHE D 60 -39.95 -7.14 -15.95
C PHE D 60 -38.67 -7.95 -15.73
N SER D 61 -37.64 -7.28 -15.23
CA SER D 61 -36.40 -7.98 -14.90
C SER D 61 -36.58 -8.65 -13.54
N SER D 62 -36.87 -7.85 -12.52
CA SER D 62 -36.95 -8.36 -11.17
C SER D 62 -38.27 -7.97 -10.52
N CYS D 63 -38.84 -8.89 -9.75
CA CYS D 63 -40.13 -8.71 -9.10
C CYS D 63 -40.11 -7.61 -8.03
N HIS D 64 -38.90 -7.16 -7.65
CA HIS D 64 -38.74 -6.20 -6.56
C HIS D 64 -38.13 -4.84 -6.95
N MET D 65 -37.78 -4.65 -8.22
CA MET D 65 -37.31 -3.34 -8.67
C MET D 65 -38.33 -2.25 -8.30
N PRO D 66 -37.82 -1.07 -7.88
CA PRO D 66 -38.70 0.09 -7.72
C PRO D 66 -39.54 0.33 -8.99
N LEU D 67 -40.85 0.48 -8.81
CA LEU D 67 -41.74 0.77 -9.95
C LEU D 67 -41.98 2.27 -10.14
N THR D 68 -42.22 2.97 -9.03
CA THR D 68 -42.48 4.42 -9.06
C THR D 68 -41.83 5.11 -10.28
N GLY D 69 -42.67 5.49 -11.24
CA GLY D 69 -42.23 5.99 -12.55
C GLY D 69 -42.88 5.17 -13.64
N TYR D 70 -42.82 3.85 -13.49
CA TYR D 70 -43.55 2.94 -14.38
C TYR D 70 -45.03 3.27 -14.35
N GLU D 71 -45.60 3.38 -15.54
CA GLU D 71 -46.91 3.96 -15.74
C GLU D 71 -47.69 3.12 -16.75
N VAL D 72 -49.02 3.25 -16.74
CA VAL D 72 -49.88 2.58 -17.71
C VAL D 72 -50.56 3.61 -18.59
N TRP D 73 -50.83 3.26 -19.84
CA TRP D 73 -51.46 4.17 -20.80
C TRP D 73 -52.71 3.54 -21.44
N LEU D 74 -53.85 3.68 -20.74
CA LEU D 74 -55.14 3.21 -21.25
C LEU D 74 -55.84 4.35 -21.98
N GLY D 75 -56.57 4.03 -23.04
CA GLY D 75 -57.38 5.03 -23.74
C GLY D 75 -57.07 5.14 -25.21
N THR D 76 -55.78 5.16 -25.54
CA THR D 76 -55.33 5.43 -26.91
C THR D 76 -55.50 4.27 -27.91
N LEU D 77 -55.12 4.54 -29.15
CA LEU D 77 -54.71 3.49 -30.10
C LEU D 77 -53.23 3.68 -30.40
N PHE D 78 -52.86 4.89 -30.82
CA PHE D 78 -51.48 5.24 -31.15
C PHE D 78 -50.55 5.08 -29.95
N GLN D 79 -49.24 4.98 -30.21
CA GLN D 79 -48.25 4.90 -29.13
C GLN D 79 -47.28 6.08 -29.16
N ASN D 80 -47.77 7.24 -29.57
CA ASN D 80 -46.99 8.49 -29.47
C ASN D 80 -47.92 9.69 -29.58
N GLU D 85 -53.57 15.32 -27.37
CA GLU D 85 -54.43 14.18 -27.65
C GLU D 85 -55.14 13.70 -26.38
N PRO D 86 -56.28 14.32 -26.02
CA PRO D 86 -56.99 13.99 -24.77
C PRO D 86 -57.96 12.82 -24.89
N SER D 87 -57.64 11.86 -25.75
CA SER D 87 -58.43 10.64 -25.92
C SER D 87 -57.72 9.48 -25.20
N LEU D 88 -57.32 9.74 -23.94
CA LEU D 88 -56.22 9.03 -23.29
C LEU D 88 -56.42 8.88 -21.76
N GLN D 89 -55.55 8.10 -21.13
CA GLN D 89 -55.37 8.12 -19.67
C GLN D 89 -53.93 7.75 -19.32
N ARG D 90 -53.49 8.19 -18.16
CA ARG D 90 -52.11 8.04 -17.76
C ARG D 90 -52.07 7.76 -16.27
N VAL D 91 -52.05 6.47 -15.92
CA VAL D 91 -52.09 6.03 -14.54
C VAL D 91 -50.78 5.36 -14.16
N PRO D 92 -50.15 5.82 -13.07
CA PRO D 92 -48.88 5.22 -12.68
C PRO D 92 -49.07 3.91 -11.98
N VAL D 93 -48.02 3.10 -11.98
CA VAL D 93 -48.02 1.85 -11.20
C VAL D 93 -47.51 2.10 -9.78
N ALA D 94 -48.30 1.69 -8.79
CA ALA D 94 -47.91 1.80 -7.38
C ALA D 94 -47.14 0.56 -6.91
N LYS D 95 -47.60 -0.63 -7.27
CA LYS D 95 -46.94 -1.89 -6.91
C LYS D 95 -47.05 -3.02 -7.97
N MET D 96 -46.55 -4.20 -7.62
CA MET D 96 -46.51 -5.37 -8.51
C MET D 96 -46.58 -6.64 -7.65
N VAL D 97 -47.17 -7.71 -8.19
CA VAL D 97 -47.40 -8.93 -7.41
C VAL D 97 -47.05 -10.13 -8.28
N CYS D 98 -45.90 -10.71 -8.01
CA CYS D 98 -45.33 -11.68 -8.90
C CYS D 98 -46.02 -13.02 -8.72
N GLY D 99 -46.83 -13.38 -9.69
CA GLY D 99 -47.52 -14.64 -9.70
C GLY D 99 -46.61 -15.83 -9.50
N PRO D 100 -47.20 -16.96 -9.11
CA PRO D 100 -46.45 -18.10 -8.61
C PRO D 100 -45.55 -18.69 -9.68
N SER D 101 -44.29 -18.95 -9.30
CA SER D 101 -43.28 -19.57 -10.15
C SER D 101 -43.94 -20.42 -11.24
N GLY D 102 -43.82 -19.98 -12.50
CA GLY D 102 -44.33 -20.72 -13.66
C GLY D 102 -45.60 -20.14 -14.26
N SER D 103 -46.22 -19.20 -13.57
CA SER D 103 -47.38 -18.49 -14.09
C SER D 103 -46.97 -17.57 -15.24
N GLN D 104 -45.77 -17.02 -15.11
CA GLN D 104 -45.33 -15.97 -15.99
C GLN D 104 -46.33 -14.84 -15.86
N LEU D 105 -47.00 -14.73 -14.71
CA LEU D 105 -48.02 -13.72 -14.55
C LEU D 105 -47.61 -12.68 -13.54
N VAL D 106 -48.16 -11.49 -13.74
CA VAL D 106 -47.84 -10.32 -12.94
C VAL D 106 -49.07 -9.45 -12.93
N LEU D 107 -49.73 -9.37 -11.79
CA LEU D 107 -50.80 -8.38 -11.62
C LEU D 107 -50.14 -7.05 -11.27
N LEU D 108 -50.93 -5.97 -11.31
CA LEU D 108 -50.44 -4.62 -11.11
C LEU D 108 -51.54 -3.70 -10.56
N LYS D 109 -51.40 -3.31 -9.29
CA LYS D 109 -52.27 -2.28 -8.72
C LYS D 109 -51.84 -0.94 -9.33
N LEU D 110 -52.81 -0.07 -9.58
CA LEU D 110 -52.55 1.26 -10.14
C LEU D 110 -52.72 2.33 -9.08
N GLU D 111 -51.92 3.41 -9.17
CA GLU D 111 -52.07 4.56 -8.27
C GLU D 111 -53.53 4.98 -8.06
N ARG D 112 -54.38 4.83 -9.08
CA ARG D 112 -55.81 5.13 -8.94
C ARG D 112 -56.71 4.44 -9.96
N SER D 113 -57.86 3.96 -9.50
CA SER D 113 -58.78 3.18 -10.34
C SER D 113 -59.16 3.99 -11.59
N VAL D 114 -59.25 3.31 -12.72
CA VAL D 114 -59.49 4.00 -13.98
C VAL D 114 -60.98 4.23 -14.23
N THR D 115 -61.27 5.02 -15.24
CA THR D 115 -62.63 5.28 -15.66
C THR D 115 -62.87 4.68 -17.04
N LEU D 116 -64.01 3.99 -17.20
CA LEU D 116 -64.32 3.28 -18.45
C LEU D 116 -65.04 4.17 -19.46
N ASN D 117 -65.18 3.67 -20.70
CA ASN D 117 -65.86 4.40 -21.77
C ASN D 117 -65.92 3.52 -23.04
N GLN D 118 -65.68 4.07 -24.23
CA GLN D 118 -65.63 3.27 -25.46
C GLN D 118 -64.33 2.47 -25.58
N ARG D 119 -63.20 3.16 -25.41
CA ARG D 119 -61.88 2.54 -25.61
C ARG D 119 -61.11 2.41 -24.29
N VAL D 120 -61.85 2.07 -23.23
CA VAL D 120 -61.30 1.53 -21.99
C VAL D 120 -62.39 0.61 -21.44
N ALA D 121 -62.08 -0.67 -21.23
CA ALA D 121 -63.08 -1.62 -20.73
C ALA D 121 -62.41 -2.81 -20.02
N LEU D 122 -63.08 -3.36 -19.02
CA LEU D 122 -62.56 -4.53 -18.32
C LEU D 122 -62.65 -5.73 -19.24
N ILE D 123 -62.04 -6.84 -18.85
CA ILE D 123 -62.26 -8.11 -19.53
C ILE D 123 -62.58 -9.23 -18.54
N CYS D 124 -63.49 -10.12 -18.93
CA CYS D 124 -63.92 -11.20 -18.05
C CYS D 124 -62.79 -12.21 -17.84
N LEU D 125 -62.39 -12.40 -16.58
CA LEU D 125 -61.57 -13.56 -16.22
C LEU D 125 -62.45 -14.81 -16.32
N PRO D 126 -61.86 -15.97 -16.65
CA PRO D 126 -62.64 -17.18 -16.85
C PRO D 126 -62.88 -17.89 -15.55
N PRO D 127 -63.62 -19.03 -15.58
CA PRO D 127 -63.68 -19.92 -14.43
C PRO D 127 -62.31 -20.44 -14.05
N GLU D 128 -62.19 -21.03 -12.87
CA GLU D 128 -60.93 -21.68 -12.51
C GLU D 128 -60.80 -22.97 -13.33
N TRP D 129 -59.66 -23.11 -14.00
CA TRP D 129 -59.30 -24.29 -14.80
C TRP D 129 -60.21 -24.57 -16.01
N TYR D 130 -60.97 -23.58 -16.47
CA TYR D 130 -61.80 -23.76 -17.67
C TYR D 130 -60.95 -23.76 -18.95
N VAL D 131 -61.06 -24.85 -19.69
CA VAL D 131 -60.27 -25.10 -20.89
C VAL D 131 -60.98 -24.59 -22.15
N VAL D 132 -60.21 -24.05 -23.10
CA VAL D 132 -60.78 -23.42 -24.29
C VAL D 132 -60.86 -24.45 -25.43
N PRO D 133 -62.05 -24.59 -26.03
CA PRO D 133 -62.18 -25.63 -27.07
C PRO D 133 -61.45 -25.19 -28.32
N PRO D 134 -60.68 -26.11 -28.95
CA PRO D 134 -60.16 -25.85 -30.28
C PRO D 134 -61.30 -25.41 -31.19
N GLY D 135 -61.02 -24.58 -32.19
CA GLY D 135 -62.07 -24.06 -33.05
C GLY D 135 -62.65 -22.74 -32.59
N THR D 136 -62.64 -22.51 -31.28
CA THR D 136 -63.08 -21.24 -30.70
C THR D 136 -62.25 -20.10 -31.26
N LYS D 137 -62.85 -18.91 -31.32
CA LYS D 137 -62.16 -17.72 -31.87
C LYS D 137 -61.76 -16.73 -30.80
N CYS D 138 -60.45 -16.44 -30.80
CA CYS D 138 -59.81 -15.48 -29.88
C CYS D 138 -59.10 -14.41 -30.70
N GLU D 139 -58.72 -13.30 -30.06
CA GLU D 139 -58.12 -12.16 -30.74
C GLU D 139 -56.85 -11.71 -30.01
N ILE D 140 -55.93 -11.04 -30.73
CA ILE D 140 -54.69 -10.55 -30.12
C ILE D 140 -54.18 -9.23 -30.70
N ALA D 141 -54.27 -8.18 -29.88
CA ALA D 141 -53.80 -6.85 -30.27
C ALA D 141 -52.28 -6.77 -30.16
N GLY D 142 -51.73 -5.65 -30.63
CA GLY D 142 -50.29 -5.40 -30.59
C GLY D 142 -49.90 -4.13 -31.32
N TRP D 143 -48.63 -3.73 -31.19
CA TRP D 143 -48.15 -2.51 -31.88
C TRP D 143 -47.30 -2.87 -33.10
N THR D 153 -47.24 2.90 -36.10
CA THR D 153 -47.63 3.81 -35.04
C THR D 153 -49.04 3.52 -34.46
N VAL D 154 -49.62 2.36 -34.79
CA VAL D 154 -50.96 2.00 -34.27
C VAL D 154 -51.18 0.53 -33.89
N LEU D 155 -52.25 0.31 -33.14
CA LEU D 155 -52.67 -1.02 -32.70
C LEU D 155 -52.99 -1.91 -33.90
N ASN D 156 -52.81 -3.22 -33.74
CA ASN D 156 -53.19 -4.19 -34.77
C ASN D 156 -53.79 -5.47 -34.17
N VAL D 157 -55.10 -5.48 -33.94
CA VAL D 157 -55.79 -6.73 -33.62
C VAL D 157 -55.57 -7.78 -34.72
N ALA D 158 -55.82 -9.03 -34.36
CA ALA D 158 -55.78 -10.14 -35.30
C ALA D 158 -56.51 -11.35 -34.71
N LEU D 159 -57.38 -11.97 -35.50
CA LEU D 159 -58.27 -13.00 -35.00
C LEU D 159 -57.63 -14.37 -35.17
N LEU D 160 -57.73 -15.19 -34.12
CA LEU D 160 -57.04 -16.46 -34.09
C LEU D 160 -57.94 -17.63 -33.77
N ASN D 161 -57.56 -18.76 -34.34
CA ASN D 161 -58.22 -20.02 -34.11
C ASN D 161 -57.51 -20.70 -32.93
N VAL D 162 -58.29 -21.25 -32.02
CA VAL D 162 -57.75 -22.02 -30.92
C VAL D 162 -57.45 -23.44 -31.40
N ILE D 163 -56.37 -24.01 -30.90
CA ILE D 163 -56.06 -25.44 -31.08
C ILE D 163 -55.56 -26.09 -29.77
N SER D 164 -55.68 -27.41 -29.73
CA SER D 164 -55.41 -28.19 -28.55
C SER D 164 -53.92 -28.21 -28.23
N ASN D 165 -53.61 -28.54 -26.97
CA ASN D 165 -52.23 -28.82 -26.61
C ASN D 165 -51.70 -30.11 -27.27
N GLN D 166 -52.61 -31.02 -27.62
CA GLN D 166 -52.24 -32.16 -28.47
C GLN D 166 -51.69 -31.64 -29.80
N GLU D 167 -52.56 -30.96 -30.57
CA GLU D 167 -52.24 -30.42 -31.89
C GLU D 167 -50.89 -29.69 -31.92
N CYS D 168 -50.71 -28.71 -31.03
CA CYS D 168 -49.53 -27.85 -31.11
C CYS D 168 -48.23 -28.51 -30.62
N ASN D 169 -48.32 -29.45 -29.68
CA ASN D 169 -47.13 -30.19 -29.23
C ASN D 169 -46.43 -30.99 -30.32
N ILE D 170 -47.14 -31.30 -31.40
CA ILE D 170 -46.52 -31.91 -32.58
C ILE D 170 -45.47 -30.95 -33.13
N LYS D 171 -45.92 -29.78 -33.56
CA LYS D 171 -45.04 -28.80 -34.19
C LYS D 171 -44.10 -28.13 -33.19
N HIS D 172 -44.54 -28.02 -31.94
CA HIS D 172 -43.69 -27.46 -30.88
C HIS D 172 -42.75 -28.51 -30.27
N ARG D 173 -42.78 -29.74 -30.81
CA ARG D 173 -41.84 -30.79 -30.43
C ARG D 173 -42.01 -31.15 -28.95
N GLY D 174 -43.24 -31.51 -28.58
CA GLY D 174 -43.62 -31.83 -27.21
C GLY D 174 -42.96 -30.91 -26.21
N ARG D 175 -43.38 -29.66 -26.17
CA ARG D 175 -42.83 -28.68 -25.23
C ARG D 175 -43.84 -27.65 -24.73
N VAL D 176 -45.12 -28.03 -24.71
CA VAL D 176 -46.18 -27.13 -24.29
C VAL D 176 -46.80 -27.66 -22.99
N ARG D 177 -46.42 -27.05 -21.87
CA ARG D 177 -46.80 -27.55 -20.55
C ARG D 177 -48.30 -27.42 -20.32
N GLU D 178 -48.79 -28.07 -19.26
CA GLU D 178 -50.21 -28.21 -19.03
C GLU D 178 -50.88 -26.88 -18.73
N SER D 179 -50.08 -25.91 -18.31
CA SER D 179 -50.54 -24.57 -17.98
C SER D 179 -50.41 -23.59 -19.16
N GLU D 180 -50.62 -24.08 -20.38
CA GLU D 180 -50.49 -23.28 -21.60
C GLU D 180 -51.53 -23.64 -22.66
N MET D 181 -51.55 -22.83 -23.70
CA MET D 181 -52.42 -23.09 -24.86
C MET D 181 -51.71 -22.57 -26.08
N CYS D 182 -52.17 -23.02 -27.24
CA CYS D 182 -51.62 -22.53 -28.47
C CYS D 182 -52.76 -22.15 -29.42
N THR D 183 -52.51 -21.15 -30.25
CA THR D 183 -53.38 -20.86 -31.37
C THR D 183 -52.70 -21.37 -32.62
N GLU D 184 -53.52 -21.65 -33.63
CA GLU D 184 -53.02 -22.14 -34.91
C GLU D 184 -52.35 -20.98 -35.60
N GLY D 185 -51.37 -21.30 -36.42
CA GLY D 185 -50.58 -20.28 -37.11
C GLY D 185 -51.34 -19.52 -38.19
N LEU D 186 -51.30 -18.19 -38.09
CA LEU D 186 -51.63 -17.32 -39.20
C LEU D 186 -50.70 -17.69 -40.37
N LEU D 187 -51.25 -17.71 -41.58
CA LEU D 187 -50.44 -17.96 -42.78
C LEU D 187 -49.60 -16.75 -43.10
N ALA D 188 -50.07 -15.57 -42.69
CA ALA D 188 -49.33 -14.34 -42.83
C ALA D 188 -48.15 -14.34 -41.86
N PRO D 189 -47.03 -13.73 -42.25
CA PRO D 189 -45.92 -13.57 -41.31
C PRO D 189 -46.24 -12.41 -40.35
N VAL D 190 -47.04 -12.71 -39.33
CA VAL D 190 -47.42 -11.73 -38.31
C VAL D 190 -47.92 -12.48 -37.09
N GLY D 191 -47.47 -12.06 -35.92
CA GLY D 191 -47.83 -12.72 -34.67
C GLY D 191 -47.24 -11.99 -33.47
N ALA D 192 -47.78 -12.26 -32.29
CA ALA D 192 -47.40 -11.53 -31.10
C ALA D 192 -45.96 -11.84 -30.70
N CYS D 193 -45.05 -10.93 -31.02
CA CYS D 193 -43.63 -11.11 -30.70
C CYS D 193 -43.12 -10.01 -29.76
N GLU D 194 -41.88 -9.58 -29.97
CA GLU D 194 -41.21 -8.67 -29.04
C GLU D 194 -42.04 -7.41 -28.82
N GLY D 195 -41.95 -6.85 -27.62
CA GLY D 195 -42.69 -5.63 -27.25
C GLY D 195 -44.22 -5.74 -27.23
N ASP D 196 -44.75 -6.91 -27.55
CA ASP D 196 -46.19 -7.17 -27.55
C ASP D 196 -46.58 -8.14 -26.42
N TYR D 197 -45.60 -8.62 -25.66
CA TYR D 197 -45.83 -9.58 -24.56
C TYR D 197 -46.64 -8.91 -23.47
N GLY D 198 -47.40 -9.71 -22.73
CA GLY D 198 -48.29 -9.19 -21.68
C GLY D 198 -49.65 -8.70 -22.18
N GLY D 199 -49.75 -8.38 -23.47
CA GLY D 199 -51.03 -8.09 -24.12
C GLY D 199 -51.94 -9.30 -24.08
N PRO D 200 -53.27 -9.09 -24.11
CA PRO D 200 -54.20 -10.15 -23.78
C PRO D 200 -54.53 -10.97 -24.98
N LEU D 201 -55.16 -12.11 -24.73
CA LEU D 201 -55.63 -13.03 -25.76
C LEU D 201 -57.08 -13.32 -25.48
N ALA D 202 -57.94 -12.34 -25.80
CA ALA D 202 -59.37 -12.40 -25.49
C ALA D 202 -60.07 -13.46 -26.32
N CYS D 203 -60.96 -14.23 -25.70
CA CYS D 203 -61.77 -15.23 -26.42
C CYS D 203 -63.24 -14.96 -26.22
N PHE D 204 -64.00 -14.97 -27.32
CA PHE D 204 -65.44 -14.73 -27.28
C PHE D 204 -66.20 -16.01 -26.88
N THR D 205 -66.93 -15.97 -25.76
CA THR D 205 -67.88 -17.06 -25.38
C THR D 205 -69.16 -16.60 -24.70
N HIS D 206 -70.25 -17.28 -25.04
CA HIS D 206 -71.58 -17.00 -24.52
C HIS D 206 -71.85 -15.47 -24.52
N ASN D 207 -71.64 -14.87 -25.69
CA ASN D 207 -71.77 -13.41 -25.95
C ASN D 207 -70.89 -12.51 -25.08
N SER D 208 -69.64 -12.91 -24.82
CA SER D 208 -68.70 -12.11 -23.97
C SER D 208 -67.25 -12.47 -24.22
N TRP D 209 -66.40 -11.44 -24.30
CA TRP D 209 -64.95 -11.60 -24.46
C TRP D 209 -64.30 -11.92 -23.11
N VAL D 210 -63.43 -12.92 -23.09
CA VAL D 210 -62.97 -13.54 -21.83
C VAL D 210 -61.47 -13.82 -21.89
N LEU D 211 -60.72 -13.18 -21.01
CA LEU D 211 -59.26 -13.25 -21.06
C LEU D 211 -58.75 -14.65 -20.77
N GLU D 212 -58.38 -15.40 -21.82
CA GLU D 212 -57.97 -16.80 -21.65
C GLU D 212 -56.48 -17.04 -21.65
N GLY D 213 -55.70 -16.07 -22.11
CA GLY D 213 -54.26 -16.24 -22.22
C GLY D 213 -53.50 -14.96 -22.03
N ILE D 214 -52.17 -15.05 -22.05
CA ILE D 214 -51.33 -13.85 -22.06
C ILE D 214 -50.13 -14.05 -22.99
N ILE D 215 -49.95 -13.10 -23.90
CA ILE D 215 -48.86 -13.17 -24.85
C ILE D 215 -47.55 -13.33 -24.07
N ILE D 216 -46.87 -14.44 -24.31
CA ILE D 216 -45.58 -14.67 -23.69
C ILE D 216 -44.60 -14.96 -24.81
N PRO D 217 -43.28 -14.88 -24.54
CA PRO D 217 -42.28 -15.28 -25.51
C PRO D 217 -42.58 -16.63 -26.14
N ASN D 218 -42.29 -16.78 -27.41
CA ASN D 218 -42.29 -18.08 -28.04
C ASN D 218 -40.90 -18.41 -28.57
N ARG D 219 -40.68 -19.68 -28.91
CA ARG D 219 -39.40 -20.12 -29.44
C ARG D 219 -39.09 -19.38 -30.76
N VAL D 220 -40.04 -19.47 -31.67
CA VAL D 220 -40.02 -18.76 -32.94
C VAL D 220 -41.37 -18.05 -33.03
N CYS D 221 -41.36 -16.80 -33.49
CA CYS D 221 -42.56 -15.97 -33.44
C CYS D 221 -42.87 -15.27 -34.75
N ALA D 222 -44.15 -15.07 -35.02
CA ALA D 222 -44.61 -14.53 -36.29
C ALA D 222 -43.93 -15.31 -37.42
N ARG D 223 -44.27 -16.58 -37.49
CA ARG D 223 -43.76 -17.48 -38.50
C ARG D 223 -44.93 -18.26 -39.14
N SER D 224 -45.20 -17.93 -40.41
CA SER D 224 -46.20 -18.61 -41.25
C SER D 224 -46.42 -20.08 -40.89
N ARG D 225 -47.68 -20.42 -40.61
CA ARG D 225 -48.08 -21.81 -40.38
C ARG D 225 -47.42 -22.46 -39.14
N TRP D 226 -46.93 -21.64 -38.21
CA TRP D 226 -46.38 -22.17 -36.96
C TRP D 226 -47.27 -21.71 -35.82
N PRO D 227 -47.64 -22.62 -34.90
CA PRO D 227 -48.49 -22.28 -33.76
C PRO D 227 -47.98 -21.11 -32.92
N ALA D 228 -48.68 -20.81 -31.83
CA ALA D 228 -48.23 -19.79 -30.90
C ALA D 228 -48.74 -20.13 -29.51
N VAL D 229 -47.83 -20.14 -28.53
CA VAL D 229 -48.15 -20.54 -27.16
C VAL D 229 -48.44 -19.35 -26.25
N PHE D 230 -49.47 -19.48 -25.41
CA PHE D 230 -49.78 -18.49 -24.37
C PHE D 230 -49.97 -19.17 -23.03
N THR D 231 -49.71 -18.43 -21.95
CA THR D 231 -49.91 -18.95 -20.59
C THR D 231 -51.40 -18.93 -20.29
N ARG D 232 -51.87 -20.03 -19.73
CA ARG D 232 -53.32 -20.24 -19.52
C ARG D 232 -53.80 -19.52 -18.24
N VAL D 233 -54.71 -18.53 -18.36
CA VAL D 233 -55.12 -17.73 -17.20
C VAL D 233 -56.05 -18.50 -16.25
N SER D 234 -57.05 -19.19 -16.79
CA SER D 234 -57.95 -19.98 -15.94
C SER D 234 -57.16 -20.88 -14.94
N VAL D 235 -56.01 -21.36 -15.39
CA VAL D 235 -55.10 -22.14 -14.55
C VAL D 235 -54.60 -21.45 -13.26
N PHE D 236 -54.61 -20.11 -13.19
CA PHE D 236 -54.07 -19.36 -12.03
C PHE D 236 -55.00 -18.32 -11.45
N VAL D 237 -56.30 -18.36 -11.80
CA VAL D 237 -57.21 -17.29 -11.38
C VAL D 237 -57.42 -17.31 -9.88
N ASP D 238 -57.45 -18.48 -9.26
CA ASP D 238 -57.68 -18.48 -7.84
C ASP D 238 -56.63 -17.63 -7.15
N TRP D 239 -55.40 -17.67 -7.68
CA TRP D 239 -54.37 -16.75 -7.24
C TRP D 239 -54.83 -15.31 -7.49
N ILE D 240 -55.23 -15.03 -8.73
CA ILE D 240 -55.57 -13.66 -9.18
C ILE D 240 -56.59 -13.00 -8.29
N HIS D 241 -57.66 -13.71 -7.99
CA HIS D 241 -58.69 -13.12 -7.16
C HIS D 241 -58.07 -12.82 -5.80
N LYS D 242 -57.45 -13.84 -5.19
CA LYS D 242 -56.80 -13.68 -3.89
C LYS D 242 -55.91 -12.47 -3.81
N VAL D 243 -55.21 -12.16 -4.89
CA VAL D 243 -54.35 -10.98 -4.95
C VAL D 243 -55.10 -9.64 -4.78
N MET D 244 -56.33 -9.57 -5.29
CA MET D 244 -57.11 -8.34 -5.30
C MET D 244 -58.08 -8.36 -4.11
N ARG D 245 -58.94 -9.37 -4.10
CA ARG D 245 -59.83 -9.65 -2.96
C ARG D 245 -59.09 -9.53 -1.62
N LEU D 246 -57.91 -10.16 -1.55
CA LEU D 246 -57.05 -10.17 -0.36
C LEU D 246 -55.61 -9.76 -0.73
C1 NAG E . -0.65 -43.23 -11.11
C2 NAG E . -0.36 -42.91 -9.65
C3 NAG E . 0.81 -43.76 -9.15
C4 NAG E . 2.05 -43.84 -10.04
C5 NAG E . 1.76 -43.92 -11.54
C6 NAG E . 2.07 -45.30 -12.10
C7 NAG E . -1.09 -40.80 -8.62
C8 NAG E . -0.90 -39.30 -8.52
N2 NAG E . -0.27 -41.47 -9.47
O3 NAG E . 0.28 -45.06 -9.11
O4 NAG E . 2.98 -42.79 -9.77
O5 NAG E . 0.44 -43.59 -11.96
O6 NAG E . 3.45 -45.54 -12.32
O7 NAG E . -1.97 -41.35 -7.94
C1 NAG E . 4.16 -43.24 -9.07
C2 NAG E . 5.43 -43.21 -9.93
C3 NAG E . 6.54 -43.94 -9.17
C4 NAG E . 6.77 -43.21 -7.85
C5 NAG E . 5.43 -42.99 -7.09
C6 NAG E . 5.58 -42.09 -5.86
C7 NAG E . 6.01 -43.30 -12.30
C8 NAG E . 5.68 -43.85 -13.65
N2 NAG E . 5.24 -43.68 -11.29
O3 NAG E . 7.72 -43.95 -9.95
O4 NAG E . 7.77 -43.82 -7.03
O5 NAG E . 4.46 -42.43 -7.96
O6 NAG E . 4.40 -41.36 -5.54
O7 NAG E . 6.98 -42.53 -12.19
C1 BMA E . 8.74 -42.86 -6.51
C2 BMA E . 9.05 -43.04 -5.03
C3 BMA E . 9.77 -41.79 -4.50
C4 BMA E . 10.84 -41.24 -5.47
C5 BMA E . 10.70 -41.61 -6.96
C6 BMA E . 12.03 -41.64 -7.70
O2 BMA E . 9.90 -44.19 -4.81
O3 BMA E . 10.35 -42.07 -3.22
O4 BMA E . 10.78 -39.81 -5.38
O5 BMA E . 10.00 -42.86 -7.17
O6 BMA E . 11.98 -40.83 -8.89
C1 NAG F . -3.05 35.41 10.03
C2 NAG F . -2.84 36.29 8.80
C3 NAG F . -3.20 37.78 9.03
C4 NAG F . -4.57 37.95 9.67
C5 NAG F . -4.86 36.87 10.70
C6 NAG F . -6.36 36.86 11.07
C7 NAG F . -1.23 35.00 7.46
C8 NAG F . 0.17 34.74 6.99
N2 NAG F . -1.49 36.02 8.29
O3 NAG F . -3.24 38.46 7.79
O4 NAG F . -4.82 39.26 10.25
O5 NAG F . -4.46 35.58 10.22
O6 NAG F . -7.19 37.45 10.08
O7 NAG F . -2.10 34.24 7.09
C1 NAG F . -5.75 40.01 9.39
C2 NAG F . -6.48 41.31 9.92
C3 NAG F . -7.39 41.83 8.79
C4 NAG F . -6.47 42.21 7.61
C5 NAG F . -5.93 40.85 7.16
C6 NAG F . -5.16 40.85 5.85
C7 NAG F . -7.05 40.56 12.21
C8 NAG F . -8.03 40.73 13.36
N2 NAG F . -7.30 41.28 11.13
O3 NAG F . -8.27 42.90 9.15
O4 NAG F . -7.11 42.98 6.60
O5 NAG F . -5.07 40.41 8.19
O6 NAG F . -4.36 39.69 5.88
O7 NAG F . -6.10 39.78 12.31
#